data_3P3W
#
_entry.id   3P3W
#
_cell.length_a   110.960
_cell.length_b   127.920
_cell.length_c   130.050
_cell.angle_alpha   90.000
_cell.angle_beta   90.000
_cell.angle_gamma   90.000
#
_symmetry.space_group_name_H-M   'P 21 21 21'
#
_entity_poly.entity_id   1
_entity_poly.type   'polypeptide(L)'
_entity_poly.pdbx_seq_one_letter_code
;GFPNTISIGGLFMRNTVQEHSAFRFAVQLYNTNQNTTEKPFHLNYHVDHLDSSNSFSVTNAFCSQFSRGVYAIFGFYDQM
SMNTLTSFCGALHTSFVTPSFPTDADVQFVIQMRPALKGAILSLLSYYKWEKFVYLYDTERGFSVLQAIMEAAVQNNWQV
TARSVGNIKDVQEFRRIIEEMDRRQEKRYLIDCEVERINTILEQVVILGKHSRGYHYMLANLGFTDILLERVMHGGANIT
GFQIVNNENPMVQQFIQRWVRLDEREFPEAKNAPLKYTSALTHDAILVIAEAFRYLRRQRVDVSRRGSAGDCLANPAVPW
SQGIDIERALKMVQVQGMTGNIQFDTYGRRTNYTIDVYEMKVSGSRKAGYWNEYERFVPFSGTHHHHHH
;
_entity_poly.pdbx_strand_id   A,B,C,D
#
# COMPACT_ATOMS: atom_id res chain seq x y z
N PRO A 3 10.22 -20.99 -52.74
CA PRO A 3 10.66 -21.99 -51.76
C PRO A 3 9.75 -23.22 -51.70
N ASN A 4 10.34 -24.37 -51.40
CA ASN A 4 9.62 -25.63 -51.32
C ASN A 4 8.73 -25.76 -50.08
N THR A 5 9.09 -25.05 -49.01
CA THR A 5 8.37 -25.16 -47.74
C THR A 5 8.01 -23.79 -47.15
N ILE A 6 6.74 -23.43 -47.23
CA ILE A 6 6.23 -22.22 -46.60
C ILE A 6 5.89 -22.51 -45.14
N SER A 7 6.49 -21.74 -44.23
CA SER A 7 6.25 -21.89 -42.80
C SER A 7 5.46 -20.71 -42.25
N ILE A 8 4.35 -21.01 -41.59
CA ILE A 8 3.46 -19.98 -41.03
C ILE A 8 3.49 -19.94 -39.50
N GLY A 9 3.25 -18.76 -38.94
CA GLY A 9 3.27 -18.56 -37.50
C GLY A 9 1.90 -18.81 -36.86
N GLY A 10 1.93 -19.42 -35.67
CA GLY A 10 0.71 -19.74 -34.93
C GLY A 10 0.69 -19.11 -33.56
N LEU A 11 -0.42 -18.45 -33.24
CA LEU A 11 -0.61 -17.84 -31.93
C LEU A 11 -1.96 -18.24 -31.34
N PHE A 12 -1.92 -19.04 -30.28
CA PHE A 12 -3.13 -19.58 -29.65
C PHE A 12 -3.17 -19.28 -28.16
N MET A 13 -4.22 -18.59 -27.74
CA MET A 13 -4.42 -18.22 -26.34
C MET A 13 -5.08 -19.36 -25.57
N ARG A 14 -5.58 -19.06 -24.39
CA ARG A 14 -6.34 -20.04 -23.59
C ARG A 14 -7.74 -20.23 -24.16
N ASN A 15 -8.34 -21.38 -23.85
CA ASN A 15 -9.70 -21.73 -24.28
C ASN A 15 -9.85 -21.88 -25.81
N THR A 16 -8.72 -22.03 -26.50
CA THR A 16 -8.71 -22.26 -27.94
C THR A 16 -8.14 -23.65 -28.23
N VAL A 17 -8.50 -24.62 -27.39
CA VAL A 17 -7.96 -25.97 -27.45
C VAL A 17 -8.42 -26.70 -28.71
N GLN A 18 -9.72 -26.65 -28.99
CA GLN A 18 -10.30 -27.29 -30.17
C GLN A 18 -9.85 -26.60 -31.46
N GLU A 19 -9.67 -25.28 -31.38
CA GLU A 19 -9.20 -24.49 -32.51
C GLU A 19 -7.79 -24.91 -32.92
N HIS A 20 -6.99 -25.30 -31.94
CA HIS A 20 -5.64 -25.83 -32.17
C HIS A 20 -5.67 -27.18 -32.87
N SER A 21 -6.66 -28.00 -32.51
CA SER A 21 -6.86 -29.30 -33.16
C SER A 21 -7.34 -29.10 -34.60
N ALA A 22 -8.20 -28.10 -34.78
CA ALA A 22 -8.69 -27.72 -36.11
C ALA A 22 -7.56 -27.13 -36.94
N PHE A 23 -6.57 -26.55 -36.26
CA PHE A 23 -5.39 -25.98 -36.91
C PHE A 23 -4.43 -27.07 -37.39
N ARG A 24 -4.14 -28.04 -36.52
CA ARG A 24 -3.20 -29.12 -36.84
C ARG A 24 -3.72 -30.03 -37.96
N PHE A 25 -5.02 -30.31 -37.94
CA PHE A 25 -5.66 -31.14 -38.96
C PHE A 25 -5.70 -30.47 -40.32
N ALA A 26 -5.92 -29.14 -40.33
CA ALA A 26 -5.98 -28.35 -41.56
C ALA A 26 -4.64 -28.31 -42.30
N VAL A 27 -3.56 -28.58 -41.58
CA VAL A 27 -2.23 -28.67 -42.19
C VAL A 27 -2.04 -30.06 -42.79
N GLN A 28 -2.51 -31.08 -42.10
CA GLN A 28 -2.34 -32.47 -42.51
C GLN A 28 -3.06 -32.83 -43.81
N LEU A 29 -4.26 -32.30 -44.01
CA LEU A 29 -5.06 -32.66 -45.19
C LEU A 29 -4.52 -32.05 -46.48
N TYR A 30 -3.76 -30.96 -46.36
CA TYR A 30 -3.07 -30.36 -47.51
C TYR A 30 -1.72 -31.05 -47.77
N ASN A 31 -1.00 -31.33 -46.69
CA ASN A 31 0.31 -32.00 -46.78
C ASN A 31 0.20 -33.43 -47.33
N THR A 32 -0.92 -34.07 -47.06
CA THR A 32 -1.15 -35.43 -47.54
C THR A 32 -1.65 -35.44 -48.98
N ASN A 33 -0.78 -35.06 -49.91
CA ASN A 33 -1.09 -35.09 -51.33
C ASN A 33 0.12 -35.55 -52.13
N GLN A 34 -0.11 -36.17 -53.28
CA GLN A 34 -1.45 -36.40 -53.81
C GLN A 34 -1.84 -35.38 -54.86
N ASN A 35 -1.12 -34.26 -54.93
CA ASN A 35 -1.38 -33.28 -55.97
C ASN A 35 -0.23 -32.94 -56.91
N THR A 36 -0.40 -33.28 -58.19
CA THR A 36 0.44 -32.74 -59.25
C THR A 36 0.28 -31.14 -59.51
N THR A 37 -0.94 -30.85 -59.08
CA THR A 37 -1.53 -29.51 -59.14
C THR A 37 -2.07 -28.77 -57.92
N GLU A 38 -2.60 -29.52 -56.96
CA GLU A 38 -3.18 -28.94 -55.74
C GLU A 38 -2.12 -28.61 -54.69
N LYS A 39 -1.04 -29.39 -54.65
CA LYS A 39 0.10 -29.06 -53.80
C LYS A 39 1.40 -28.96 -54.60
N PRO A 40 1.96 -27.74 -54.69
CA PRO A 40 3.29 -27.57 -55.25
C PRO A 40 4.35 -27.32 -54.15
N PHE A 41 3.89 -27.08 -52.93
CA PHE A 41 4.76 -26.79 -51.80
C PHE A 41 4.24 -27.42 -50.50
N HIS A 42 5.14 -27.59 -49.53
CA HIS A 42 4.81 -28.17 -48.24
C HIS A 42 4.58 -27.08 -47.19
N LEU A 43 3.73 -27.38 -46.21
CA LEU A 43 3.33 -26.38 -45.21
C LEU A 43 3.70 -26.80 -43.78
N ASN A 44 4.51 -25.96 -43.13
CA ASN A 44 4.93 -26.19 -41.75
C ASN A 44 4.48 -25.05 -40.84
N TYR A 45 4.59 -25.26 -39.53
CA TYR A 45 4.21 -24.25 -38.55
C TYR A 45 4.94 -24.37 -37.20
N HIS A 46 5.17 -23.23 -36.56
CA HIS A 46 5.65 -23.18 -35.18
C HIS A 46 4.65 -22.34 -34.39
N VAL A 47 4.12 -22.92 -33.31
CA VAL A 47 3.05 -22.29 -32.55
C VAL A 47 3.43 -22.06 -31.08
N ASP A 48 3.10 -20.88 -30.57
CA ASP A 48 3.35 -20.53 -29.17
C ASP A 48 2.04 -20.20 -28.45
N HIS A 49 1.75 -20.96 -27.39
CA HIS A 49 0.60 -20.69 -26.54
C HIS A 49 0.91 -19.53 -25.60
N LEU A 50 -0.07 -18.65 -25.38
CA LEU A 50 0.17 -17.42 -24.63
C LEU A 50 -0.99 -16.96 -23.73
N ASP A 51 -0.68 -16.04 -22.83
CA ASP A 51 -1.68 -15.33 -22.03
C ASP A 51 -1.88 -13.93 -22.62
N SER A 52 -3.15 -13.58 -22.86
CA SER A 52 -3.48 -12.37 -23.61
C SER A 52 -3.38 -11.07 -22.81
N SER A 53 -3.85 -11.09 -21.57
CA SER A 53 -3.92 -9.89 -20.72
C SER A 53 -2.60 -9.14 -20.64
N ASN A 54 -1.51 -9.87 -20.39
CA ASN A 54 -0.18 -9.30 -20.37
C ASN A 54 0.29 -9.03 -21.80
N SER A 55 0.29 -7.75 -22.18
CA SER A 55 0.64 -7.32 -23.54
C SER A 55 2.09 -7.61 -23.92
N PHE A 56 2.96 -7.65 -22.91
CA PHE A 56 4.36 -8.00 -23.09
C PHE A 56 4.47 -9.41 -23.70
N SER A 57 3.72 -10.34 -23.12
CA SER A 57 3.71 -11.73 -23.58
C SER A 57 3.22 -11.85 -25.01
N VAL A 58 2.36 -10.92 -25.42
CA VAL A 58 1.79 -10.91 -26.77
C VAL A 58 2.84 -10.47 -27.80
N THR A 59 3.61 -9.43 -27.45
CA THR A 59 4.62 -8.86 -28.35
C THR A 59 5.82 -9.78 -28.57
N ASN A 60 6.32 -10.38 -27.49
CA ASN A 60 7.46 -11.29 -27.55
C ASN A 60 7.19 -12.56 -28.35
N ALA A 61 5.95 -13.04 -28.31
CA ALA A 61 5.52 -14.17 -29.11
C ALA A 61 5.54 -13.80 -30.60
N PHE A 62 4.99 -12.62 -30.91
CA PHE A 62 4.97 -12.09 -32.27
C PHE A 62 6.39 -11.91 -32.84
N CYS A 63 7.29 -11.40 -32.01
CA CYS A 63 8.68 -11.17 -32.41
C CYS A 63 9.45 -12.45 -32.62
N SER A 64 9.24 -13.43 -31.74
CA SER A 64 9.85 -14.75 -31.87
C SER A 64 9.39 -15.45 -33.14
N GLN A 65 8.14 -15.20 -33.53
CA GLN A 65 7.59 -15.72 -34.78
C GLN A 65 8.21 -15.01 -35.98
N PHE A 66 8.33 -13.68 -35.89
CA PHE A 66 8.90 -12.88 -36.96
C PHE A 66 10.40 -13.16 -37.08
N SER A 67 11.05 -13.43 -35.95
CA SER A 67 12.47 -13.78 -35.93
C SER A 67 12.75 -15.07 -36.69
N ARG A 68 11.79 -16.00 -36.65
CA ARG A 68 11.86 -17.23 -37.42
C ARG A 68 11.68 -17.05 -38.92
N GLY A 69 11.04 -15.95 -39.31
CA GLY A 69 10.87 -15.60 -40.71
C GLY A 69 9.66 -16.25 -41.36
N VAL A 70 8.53 -16.25 -40.65
CA VAL A 70 7.29 -16.81 -41.17
C VAL A 70 6.67 -15.92 -42.24
N TYR A 71 5.99 -16.54 -43.20
CA TYR A 71 5.39 -15.81 -44.32
C TYR A 71 3.98 -15.31 -44.04
N ALA A 72 3.33 -15.91 -43.03
CA ALA A 72 2.00 -15.50 -42.59
C ALA A 72 1.81 -15.87 -41.11
N ILE A 73 0.98 -15.11 -40.42
CA ILE A 73 0.69 -15.39 -39.01
C ILE A 73 -0.80 -15.58 -38.78
N PHE A 74 -1.16 -16.75 -38.25
CA PHE A 74 -2.53 -17.03 -37.83
C PHE A 74 -2.61 -16.94 -36.31
N GLY A 75 -3.54 -16.14 -35.81
CA GLY A 75 -3.66 -15.93 -34.37
C GLY A 75 -5.03 -15.53 -33.84
N PHE A 76 -5.04 -15.15 -32.57
CA PHE A 76 -6.24 -14.70 -31.87
C PHE A 76 -5.94 -13.46 -31.04
N TYR A 77 -6.96 -12.64 -30.81
CA TYR A 77 -6.84 -11.48 -29.91
C TYR A 77 -8.13 -11.15 -29.15
N ASP A 78 -7.98 -10.59 -27.96
CA ASP A 78 -9.11 -10.06 -27.19
C ASP A 78 -9.21 -8.55 -27.42
N GLN A 79 -9.95 -7.86 -26.55
CA GLN A 79 -10.06 -6.40 -26.63
C GLN A 79 -8.73 -5.71 -26.31
N MET A 80 -7.95 -6.33 -25.42
CA MET A 80 -6.67 -5.77 -24.97
C MET A 80 -5.57 -5.95 -26.02
N SER A 81 -5.40 -7.18 -26.49
CA SER A 81 -4.32 -7.52 -27.43
C SER A 81 -4.58 -7.08 -28.88
N MET A 82 -5.83 -6.75 -29.19
CA MET A 82 -6.24 -6.35 -30.54
C MET A 82 -5.41 -5.22 -31.16
N ASN A 83 -5.35 -4.09 -30.46
CA ASN A 83 -4.71 -2.88 -30.97
C ASN A 83 -3.19 -3.01 -31.14
N THR A 84 -2.59 -3.93 -30.38
CA THR A 84 -1.16 -4.17 -30.44
C THR A 84 -0.76 -4.98 -31.68
N LEU A 85 -1.40 -6.14 -31.86
CA LEU A 85 -1.08 -7.04 -32.97
C LEU A 85 -1.38 -6.45 -34.35
N THR A 86 -2.43 -5.64 -34.44
CA THR A 86 -2.81 -4.98 -35.70
C THR A 86 -1.80 -3.91 -36.10
N SER A 87 -1.20 -3.26 -35.10
CA SER A 87 -0.24 -2.19 -35.31
C SER A 87 1.15 -2.73 -35.70
N PHE A 88 1.54 -3.84 -35.09
CA PHE A 88 2.82 -4.50 -35.39
C PHE A 88 2.86 -5.05 -36.81
N CYS A 89 1.72 -5.56 -37.27
CA CYS A 89 1.59 -6.09 -38.63
C CYS A 89 1.50 -4.99 -39.67
N GLY A 90 0.99 -3.83 -39.25
CA GLY A 90 0.86 -2.67 -40.13
C GLY A 90 2.18 -2.04 -40.53
N ALA A 91 3.21 -2.24 -39.70
CA ALA A 91 4.53 -1.66 -39.94
C ALA A 91 5.54 -2.70 -40.45
N LEU A 92 5.53 -3.88 -39.84
CA LEU A 92 6.41 -4.98 -40.25
C LEU A 92 5.91 -5.68 -41.52
N HIS A 93 4.73 -5.28 -41.99
CA HIS A 93 4.13 -5.79 -43.24
C HIS A 93 3.99 -7.32 -43.25
N THR A 94 3.31 -7.84 -42.23
CA THR A 94 3.04 -9.28 -42.15
C THR A 94 1.54 -9.50 -41.99
N SER A 95 0.95 -10.24 -42.92
CA SER A 95 -0.49 -10.50 -42.90
C SER A 95 -0.89 -11.32 -41.68
N PHE A 96 -1.90 -10.82 -40.96
CA PHE A 96 -2.40 -11.48 -39.75
C PHE A 96 -3.79 -12.09 -39.99
N VAL A 97 -3.83 -13.41 -40.03
CA VAL A 97 -5.08 -14.15 -40.23
C VAL A 97 -5.69 -14.48 -38.87
N THR A 98 -6.98 -14.21 -38.72
CA THR A 98 -7.67 -14.41 -37.43
C THR A 98 -9.18 -14.64 -37.57
N PRO A 99 -9.73 -15.52 -36.73
CA PRO A 99 -11.18 -15.70 -36.65
C PRO A 99 -11.83 -14.89 -35.53
N SER A 100 -11.04 -14.03 -34.88
CA SER A 100 -11.56 -13.16 -33.82
C SER A 100 -12.42 -12.03 -34.38
N PHE A 101 -13.07 -11.28 -33.47
CA PHE A 101 -14.00 -10.22 -33.84
C PHE A 101 -13.37 -9.17 -34.78
N PRO A 102 -14.12 -8.77 -35.83
CA PRO A 102 -13.63 -7.77 -36.79
C PRO A 102 -13.43 -6.39 -36.16
N THR A 103 -12.30 -5.76 -36.49
CA THR A 103 -11.93 -4.47 -35.93
C THR A 103 -12.79 -3.33 -36.50
N ASP A 104 -13.11 -2.36 -35.64
CA ASP A 104 -13.88 -1.17 -36.04
C ASP A 104 -13.10 -0.29 -37.02
N ALA A 105 -11.79 -0.19 -36.80
CA ALA A 105 -10.92 0.64 -37.61
C ALA A 105 -10.54 -0.03 -38.93
N ASP A 106 -10.15 0.78 -39.90
CA ASP A 106 -9.62 0.30 -41.18
C ASP A 106 -8.13 -0.01 -41.05
N VAL A 107 -7.83 -1.09 -40.34
CA VAL A 107 -6.45 -1.54 -40.14
C VAL A 107 -5.94 -2.31 -41.36
N GLN A 108 -4.64 -2.22 -41.60
CA GLN A 108 -4.02 -2.92 -42.73
C GLN A 108 -3.21 -4.14 -42.30
N PHE A 109 -2.98 -5.05 -43.24
CA PHE A 109 -2.30 -6.34 -43.01
C PHE A 109 -3.02 -7.23 -41.99
N VAL A 110 -4.33 -7.06 -41.89
CA VAL A 110 -5.17 -7.87 -41.03
C VAL A 110 -6.29 -8.49 -41.85
N ILE A 111 -6.30 -9.82 -41.93
CA ILE A 111 -7.34 -10.55 -42.64
C ILE A 111 -8.32 -11.11 -41.61
N GLN A 112 -9.58 -10.68 -41.71
CA GLN A 112 -10.60 -11.04 -40.74
C GLN A 112 -11.54 -12.13 -41.26
N MET A 113 -11.40 -13.33 -40.69
CA MET A 113 -12.18 -14.50 -41.11
C MET A 113 -13.64 -14.43 -40.67
N ARG A 114 -13.86 -13.89 -39.48
CA ARG A 114 -15.20 -13.79 -38.92
C ARG A 114 -16.00 -12.70 -39.63
N PRO A 115 -17.16 -13.07 -40.21
CA PRO A 115 -18.02 -12.13 -40.92
C PRO A 115 -18.73 -11.18 -39.97
N ALA A 116 -19.08 -9.99 -40.47
CA ALA A 116 -19.75 -8.97 -39.66
C ALA A 116 -21.25 -9.26 -39.55
N LEU A 117 -21.73 -9.30 -38.30
CA LEU A 117 -23.15 -9.49 -38.03
C LEU A 117 -23.92 -8.17 -38.13
N LYS A 118 -23.20 -7.06 -38.08
CA LYS A 118 -23.75 -5.69 -38.09
C LYS A 118 -24.95 -5.51 -39.04
N GLY A 119 -24.85 -6.07 -40.24
CA GLY A 119 -25.91 -5.96 -41.24
C GLY A 119 -27.06 -6.93 -41.05
N ALA A 120 -26.74 -8.13 -40.57
CA ALA A 120 -27.73 -9.19 -40.38
C ALA A 120 -28.75 -8.87 -39.29
N ILE A 121 -28.31 -8.15 -38.27
CA ILE A 121 -29.16 -7.77 -37.14
C ILE A 121 -30.21 -6.73 -37.57
N LEU A 122 -29.74 -5.66 -38.20
CA LEU A 122 -30.59 -4.52 -38.59
C LEU A 122 -31.67 -4.88 -39.62
N SER A 123 -31.36 -5.81 -40.52
CA SER A 123 -32.31 -6.26 -41.53
C SER A 123 -33.41 -7.11 -40.90
N LEU A 124 -33.04 -7.92 -39.90
CA LEU A 124 -34.00 -8.74 -39.17
C LEU A 124 -34.82 -7.94 -38.17
N LEU A 125 -34.22 -6.92 -37.59
CA LEU A 125 -34.94 -5.99 -36.71
C LEU A 125 -35.94 -5.13 -37.48
N SER A 126 -35.68 -4.96 -38.78
CA SER A 126 -36.62 -4.30 -39.68
C SER A 126 -37.66 -5.30 -40.20
N TYR A 127 -37.28 -6.57 -40.25
CA TYR A 127 -38.19 -7.64 -40.64
C TYR A 127 -39.20 -7.95 -39.53
N TYR A 128 -38.70 -8.12 -38.31
CA TYR A 128 -39.54 -8.36 -37.14
C TYR A 128 -40.27 -7.10 -36.68
N LYS A 129 -39.80 -5.95 -37.15
CA LYS A 129 -40.37 -4.63 -36.83
C LYS A 129 -40.32 -4.28 -35.33
N TRP A 130 -39.25 -4.70 -34.68
CA TRP A 130 -39.02 -4.40 -33.25
C TRP A 130 -38.84 -2.91 -33.04
N GLU A 131 -39.54 -2.38 -32.03
CA GLU A 131 -39.45 -0.97 -31.67
C GLU A 131 -39.16 -0.76 -30.18
N LYS A 132 -39.56 -1.71 -29.35
CA LYS A 132 -39.32 -1.64 -27.91
C LYS A 132 -38.62 -2.91 -27.43
N PHE A 133 -37.30 -2.83 -27.32
CA PHE A 133 -36.47 -3.98 -26.94
C PHE A 133 -35.23 -3.61 -26.12
N VAL A 134 -34.60 -4.62 -25.54
CA VAL A 134 -33.41 -4.43 -24.71
C VAL A 134 -32.17 -4.94 -25.43
N TYR A 135 -31.06 -4.21 -25.27
CA TYR A 135 -29.78 -4.60 -25.86
C TYR A 135 -28.74 -4.80 -24.77
N LEU A 136 -28.41 -6.06 -24.51
CA LEU A 136 -27.38 -6.41 -23.53
C LEU A 136 -26.08 -6.76 -24.24
N TYR A 137 -24.98 -6.16 -23.79
CA TYR A 137 -23.70 -6.31 -24.47
C TYR A 137 -22.50 -6.36 -23.53
N ASP A 138 -21.44 -7.03 -23.96
CA ASP A 138 -20.14 -6.96 -23.29
C ASP A 138 -19.13 -6.23 -24.18
N THR A 139 -18.02 -5.81 -23.58
CA THR A 139 -16.99 -5.05 -24.30
C THR A 139 -16.09 -5.91 -25.20
N GLU A 140 -16.37 -7.22 -25.22
CA GLU A 140 -15.51 -8.20 -25.91
C GLU A 140 -15.61 -8.15 -27.44
N ARG A 141 -16.83 -8.26 -27.96
CA ARG A 141 -17.07 -8.29 -29.40
C ARG A 141 -16.75 -6.97 -30.09
N GLY A 142 -16.83 -5.88 -29.33
CA GLY A 142 -16.55 -4.54 -29.86
C GLY A 142 -17.71 -3.59 -29.69
N PHE A 143 -17.44 -2.30 -29.95
CA PHE A 143 -18.45 -1.26 -29.81
C PHE A 143 -19.11 -0.91 -31.15
N SER A 144 -18.70 -1.63 -32.21
CA SER A 144 -19.27 -1.45 -33.54
C SER A 144 -20.77 -1.67 -33.55
N VAL A 145 -21.20 -2.78 -32.98
CA VAL A 145 -22.62 -3.13 -32.88
C VAL A 145 -23.39 -2.26 -31.88
N LEU A 146 -22.68 -1.78 -30.86
CA LEU A 146 -23.24 -0.87 -29.85
C LEU A 146 -23.53 0.51 -30.47
N GLN A 147 -22.70 0.91 -31.42
CA GLN A 147 -22.90 2.17 -32.13
C GLN A 147 -23.79 1.98 -33.35
N ALA A 148 -23.73 0.80 -33.95
CA ALA A 148 -24.49 0.48 -35.17
C ALA A 148 -26.00 0.65 -35.05
N ILE A 149 -26.57 0.18 -33.94
CA ILE A 149 -28.02 0.29 -33.75
C ILE A 149 -28.45 1.70 -33.37
N MET A 150 -27.59 2.43 -32.67
CA MET A 150 -27.85 3.82 -32.30
C MET A 150 -27.81 4.73 -33.53
N GLU A 151 -27.05 4.31 -34.54
CA GLU A 151 -26.93 5.02 -35.81
C GLU A 151 -28.24 5.02 -36.60
N ALA A 152 -28.90 3.86 -36.65
CA ALA A 152 -30.08 3.66 -37.48
C ALA A 152 -31.40 3.61 -36.71
N ALA A 153 -31.33 3.29 -35.42
CA ALA A 153 -32.53 3.16 -34.59
C ALA A 153 -33.22 4.51 -34.35
N VAL A 154 -32.42 5.58 -34.32
CA VAL A 154 -32.95 6.93 -34.15
C VAL A 154 -33.67 7.43 -35.41
N GLN A 155 -33.32 6.84 -36.55
CA GLN A 155 -33.97 7.13 -37.83
C GLN A 155 -35.35 6.45 -37.91
N ASN A 156 -35.50 5.38 -37.15
CA ASN A 156 -36.76 4.62 -37.10
C ASN A 156 -37.48 4.76 -35.76
N ASN A 157 -36.86 5.50 -34.84
CA ASN A 157 -37.39 5.75 -33.49
C ASN A 157 -37.69 4.49 -32.67
N TRP A 158 -36.65 3.86 -32.15
CA TRP A 158 -36.80 2.64 -31.35
C TRP A 158 -36.39 2.83 -29.90
N GLN A 159 -37.21 2.29 -28.99
CA GLN A 159 -36.92 2.32 -27.56
C GLN A 159 -35.92 1.22 -27.18
N VAL A 160 -34.63 1.57 -27.25
CA VAL A 160 -33.54 0.64 -26.96
C VAL A 160 -32.88 1.02 -25.64
N THR A 161 -32.57 0.01 -24.83
CA THR A 161 -31.88 0.21 -23.56
C THR A 161 -30.61 -0.63 -23.51
N ALA A 162 -29.48 0.02 -23.20
CA ALA A 162 -28.17 -0.62 -23.21
C ALA A 162 -27.68 -1.02 -21.82
N ARG A 163 -26.99 -2.16 -21.76
CA ARG A 163 -26.41 -2.66 -20.50
C ARG A 163 -25.05 -3.31 -20.73
N SER A 164 -24.01 -2.73 -20.11
CA SER A 164 -22.67 -3.32 -20.13
C SER A 164 -22.57 -4.39 -19.06
N VAL A 165 -22.18 -5.60 -19.48
CA VAL A 165 -22.11 -6.74 -18.57
C VAL A 165 -20.70 -7.36 -18.48
N GLY A 166 -19.76 -6.81 -19.24
CA GLY A 166 -18.37 -7.30 -19.27
C GLY A 166 -17.61 -7.09 -17.98
N ASN A 167 -18.11 -6.18 -17.15
CA ASN A 167 -17.49 -5.87 -15.86
C ASN A 167 -18.14 -6.67 -14.72
N ILE A 168 -19.39 -7.04 -14.92
CA ILE A 168 -20.19 -7.73 -13.90
C ILE A 168 -19.71 -9.17 -13.68
N LYS A 169 -19.29 -9.46 -12.46
CA LYS A 169 -18.79 -10.78 -12.07
C LYS A 169 -19.81 -11.54 -11.21
N ASP A 170 -20.61 -10.80 -10.45
CA ASP A 170 -21.62 -11.39 -9.58
C ASP A 170 -22.87 -11.83 -10.35
N VAL A 171 -23.36 -13.02 -10.02
CA VAL A 171 -24.49 -13.61 -10.74
C VAL A 171 -25.85 -13.10 -10.23
N GLN A 172 -25.84 -12.55 -9.02
CA GLN A 172 -27.04 -11.94 -8.42
C GLN A 172 -27.37 -10.63 -9.13
N GLU A 173 -26.33 -9.95 -9.62
CA GLU A 173 -26.47 -8.73 -10.41
C GLU A 173 -27.19 -9.01 -11.73
N PHE A 174 -27.00 -10.23 -12.24
CA PHE A 174 -27.67 -10.66 -13.47
C PHE A 174 -29.17 -10.93 -13.28
N ARG A 175 -29.58 -11.16 -12.04
CA ARG A 175 -31.00 -11.36 -11.74
C ARG A 175 -31.75 -10.04 -11.54
N ARG A 176 -31.03 -8.99 -11.15
CA ARG A 176 -31.66 -7.70 -10.81
C ARG A 176 -31.74 -6.86 -12.09
N ILE A 177 -30.84 -7.08 -13.04
CA ILE A 177 -30.90 -6.34 -14.31
C ILE A 177 -32.20 -6.52 -15.21
N ILE A 178 -32.60 -7.79 -15.26
CA ILE A 178 -33.88 -8.17 -15.84
C ILE A 178 -35.19 -7.66 -15.21
N GLU A 179 -35.19 -7.57 -13.88
CA GLU A 179 -36.31 -7.01 -13.11
C GLU A 179 -36.59 -5.56 -13.49
N GLU A 180 -35.52 -4.82 -13.80
CA GLU A 180 -35.62 -3.41 -14.21
C GLU A 180 -36.36 -3.25 -15.53
N MET A 181 -36.18 -4.22 -16.44
CA MET A 181 -36.82 -4.18 -17.75
C MET A 181 -38.28 -4.59 -17.71
N ASP A 182 -38.64 -5.39 -16.72
CA ASP A 182 -40.04 -5.78 -16.49
C ASP A 182 -40.86 -4.60 -15.98
N ARG A 183 -40.20 -3.65 -15.33
CA ARG A 183 -40.82 -2.39 -14.92
C ARG A 183 -41.04 -1.50 -16.13
N ARG A 184 -40.18 -1.65 -17.14
CA ARG A 184 -40.32 -0.95 -18.41
C ARG A 184 -41.07 -1.81 -19.43
N GLN A 185 -41.71 -2.87 -18.92
CA GLN A 185 -42.59 -3.76 -19.71
C GLN A 185 -41.91 -4.30 -20.96
N GLU A 186 -40.76 -4.93 -20.78
CA GLU A 186 -39.98 -5.45 -21.89
C GLU A 186 -40.18 -6.94 -22.09
N LYS A 187 -40.52 -7.32 -23.32
CA LYS A 187 -40.71 -8.71 -23.71
C LYS A 187 -39.64 -9.16 -24.70
N ARG A 188 -38.97 -8.19 -25.32
CA ARG A 188 -37.97 -8.46 -26.35
C ARG A 188 -36.54 -8.16 -25.90
N TYR A 189 -35.64 -9.11 -26.13
CA TYR A 189 -34.24 -9.00 -25.70
C TYR A 189 -33.26 -9.33 -26.82
N LEU A 190 -32.22 -8.50 -26.93
CA LEU A 190 -31.12 -8.72 -27.87
C LEU A 190 -29.81 -8.88 -27.09
N ILE A 191 -29.24 -10.08 -27.16
CA ILE A 191 -28.03 -10.41 -26.42
C ILE A 191 -26.80 -10.35 -27.32
N ASP A 192 -25.81 -9.56 -26.92
CA ASP A 192 -24.58 -9.41 -27.67
C ASP A 192 -23.38 -9.71 -26.78
N CYS A 193 -23.26 -10.97 -26.38
CA CYS A 193 -22.15 -11.44 -25.56
C CYS A 193 -21.47 -12.63 -26.24
N GLU A 194 -20.32 -13.04 -25.70
CA GLU A 194 -19.66 -14.26 -26.17
C GLU A 194 -20.41 -15.50 -25.69
N VAL A 195 -20.26 -16.58 -26.44
CA VAL A 195 -20.95 -17.85 -26.18
C VAL A 195 -20.98 -18.22 -24.70
N GLU A 196 -19.81 -18.16 -24.06
CA GLU A 196 -19.63 -18.57 -22.66
C GLU A 196 -20.45 -17.70 -21.70
N ARG A 197 -20.62 -16.42 -22.06
CA ARG A 197 -21.35 -15.47 -21.24
C ARG A 197 -22.86 -15.59 -21.45
N ILE A 198 -23.28 -15.66 -22.71
CA ILE A 198 -24.70 -15.80 -23.08
C ILE A 198 -25.38 -16.92 -22.28
N ASN A 199 -24.72 -18.06 -22.18
CA ASN A 199 -25.24 -19.22 -21.45
C ASN A 199 -25.53 -18.94 -19.97
N THR A 200 -24.70 -18.11 -19.35
CA THR A 200 -24.82 -17.81 -17.92
C THR A 200 -26.02 -16.98 -17.47
N ILE A 201 -26.51 -16.09 -18.33
CA ILE A 201 -27.75 -15.34 -18.06
C ILE A 201 -29.03 -16.05 -18.50
N LEU A 202 -28.86 -17.03 -19.39
CA LEU A 202 -29.97 -17.88 -19.83
C LEU A 202 -30.29 -18.82 -18.67
N GLU A 203 -29.25 -19.15 -17.89
CA GLU A 203 -29.41 -19.94 -16.67
C GLU A 203 -30.21 -19.17 -15.61
N GLN A 204 -30.11 -17.85 -15.67
CA GLN A 204 -30.85 -16.98 -14.76
C GLN A 204 -32.32 -16.87 -15.16
N VAL A 205 -32.59 -17.05 -16.46
CA VAL A 205 -33.95 -17.05 -16.99
C VAL A 205 -34.73 -18.26 -16.46
N VAL A 206 -34.04 -19.37 -16.28
CA VAL A 206 -34.67 -20.56 -15.72
C VAL A 206 -35.12 -20.38 -14.28
N ILE A 207 -34.23 -19.83 -13.45
CA ILE A 207 -34.51 -19.63 -12.04
C ILE A 207 -35.57 -18.61 -11.64
N LEU A 208 -35.54 -17.46 -12.30
CA LEU A 208 -36.53 -16.44 -12.02
C LEU A 208 -37.86 -16.96 -12.55
N GLY A 209 -37.78 -17.62 -13.71
CA GLY A 209 -38.92 -18.27 -14.31
C GLY A 209 -39.90 -17.37 -15.05
N LYS A 210 -40.86 -17.99 -15.70
CA LYS A 210 -41.94 -17.27 -16.36
C LYS A 210 -41.50 -16.24 -17.39
N HIS A 211 -40.42 -16.52 -18.11
CA HIS A 211 -39.98 -15.60 -19.15
C HIS A 211 -40.20 -16.58 -20.28
N SER A 212 -40.53 -17.81 -19.91
CA SER A 212 -40.96 -18.79 -20.93
C SER A 212 -41.75 -18.24 -22.24
N ARG A 213 -42.98 -17.93 -21.83
CA ARG A 213 -43.94 -17.27 -22.71
C ARG A 213 -44.11 -15.79 -23.06
N GLY A 214 -44.27 -15.52 -24.35
CA GLY A 214 -44.46 -14.15 -24.85
C GLY A 214 -43.15 -13.39 -25.09
N TYR A 215 -42.04 -13.96 -24.61
CA TYR A 215 -40.74 -13.33 -24.74
C TYR A 215 -40.04 -13.68 -26.05
N HIS A 216 -39.06 -12.87 -26.43
CA HIS A 216 -38.26 -13.12 -27.62
C HIS A 216 -36.79 -12.79 -27.35
N TYR A 217 -35.92 -13.76 -27.60
CA TYR A 217 -34.49 -13.59 -27.36
C TYR A 217 -33.70 -13.73 -28.66
N MET A 218 -33.04 -12.64 -29.06
CA MET A 218 -32.15 -12.66 -30.21
C MET A 218 -30.70 -12.69 -29.77
N LEU A 219 -30.02 -13.80 -30.05
CA LEU A 219 -28.64 -13.99 -29.63
C LEU A 219 -27.68 -13.62 -30.76
N ALA A 220 -27.10 -12.42 -30.65
CA ALA A 220 -26.16 -11.92 -31.65
C ALA A 220 -24.78 -12.56 -31.47
N ASN A 221 -24.71 -13.86 -31.76
CA ASN A 221 -23.46 -14.64 -31.69
C ASN A 221 -23.52 -15.81 -32.67
N LEU A 222 -22.40 -16.05 -33.35
CA LEU A 222 -22.35 -17.05 -34.41
C LEU A 222 -22.26 -18.50 -33.91
N GLY A 223 -21.85 -18.67 -32.66
CA GLY A 223 -21.80 -19.99 -32.04
C GLY A 223 -23.14 -20.37 -31.45
N PHE A 224 -24.15 -20.48 -32.32
CA PHE A 224 -25.52 -20.75 -31.92
C PHE A 224 -25.71 -22.18 -31.42
N THR A 225 -24.94 -23.11 -31.96
CA THR A 225 -24.96 -24.52 -31.54
C THR A 225 -24.38 -24.70 -30.14
N ASP A 226 -23.35 -23.90 -29.83
CA ASP A 226 -22.67 -23.97 -28.54
C ASP A 226 -23.45 -23.30 -27.42
N ILE A 227 -24.69 -22.89 -27.73
CA ILE A 227 -25.59 -22.29 -26.74
C ILE A 227 -26.47 -23.36 -26.07
N LEU A 228 -26.66 -23.23 -24.77
CA LEU A 228 -27.61 -24.05 -24.02
C LEU A 228 -29.01 -23.45 -24.19
N LEU A 229 -29.75 -23.97 -25.16
CA LEU A 229 -31.09 -23.53 -25.48
C LEU A 229 -32.35 -24.30 -24.89
N GLU A 230 -31.98 -25.48 -24.39
CA GLU A 230 -32.94 -26.47 -23.91
C GLU A 230 -34.08 -26.08 -22.97
N ARG A 231 -33.74 -25.52 -21.82
CA ARG A 231 -34.74 -25.14 -20.80
C ARG A 231 -35.57 -23.93 -21.20
N VAL A 232 -35.01 -23.08 -22.06
CA VAL A 232 -35.70 -21.90 -22.56
C VAL A 232 -36.75 -22.28 -23.61
N MET A 233 -36.43 -23.28 -24.42
CA MET A 233 -37.31 -23.76 -25.49
C MET A 233 -38.67 -24.25 -25.02
N HIS A 234 -38.70 -24.93 -23.87
CA HIS A 234 -39.89 -25.62 -23.40
C HIS A 234 -40.85 -24.74 -22.59
N GLY A 235 -40.62 -23.44 -22.60
CA GLY A 235 -41.48 -22.48 -21.90
C GLY A 235 -42.36 -21.68 -22.84
N GLY A 236 -41.96 -21.60 -24.11
CA GLY A 236 -42.74 -20.90 -25.13
C GLY A 236 -42.05 -19.68 -25.71
N ALA A 237 -40.72 -19.68 -25.65
CA ALA A 237 -39.92 -18.55 -26.13
C ALA A 237 -39.65 -18.63 -27.63
N ASN A 238 -39.64 -17.46 -28.26
CA ASN A 238 -39.22 -17.32 -29.66
C ASN A 238 -37.74 -16.92 -29.67
N ILE A 239 -36.89 -17.81 -30.21
CA ILE A 239 -35.45 -17.56 -30.22
C ILE A 239 -34.90 -17.48 -31.65
N THR A 240 -34.33 -16.32 -31.98
CA THR A 240 -33.69 -16.12 -33.27
C THR A 240 -32.18 -16.12 -33.09
N GLY A 241 -31.51 -16.99 -33.84
CA GLY A 241 -30.06 -17.13 -33.75
C GLY A 241 -29.36 -17.02 -35.10
N PHE A 242 -28.03 -16.97 -35.06
CA PHE A 242 -27.23 -16.76 -36.26
C PHE A 242 -26.12 -17.80 -36.40
N GLN A 243 -25.90 -18.25 -37.62
CA GLN A 243 -24.82 -19.18 -37.96
C GLN A 243 -24.24 -18.95 -39.35
N ILE A 244 -22.95 -19.25 -39.50
CA ILE A 244 -22.29 -19.22 -40.80
C ILE A 244 -22.15 -20.62 -41.42
N VAL A 245 -22.04 -21.62 -40.55
CA VAL A 245 -21.92 -23.01 -40.96
C VAL A 245 -23.24 -23.68 -41.34
N ASN A 246 -23.27 -24.28 -42.53
CA ASN A 246 -24.43 -25.02 -42.99
C ASN A 246 -24.15 -26.52 -43.00
N ASN A 247 -24.97 -27.27 -42.26
CA ASN A 247 -24.78 -28.72 -42.13
C ASN A 247 -25.22 -29.53 -43.36
N GLU A 248 -26.00 -28.91 -44.23
CA GLU A 248 -26.47 -29.54 -45.47
C GLU A 248 -25.37 -29.62 -46.52
N ASN A 249 -24.36 -28.76 -46.39
CA ASN A 249 -23.21 -28.68 -47.30
C ASN A 249 -22.42 -29.99 -47.33
N PRO A 250 -22.33 -30.62 -48.53
CA PRO A 250 -21.66 -31.92 -48.70
C PRO A 250 -20.17 -31.90 -48.38
N MET A 251 -19.55 -30.71 -48.45
CA MET A 251 -18.15 -30.54 -48.12
C MET A 251 -17.92 -30.57 -46.61
N VAL A 252 -18.87 -29.99 -45.86
CA VAL A 252 -18.84 -30.01 -44.40
C VAL A 252 -19.04 -31.43 -43.89
N GLN A 253 -20.03 -32.13 -44.46
CA GLN A 253 -20.30 -33.53 -44.15
C GLN A 253 -19.14 -34.43 -44.57
N GLN A 254 -18.47 -34.05 -45.66
CA GLN A 254 -17.25 -34.71 -46.13
C GLN A 254 -16.11 -34.51 -45.13
N PHE A 255 -16.07 -33.34 -44.52
CA PHE A 255 -15.06 -32.99 -43.51
C PHE A 255 -15.33 -33.66 -42.16
N ILE A 256 -16.58 -33.67 -41.74
CA ILE A 256 -16.98 -34.22 -40.44
C ILE A 256 -16.72 -35.73 -40.31
N GLN A 257 -16.96 -36.46 -41.40
CA GLN A 257 -16.71 -37.91 -41.45
C GLN A 257 -15.27 -38.27 -41.07
N ARG A 258 -14.35 -37.36 -41.34
CA ARG A 258 -12.94 -37.50 -40.94
C ARG A 258 -12.68 -36.89 -39.57
N TRP A 259 -13.45 -35.85 -39.23
CA TRP A 259 -13.23 -35.06 -38.01
C TRP A 259 -13.45 -35.83 -36.70
N VAL A 260 -14.45 -36.70 -36.68
CA VAL A 260 -14.78 -37.47 -35.48
C VAL A 260 -13.77 -38.59 -35.17
N ARG A 261 -12.98 -38.96 -36.18
CA ARG A 261 -12.06 -40.09 -36.08
C ARG A 261 -10.79 -39.78 -35.28
N LEU A 262 -10.43 -38.51 -35.19
CA LEU A 262 -9.14 -38.08 -34.63
C LEU A 262 -8.89 -38.52 -33.18
N ASP A 263 -7.66 -38.98 -32.93
CA ASP A 263 -7.20 -39.43 -31.62
C ASP A 263 -7.04 -38.27 -30.63
N GLU A 264 -7.42 -38.51 -29.37
CA GLU A 264 -7.42 -37.47 -28.33
C GLU A 264 -6.02 -37.00 -27.93
N ARG A 265 -5.06 -37.92 -27.89
CA ARG A 265 -3.68 -37.60 -27.52
C ARG A 265 -3.00 -36.65 -28.50
N GLU A 266 -3.45 -36.67 -29.75
CA GLU A 266 -2.91 -35.80 -30.80
C GLU A 266 -3.86 -34.67 -31.18
N PHE A 267 -5.16 -34.91 -30.96
CA PHE A 267 -6.20 -33.91 -31.28
C PHE A 267 -7.22 -33.80 -30.14
N PRO A 268 -6.99 -32.87 -29.19
CA PRO A 268 -7.93 -32.65 -28.09
C PRO A 268 -9.26 -32.03 -28.53
N GLU A 269 -10.30 -32.27 -27.74
CA GLU A 269 -11.65 -31.68 -27.96
C GLU A 269 -12.29 -32.03 -29.32
N ALA A 270 -11.67 -32.96 -30.04
CA ALA A 270 -12.17 -33.40 -31.34
C ALA A 270 -13.33 -34.37 -31.19
N LYS A 271 -13.28 -35.21 -30.16
CA LYS A 271 -14.31 -36.21 -29.89
C LYS A 271 -15.38 -35.70 -28.92
N ASN A 272 -14.95 -35.26 -27.75
CA ASN A 272 -15.86 -34.87 -26.65
C ASN A 272 -16.71 -33.63 -26.92
N ALA A 273 -16.07 -32.58 -27.44
CA ALA A 273 -16.75 -31.32 -27.71
C ALA A 273 -17.20 -31.21 -29.17
N PRO A 274 -18.41 -30.67 -29.40
CA PRO A 274 -18.90 -30.42 -30.76
C PRO A 274 -18.16 -29.26 -31.43
N LEU A 275 -18.32 -29.16 -32.75
CA LEU A 275 -17.63 -28.15 -33.56
C LEU A 275 -18.01 -26.72 -33.15
N LYS A 276 -17.01 -25.98 -32.66
CA LYS A 276 -17.15 -24.56 -32.39
C LYS A 276 -16.95 -23.80 -33.71
N TYR A 277 -17.74 -22.75 -33.92
CA TYR A 277 -17.69 -21.98 -35.17
C TYR A 277 -16.30 -21.39 -35.46
N THR A 278 -15.59 -21.02 -34.40
CA THR A 278 -14.22 -20.50 -34.51
C THR A 278 -13.26 -21.57 -35.04
N SER A 279 -13.50 -22.82 -34.67
CA SER A 279 -12.70 -23.95 -35.14
C SER A 279 -12.92 -24.21 -36.62
N ALA A 280 -14.15 -23.98 -37.09
CA ALA A 280 -14.48 -24.11 -38.51
C ALA A 280 -13.80 -23.02 -39.32
N LEU A 281 -13.72 -21.81 -38.75
CA LEU A 281 -13.05 -20.68 -39.37
C LEU A 281 -11.53 -20.87 -39.40
N THR A 282 -11.00 -21.56 -38.38
CA THR A 282 -9.59 -21.90 -38.31
C THR A 282 -9.18 -22.72 -39.54
N HIS A 283 -9.98 -23.74 -39.86
CA HIS A 283 -9.76 -24.58 -41.04
C HIS A 283 -9.87 -23.77 -42.33
N ASP A 284 -10.93 -22.95 -42.42
CA ASP A 284 -11.17 -22.11 -43.60
C ASP A 284 -10.12 -21.02 -43.77
N ALA A 285 -9.45 -20.66 -42.68
CA ALA A 285 -8.35 -19.71 -42.72
C ALA A 285 -7.14 -20.30 -43.44
N ILE A 286 -6.89 -21.59 -43.22
CA ILE A 286 -5.86 -22.34 -43.93
C ILE A 286 -6.17 -22.41 -45.43
N LEU A 287 -7.45 -22.61 -45.76
CA LEU A 287 -7.91 -22.68 -47.16
C LEU A 287 -7.58 -21.41 -47.94
N VAL A 288 -7.64 -20.26 -47.26
CA VAL A 288 -7.28 -18.98 -47.86
C VAL A 288 -5.77 -18.88 -48.08
N ILE A 289 -5.00 -19.20 -47.04
CA ILE A 289 -3.54 -19.17 -47.10
C ILE A 289 -3.00 -20.09 -48.18
N ALA A 290 -3.57 -21.30 -48.26
CA ALA A 290 -3.18 -22.28 -49.27
C ALA A 290 -3.47 -21.81 -50.69
N GLU A 291 -4.64 -21.22 -50.90
CA GLU A 291 -5.06 -20.75 -52.22
C GLU A 291 -4.26 -19.52 -52.66
N ALA A 292 -3.86 -18.69 -51.70
CA ALA A 292 -3.08 -17.49 -51.98
C ALA A 292 -1.66 -17.82 -52.42
N PHE A 293 -1.05 -18.81 -51.76
CA PHE A 293 0.32 -19.21 -52.07
C PHE A 293 0.44 -20.10 -53.32
N ARG A 294 -0.65 -20.79 -53.66
CA ARG A 294 -0.75 -21.49 -54.94
C ARG A 294 -0.77 -20.49 -56.09
N TYR A 295 -1.44 -19.37 -55.87
CA TYR A 295 -1.49 -18.25 -56.81
C TYR A 295 -0.13 -17.56 -56.90
N LEU A 296 0.62 -17.59 -55.79
CA LEU A 296 1.96 -16.99 -55.73
C LEU A 296 3.05 -17.60 -56.63
N ARG A 297 3.08 -18.92 -56.71
CA ARG A 297 3.98 -19.60 -57.64
C ARG A 297 3.34 -19.77 -59.06
N ARG A 298 2.07 -19.40 -59.11
CA ARG A 298 1.33 -19.35 -60.37
C ARG A 298 1.82 -18.08 -61.05
N GLN A 299 2.10 -17.05 -60.23
CA GLN A 299 2.70 -15.80 -60.72
C GLN A 299 4.23 -15.90 -60.75
N ARG A 300 4.75 -16.96 -60.13
CA ARG A 300 6.20 -17.22 -60.03
C ARG A 300 6.94 -16.05 -59.38
N VAL A 301 6.48 -15.66 -58.18
CA VAL A 301 7.04 -14.53 -57.46
C VAL A 301 7.91 -15.00 -56.31
N ASP A 302 9.18 -14.59 -56.33
CA ASP A 302 10.11 -14.83 -55.23
C ASP A 302 9.64 -14.05 -54.01
N VAL A 303 9.12 -14.78 -53.03
CA VAL A 303 8.49 -14.17 -51.85
C VAL A 303 9.50 -13.50 -50.91
N SER A 304 9.16 -12.29 -50.49
CA SER A 304 10.02 -11.47 -49.64
C SER A 304 9.57 -11.52 -48.19
N GLY A 310 14.69 -11.10 -39.78
CA GLY A 310 14.39 -9.73 -39.40
C GLY A 310 14.29 -9.51 -37.91
N ASP A 311 14.15 -8.25 -37.50
CA ASP A 311 14.05 -7.88 -36.09
C ASP A 311 12.97 -6.82 -35.87
N CYS A 312 12.39 -6.79 -34.67
CA CYS A 312 11.37 -5.79 -34.37
C CYS A 312 11.98 -4.49 -33.87
N LEU A 313 12.64 -3.74 -34.75
CA LEU A 313 13.22 -2.46 -34.34
C LEU A 313 12.74 -1.32 -35.22
N ALA A 314 12.14 -0.30 -34.61
CA ALA A 314 11.67 0.88 -35.31
C ALA A 314 12.78 1.72 -35.92
N ASN A 315 13.88 1.85 -35.18
CA ASN A 315 15.01 2.70 -35.55
C ASN A 315 15.75 2.33 -36.83
N PRO A 316 15.93 1.03 -37.06
CA PRO A 316 16.66 0.54 -38.22
C PRO A 316 15.97 0.93 -39.52
N ALA A 317 14.64 0.85 -39.52
CA ALA A 317 13.86 1.18 -40.70
C ALA A 317 13.46 -0.11 -41.39
N VAL A 318 12.18 -0.44 -41.31
CA VAL A 318 11.67 -1.67 -41.91
C VAL A 318 11.68 -1.63 -43.44
N PRO A 319 11.95 -2.78 -44.04
CA PRO A 319 11.92 -2.91 -45.50
C PRO A 319 10.50 -2.81 -46.02
N TRP A 320 10.33 -2.22 -47.20
CA TRP A 320 9.00 -2.04 -47.79
C TRP A 320 8.74 -2.99 -48.97
N SER A 321 9.82 -3.40 -49.64
CA SER A 321 9.73 -4.36 -50.75
C SER A 321 9.14 -5.70 -50.30
N GLN A 322 9.27 -5.98 -49.01
CA GLN A 322 8.68 -7.16 -48.38
C GLN A 322 7.21 -6.93 -48.04
N GLY A 323 6.48 -8.02 -47.80
CA GLY A 323 5.16 -7.96 -47.19
C GLY A 323 3.99 -7.51 -48.03
N ILE A 324 4.14 -6.40 -48.73
CA ILE A 324 3.08 -5.81 -49.54
C ILE A 324 2.50 -6.74 -50.62
N ASP A 325 3.37 -7.57 -51.18
CA ASP A 325 3.00 -8.49 -52.27
C ASP A 325 2.04 -9.62 -51.84
N ILE A 326 2.12 -10.05 -50.59
CA ILE A 326 1.26 -11.16 -50.12
C ILE A 326 -0.20 -10.74 -49.89
N GLU A 327 -0.39 -9.53 -49.35
CA GLU A 327 -1.72 -8.96 -49.13
C GLU A 327 -2.64 -8.88 -50.34
N ARG A 328 -2.07 -8.50 -51.48
CA ARG A 328 -2.79 -8.35 -52.74
C ARG A 328 -3.33 -9.68 -53.26
N ALA A 329 -2.64 -10.76 -52.93
CA ALA A 329 -3.01 -12.10 -53.40
C ALA A 329 -3.81 -12.92 -52.36
N LEU A 330 -3.65 -12.57 -51.09
CA LEU A 330 -4.42 -13.20 -50.02
C LEU A 330 -5.87 -12.73 -50.03
N LYS A 331 -6.08 -11.47 -50.37
CA LYS A 331 -7.39 -10.84 -50.30
C LYS A 331 -7.98 -10.94 -51.71
N MET A 332 -7.24 -11.56 -52.63
CA MET A 332 -7.74 -11.88 -53.98
C MET A 332 -8.65 -13.18 -54.22
N VAL A 333 -8.57 -14.01 -53.18
CA VAL A 333 -9.28 -15.29 -53.15
C VAL A 333 -10.81 -15.40 -53.15
N GLN A 334 -11.31 -16.47 -53.76
CA GLN A 334 -12.73 -16.77 -53.80
C GLN A 334 -12.92 -18.27 -53.61
N VAL A 335 -12.71 -18.73 -52.37
CA VAL A 335 -12.75 -20.16 -52.07
C VAL A 335 -14.08 -20.58 -51.46
N GLN A 336 -14.70 -21.59 -52.07
CA GLN A 336 -15.93 -22.17 -51.54
C GLN A 336 -15.61 -23.19 -50.46
N GLY A 337 -15.58 -22.72 -49.22
CA GLY A 337 -15.27 -23.58 -48.07
C GLY A 337 -16.49 -23.92 -47.24
N MET A 338 -16.24 -24.33 -45.99
CA MET A 338 -17.30 -24.71 -45.05
C MET A 338 -18.16 -23.50 -44.69
N THR A 339 -17.52 -22.37 -44.46
CA THR A 339 -18.22 -21.13 -44.08
C THR A 339 -18.66 -20.34 -45.32
N GLY A 340 -19.49 -20.97 -46.15
CA GLY A 340 -20.06 -20.34 -47.34
C GLY A 340 -19.01 -19.88 -48.34
N ASN A 341 -19.15 -18.64 -48.80
CA ASN A 341 -18.21 -18.06 -49.76
C ASN A 341 -17.26 -17.10 -49.08
N ILE A 342 -15.96 -17.38 -49.22
CA ILE A 342 -14.93 -16.61 -48.53
C ILE A 342 -14.32 -15.55 -49.45
N GLN A 343 -14.69 -14.29 -49.21
CA GLN A 343 -14.11 -13.15 -49.93
C GLN A 343 -13.85 -11.99 -48.98
N PHE A 344 -12.88 -11.14 -49.34
CA PHE A 344 -12.50 -10.01 -48.49
C PHE A 344 -12.53 -8.68 -49.25
N ASP A 345 -12.69 -7.58 -48.52
CA ASP A 345 -12.57 -6.23 -49.08
C ASP A 345 -11.13 -5.73 -48.98
N THR A 346 -10.93 -4.43 -49.14
CA THR A 346 -9.58 -3.85 -49.09
C THR A 346 -8.97 -3.85 -47.68
N TYR A 347 -9.81 -3.88 -46.66
CA TYR A 347 -9.34 -3.79 -45.26
C TYR A 347 -9.25 -5.16 -44.57
N GLY A 348 -9.69 -6.20 -45.27
CA GLY A 348 -9.61 -7.57 -44.74
C GLY A 348 -10.93 -8.13 -44.23
N ARG A 349 -11.95 -7.28 -44.15
CA ARG A 349 -13.29 -7.68 -43.72
C ARG A 349 -13.92 -8.65 -44.72
N ARG A 350 -14.76 -9.55 -44.21
CA ARG A 350 -15.46 -10.52 -45.06
C ARG A 350 -16.53 -9.86 -45.92
N THR A 351 -16.74 -10.44 -47.10
CA THR A 351 -17.82 -10.04 -48.00
C THR A 351 -18.30 -11.24 -48.81
N ASN A 352 -19.46 -11.12 -49.45
CA ASN A 352 -20.08 -12.21 -50.21
C ASN A 352 -20.26 -13.47 -49.35
N TYR A 353 -20.83 -13.30 -48.16
CA TYR A 353 -21.08 -14.40 -47.24
C TYR A 353 -22.56 -14.61 -46.97
N THR A 354 -22.96 -15.87 -46.87
CA THR A 354 -24.35 -16.21 -46.56
C THR A 354 -24.45 -16.55 -45.08
N ILE A 355 -25.33 -15.83 -44.37
CA ILE A 355 -25.58 -16.10 -42.96
C ILE A 355 -26.91 -16.84 -42.81
N ASP A 356 -26.84 -18.06 -42.29
CA ASP A 356 -28.02 -18.89 -42.08
C ASP A 356 -28.77 -18.44 -40.83
N VAL A 357 -30.01 -18.01 -41.03
CA VAL A 357 -30.87 -17.54 -39.93
C VAL A 357 -31.72 -18.68 -39.42
N TYR A 358 -31.68 -18.91 -38.10
CA TYR A 358 -32.44 -19.97 -37.47
C TYR A 358 -33.50 -19.42 -36.51
N GLU A 359 -34.73 -19.88 -36.67
CA GLU A 359 -35.82 -19.54 -35.75
C GLU A 359 -36.20 -20.76 -34.92
N MET A 360 -35.97 -20.67 -33.61
CA MET A 360 -36.35 -21.72 -32.69
C MET A 360 -37.51 -21.24 -31.82
N LYS A 361 -38.68 -21.83 -32.08
CA LYS A 361 -39.91 -21.46 -31.42
C LYS A 361 -40.49 -22.66 -30.70
N VAL A 362 -41.33 -22.42 -29.71
CA VAL A 362 -41.92 -23.50 -28.93
C VAL A 362 -42.72 -24.41 -29.84
N SER A 363 -43.46 -23.81 -30.77
CA SER A 363 -44.23 -24.60 -31.71
C SER A 363 -43.33 -25.44 -32.60
N GLY A 364 -42.23 -24.85 -33.07
CA GLY A 364 -41.31 -25.54 -33.95
C GLY A 364 -39.89 -25.00 -34.01
N SER A 365 -38.96 -25.83 -34.52
CA SER A 365 -37.58 -25.41 -34.70
C SER A 365 -37.13 -25.61 -36.15
N ARG A 366 -36.76 -24.52 -36.81
CA ARG A 366 -36.39 -24.58 -38.22
C ARG A 366 -35.51 -23.45 -38.69
N LYS A 367 -34.87 -23.65 -39.84
CA LYS A 367 -34.07 -22.60 -40.47
C LYS A 367 -35.03 -21.58 -41.10
N ALA A 368 -34.95 -20.33 -40.65
CA ALA A 368 -35.86 -19.27 -41.08
C ALA A 368 -35.55 -18.76 -42.48
N GLY A 369 -34.26 -18.54 -42.76
CA GLY A 369 -33.83 -18.03 -44.06
C GLY A 369 -32.34 -17.77 -44.14
N TYR A 370 -31.94 -17.08 -45.21
CA TYR A 370 -30.53 -16.76 -45.43
C TYR A 370 -30.30 -15.26 -45.51
N TRP A 371 -29.08 -14.83 -45.22
CA TRP A 371 -28.71 -13.42 -45.27
C TRP A 371 -27.45 -13.17 -46.09
N ASN A 372 -27.59 -12.33 -47.11
CA ASN A 372 -26.46 -11.79 -47.86
C ASN A 372 -26.62 -10.29 -48.10
N GLU A 373 -25.50 -9.57 -48.18
CA GLU A 373 -25.48 -8.10 -48.20
C GLU A 373 -26.43 -7.44 -49.19
N TYR A 374 -26.66 -8.09 -50.33
CA TYR A 374 -27.51 -7.53 -51.40
C TYR A 374 -29.00 -7.70 -51.12
N GLU A 375 -29.42 -8.94 -50.90
CA GLU A 375 -30.84 -9.27 -50.74
C GLU A 375 -31.34 -9.14 -49.29
N ARG A 376 -30.45 -8.65 -48.41
CA ARG A 376 -30.72 -8.53 -46.98
C ARG A 376 -31.18 -9.87 -46.38
N PHE A 377 -32.37 -9.89 -45.79
CA PHE A 377 -32.94 -11.11 -45.22
C PHE A 377 -34.03 -11.70 -46.11
N VAL A 378 -33.89 -12.98 -46.44
CA VAL A 378 -34.87 -13.71 -47.22
C VAL A 378 -35.51 -14.81 -46.34
N PRO A 379 -36.83 -14.72 -46.10
CA PRO A 379 -37.53 -15.63 -45.19
C PRO A 379 -38.18 -16.84 -45.87
N PHE A 380 -37.81 -17.09 -47.12
CA PHE A 380 -38.43 -18.14 -47.96
C PHE A 380 -39.93 -17.90 -48.20
N PHE B 2 30.23 -17.57 -5.37
CA PHE B 2 29.14 -17.99 -4.43
C PHE B 2 29.57 -19.22 -3.62
N PRO B 3 29.42 -19.15 -2.28
CA PRO B 3 29.81 -20.24 -1.39
C PRO B 3 28.84 -21.41 -1.42
N ASN B 4 29.38 -22.62 -1.21
CA ASN B 4 28.59 -23.84 -1.24
C ASN B 4 27.70 -24.02 -0.01
N THR B 5 28.10 -23.44 1.12
CA THR B 5 27.36 -23.60 2.37
C THR B 5 27.09 -22.27 3.08
N ILE B 6 25.83 -21.85 3.04
CA ILE B 6 25.39 -20.66 3.77
C ILE B 6 25.03 -21.06 5.20
N SER B 7 25.67 -20.40 6.17
CA SER B 7 25.43 -20.65 7.58
C SER B 7 24.69 -19.48 8.23
N ILE B 8 23.56 -19.78 8.88
CA ILE B 8 22.74 -18.75 9.51
C ILE B 8 22.77 -18.83 11.04
N GLY B 9 22.60 -17.69 11.69
CA GLY B 9 22.62 -17.61 13.15
C GLY B 9 21.25 -17.83 13.78
N GLY B 10 21.25 -18.54 14.91
CA GLY B 10 20.01 -18.85 15.62
C GLY B 10 20.02 -18.34 17.04
N LEU B 11 18.95 -17.67 17.43
CA LEU B 11 18.79 -17.15 18.79
C LEU B 11 17.43 -17.53 19.35
N PHE B 12 17.44 -18.42 20.34
CA PHE B 12 16.21 -18.95 20.93
C PHE B 12 16.18 -18.77 22.44
N MET B 13 15.17 -18.07 22.92
CA MET B 13 14.99 -17.80 24.34
C MET B 13 14.27 -18.96 25.02
N ARG B 14 13.79 -18.74 26.25
CA ARG B 14 13.00 -19.73 26.95
C ARG B 14 11.58 -19.80 26.38
N ASN B 15 10.92 -20.94 26.60
CA ASN B 15 9.55 -21.19 26.15
C ASN B 15 9.39 -21.21 24.62
N THR B 16 10.51 -21.36 23.92
CA THR B 16 10.50 -21.48 22.46
C THR B 16 11.00 -22.85 22.05
N VAL B 17 10.60 -23.87 22.82
CA VAL B 17 11.07 -25.24 22.64
C VAL B 17 10.57 -25.86 21.33
N GLN B 18 9.27 -25.70 21.06
CA GLN B 18 8.66 -26.22 19.83
C GLN B 18 9.14 -25.46 18.60
N GLU B 19 9.37 -24.16 18.78
CA GLU B 19 9.89 -23.30 17.73
C GLU B 19 11.26 -23.76 17.27
N HIS B 20 12.05 -24.28 18.22
CA HIS B 20 13.38 -24.84 17.94
C HIS B 20 13.28 -26.13 17.14
N SER B 21 12.25 -26.92 17.42
CA SER B 21 11.97 -28.14 16.68
C SER B 21 11.50 -27.81 15.27
N ALA B 22 10.69 -26.77 15.16
CA ALA B 22 10.23 -26.26 13.88
C ALA B 22 11.38 -25.65 13.09
N PHE B 23 12.40 -25.18 13.80
CA PHE B 23 13.60 -24.62 13.20
C PHE B 23 14.51 -25.72 12.62
N ARG B 24 14.76 -26.76 13.41
CA ARG B 24 15.63 -27.86 13.01
C ARG B 24 15.08 -28.65 11.81
N PHE B 25 13.77 -28.86 11.81
CA PHE B 25 13.09 -29.58 10.74
C PHE B 25 13.07 -28.79 9.43
N ALA B 26 12.93 -27.47 9.54
CA ALA B 26 12.89 -26.57 8.38
C ALA B 26 14.22 -26.54 7.63
N VAL B 27 15.30 -26.93 8.31
CA VAL B 27 16.62 -27.02 7.70
C VAL B 27 16.73 -28.37 6.97
N GLN B 28 16.21 -29.42 7.60
CA GLN B 28 16.31 -30.79 7.07
C GLN B 28 15.68 -31.12 5.72
N LEU B 29 14.48 -30.61 5.46
CA LEU B 29 13.78 -30.93 4.21
C LEU B 29 14.22 -30.07 2.98
N TYR B 30 15.02 -29.05 3.29
CA TYR B 30 15.68 -28.24 2.26
C TYR B 30 16.98 -28.96 1.94
N ASN B 31 17.70 -29.38 2.98
CA ASN B 31 18.99 -30.04 2.79
C ASN B 31 18.87 -31.36 2.02
N THR B 32 17.81 -32.11 2.28
CA THR B 32 17.65 -33.43 1.66
C THR B 32 17.08 -33.41 0.25
N ASN B 33 17.89 -32.95 -0.70
CA ASN B 33 17.55 -32.97 -2.12
C ASN B 33 18.61 -33.47 -3.09
N GLN B 34 18.22 -34.16 -4.14
CA GLN B 34 16.83 -34.36 -4.52
C GLN B 34 16.61 -33.48 -5.81
N ASN B 35 17.34 -32.37 -5.81
CA ASN B 35 17.32 -31.44 -6.93
C ASN B 35 18.53 -30.59 -7.30
N THR B 36 18.65 -30.26 -8.58
CA THR B 36 19.72 -29.40 -9.04
C THR B 36 19.20 -27.99 -9.29
N THR B 37 17.92 -27.79 -9.01
CA THR B 37 17.23 -26.52 -9.26
C THR B 37 16.72 -25.86 -7.98
N GLU B 38 16.16 -26.66 -7.09
CA GLU B 38 15.62 -26.15 -5.82
C GLU B 38 16.69 -25.96 -4.76
N LYS B 39 17.73 -26.80 -4.78
CA LYS B 39 18.89 -26.60 -3.92
C LYS B 39 20.20 -26.49 -4.73
N PRO B 40 20.82 -25.30 -4.71
CA PRO B 40 22.16 -25.13 -5.26
C PRO B 40 23.23 -25.04 -4.16
N PHE B 41 22.78 -24.88 -2.92
CA PHE B 41 23.67 -24.71 -1.77
C PHE B 41 23.13 -25.43 -0.53
N HIS B 42 24.03 -25.71 0.42
CA HIS B 42 23.66 -26.39 1.66
C HIS B 42 23.49 -25.38 2.80
N LEU B 43 22.63 -25.71 3.75
CA LEU B 43 22.28 -24.79 4.83
C LEU B 43 22.63 -25.33 6.22
N ASN B 44 23.49 -24.59 6.93
CA ASN B 44 23.89 -24.94 8.29
C ASN B 44 23.51 -23.86 9.29
N TYR B 45 23.61 -24.18 10.58
CA TYR B 45 23.28 -23.22 11.64
C TYR B 45 24.01 -23.50 12.96
N HIS B 46 24.30 -22.43 13.69
CA HIS B 46 24.77 -22.51 15.06
C HIS B 46 23.84 -21.70 15.94
N VAL B 47 23.28 -22.33 16.96
CA VAL B 47 22.24 -21.72 17.79
C VAL B 47 22.63 -21.63 19.27
N ASP B 48 22.36 -20.48 19.88
CA ASP B 48 22.63 -20.25 21.30
C ASP B 48 21.33 -19.92 22.05
N HIS B 49 21.01 -20.75 23.04
CA HIS B 49 19.87 -20.49 23.92
C HIS B 49 20.25 -19.43 24.95
N LEU B 50 19.31 -18.53 25.25
CA LEU B 50 19.61 -17.37 26.09
C LEU B 50 18.48 -16.93 27.03
N ASP B 51 18.83 -16.09 28.00
CA ASP B 51 17.87 -15.41 28.86
C ASP B 51 17.74 -13.96 28.39
N SER B 52 16.49 -13.52 28.20
CA SER B 52 16.21 -12.24 27.55
C SER B 52 16.40 -11.02 28.45
N SER B 53 15.92 -11.12 29.69
CA SER B 53 15.92 -9.99 30.64
C SER B 53 17.29 -9.30 30.76
N ASN B 54 18.33 -10.11 30.93
CA ASN B 54 19.70 -9.61 30.99
C ASN B 54 20.17 -9.25 29.59
N SER B 55 20.23 -7.95 29.31
CA SER B 55 20.59 -7.44 27.99
C SER B 55 22.03 -7.76 27.58
N PHE B 56 22.90 -7.92 28.58
CA PHE B 56 24.29 -8.33 28.36
C PHE B 56 24.34 -9.68 27.64
N SER B 57 23.54 -10.63 28.15
CA SER B 57 23.45 -11.97 27.58
C SER B 57 22.94 -11.95 26.13
N VAL B 58 22.13 -10.95 25.81
CA VAL B 58 21.57 -10.80 24.48
C VAL B 58 22.63 -10.32 23.48
N THR B 59 23.46 -9.36 23.91
CA THR B 59 24.48 -8.76 23.05
C THR B 59 25.63 -9.71 22.74
N ASN B 60 26.10 -10.44 23.77
CA ASN B 60 27.20 -11.39 23.63
C ASN B 60 26.87 -12.58 22.72
N ALA B 61 25.60 -13.00 22.75
CA ALA B 61 25.12 -14.04 21.84
C ALA B 61 25.15 -13.55 20.40
N PHE B 62 24.67 -12.33 20.19
CA PHE B 62 24.67 -11.68 18.88
C PHE B 62 26.09 -11.53 18.32
N CYS B 63 27.02 -11.12 19.18
CA CYS B 63 28.42 -10.93 18.79
C CYS B 63 29.12 -12.24 18.47
N SER B 64 28.86 -13.27 19.27
CA SER B 64 29.40 -14.61 19.03
C SER B 64 28.91 -15.17 17.71
N GLN B 65 27.67 -14.82 17.35
CA GLN B 65 27.09 -15.22 16.06
C GLN B 65 27.74 -14.44 14.92
N PHE B 66 27.92 -13.13 15.13
CA PHE B 66 28.54 -12.28 14.11
C PHE B 66 30.03 -12.60 13.90
N SER B 67 30.70 -12.99 14.98
CA SER B 67 32.11 -13.38 14.92
C SER B 67 32.30 -14.66 14.10
N ARG B 68 31.24 -15.46 14.04
CA ARG B 68 31.21 -16.66 13.23
C ARG B 68 30.85 -16.28 11.79
N GLY B 69 30.54 -15.00 11.59
CA GLY B 69 30.18 -14.47 10.28
C GLY B 69 29.00 -15.07 9.51
N VAL B 70 27.92 -15.36 10.21
CA VAL B 70 26.71 -15.89 9.56
C VAL B 70 26.12 -14.79 8.68
N TYR B 71 25.48 -15.20 7.58
CA TYR B 71 24.90 -14.25 6.62
C TYR B 71 23.48 -13.79 6.91
N ALA B 72 22.85 -14.44 7.88
CA ALA B 72 21.50 -14.09 8.34
C ALA B 72 21.29 -14.57 9.77
N ILE B 73 20.50 -13.83 10.54
CA ILE B 73 20.21 -14.21 11.92
C ILE B 73 18.71 -14.34 12.15
N PHE B 74 18.29 -15.53 12.57
CA PHE B 74 16.91 -15.76 12.98
C PHE B 74 16.84 -15.81 14.50
N GLY B 75 15.96 -14.99 15.08
CA GLY B 75 15.86 -14.89 16.53
C GLY B 75 14.51 -14.48 17.10
N PHE B 76 14.51 -14.19 18.40
CA PHE B 76 13.34 -13.76 19.14
C PHE B 76 13.70 -12.60 20.07
N TYR B 77 12.72 -11.75 20.37
CA TYR B 77 12.90 -10.68 21.36
C TYR B 77 11.63 -10.35 22.14
N ASP B 78 11.82 -9.89 23.37
CA ASP B 78 10.71 -9.37 24.19
C ASP B 78 10.69 -7.84 24.09
N GLN B 79 9.99 -7.19 25.01
CA GLN B 79 9.95 -5.72 25.06
C GLN B 79 11.32 -5.14 25.42
N MET B 80 12.08 -5.87 26.25
CA MET B 80 13.37 -5.41 26.74
C MET B 80 14.47 -5.51 25.67
N SER B 81 14.62 -6.70 25.09
CA SER B 81 15.70 -6.95 24.14
C SER B 81 15.42 -6.45 22.71
N MET B 82 14.18 -6.02 22.47
CA MET B 82 13.77 -5.54 21.14
C MET B 82 14.64 -4.41 20.60
N ASN B 83 14.75 -3.35 21.40
CA ASN B 83 15.46 -2.14 20.98
C ASN B 83 16.97 -2.33 20.79
N THR B 84 17.53 -3.33 21.47
CA THR B 84 18.96 -3.64 21.37
C THR B 84 19.30 -4.36 20.08
N LEU B 85 18.59 -5.46 19.80
CA LEU B 85 18.87 -6.30 18.62
C LEU B 85 18.58 -5.59 17.29
N THR B 86 17.59 -4.71 17.27
CA THR B 86 17.24 -3.94 16.08
C THR B 86 18.30 -2.89 15.76
N SER B 87 18.93 -2.35 16.80
CA SER B 87 19.96 -1.32 16.66
C SER B 87 21.31 -1.89 16.24
N PHE B 88 21.66 -3.07 16.75
CA PHE B 88 22.90 -3.75 16.39
C PHE B 88 22.90 -4.21 14.93
N CYS B 89 21.74 -4.62 14.44
CA CYS B 89 21.58 -5.02 13.05
C CYS B 89 21.55 -3.83 12.11
N GLY B 90 21.09 -2.69 12.62
CA GLY B 90 21.01 -1.46 11.84
C GLY B 90 22.36 -0.86 11.49
N ALA B 91 23.38 -1.19 12.28
CA ALA B 91 24.73 -0.66 12.06
C ALA B 91 25.68 -1.70 11.48
N LEU B 92 25.62 -2.92 11.99
CA LEU B 92 26.43 -4.03 11.47
C LEU B 92 25.89 -4.60 10.16
N HIS B 93 24.74 -4.10 9.73
CA HIS B 93 24.10 -4.48 8.46
C HIS B 93 23.89 -5.99 8.33
N THR B 94 23.20 -6.57 9.30
CA THR B 94 22.85 -7.99 9.26
C THR B 94 21.35 -8.15 9.43
N SER B 95 20.72 -8.78 8.45
CA SER B 95 19.27 -8.98 8.45
C SER B 95 18.81 -9.86 9.60
N PHE B 96 17.85 -9.37 10.37
CA PHE B 96 17.31 -10.10 11.51
C PHE B 96 15.89 -10.62 11.23
N VAL B 97 15.79 -11.93 11.09
CA VAL B 97 14.51 -12.59 10.84
C VAL B 97 13.90 -13.01 12.18
N THR B 98 12.62 -12.68 12.37
CA THR B 98 11.92 -12.94 13.64
C THR B 98 10.41 -13.10 13.48
N PRO B 99 9.80 -14.01 14.25
CA PRO B 99 8.35 -14.12 14.32
C PRO B 99 7.74 -13.36 15.50
N SER B 100 8.57 -12.60 16.21
CA SER B 100 8.11 -11.80 17.35
C SER B 100 7.30 -10.58 16.90
N PHE B 101 6.69 -9.89 17.86
CA PHE B 101 5.82 -8.74 17.58
C PHE B 101 6.49 -7.67 16.72
N PRO B 102 5.77 -7.12 15.71
CA PRO B 102 6.30 -6.09 14.83
C PRO B 102 6.57 -4.78 15.58
N THR B 103 7.72 -4.17 15.29
CA THR B 103 8.17 -2.95 15.96
C THR B 103 7.36 -1.74 15.49
N ASP B 104 7.11 -0.82 16.42
CA ASP B 104 6.39 0.42 16.13
C ASP B 104 7.20 1.34 15.23
N ALA B 105 8.51 1.37 15.44
CA ALA B 105 9.42 2.22 14.69
C ALA B 105 9.76 1.64 13.32
N ASP B 106 10.19 2.51 12.41
CA ASP B 106 10.68 2.10 11.10
C ASP B 106 12.15 1.70 11.18
N VAL B 107 12.41 0.55 11.81
CA VAL B 107 13.77 0.04 11.95
C VAL B 107 14.24 -0.66 10.68
N GLN B 108 15.55 -0.62 10.43
CA GLN B 108 16.11 -1.26 9.25
C GLN B 108 16.88 -2.54 9.59
N PHE B 109 17.04 -3.39 8.57
CA PHE B 109 17.67 -4.72 8.69
C PHE B 109 16.91 -5.66 9.64
N VAL B 110 15.60 -5.44 9.76
CA VAL B 110 14.72 -6.28 10.56
C VAL B 110 13.56 -6.76 9.70
N ILE B 111 13.49 -8.08 9.50
CA ILE B 111 12.42 -8.70 8.74
C ILE B 111 11.41 -9.28 9.72
N GLN B 112 10.19 -8.79 9.66
CA GLN B 112 9.14 -9.17 10.61
C GLN B 112 8.16 -10.17 10.01
N MET B 113 8.23 -11.41 10.49
CA MET B 113 7.40 -12.51 9.98
C MET B 113 5.95 -12.40 10.43
N ARG B 114 5.75 -11.95 11.67
CA ARG B 114 4.42 -11.83 12.25
C ARG B 114 3.67 -10.65 11.62
N PRO B 115 2.50 -10.92 11.02
CA PRO B 115 1.68 -9.88 10.40
C PRO B 115 1.02 -8.97 11.45
N ALA B 116 0.74 -7.73 11.04
CA ALA B 116 0.11 -6.75 11.92
C ALA B 116 -1.40 -6.97 12.03
N LEU B 117 -1.88 -7.09 13.26
CA LEU B 117 -3.31 -7.23 13.54
C LEU B 117 -4.01 -5.88 13.55
N LYS B 118 -3.23 -4.80 13.68
CA LYS B 118 -3.71 -3.42 13.78
C LYS B 118 -4.90 -3.08 12.87
N GLY B 119 -4.83 -3.56 11.63
CA GLY B 119 -5.90 -3.31 10.65
C GLY B 119 -7.09 -4.23 10.77
N ALA B 120 -6.83 -5.49 11.13
CA ALA B 120 -7.87 -6.51 11.24
C ALA B 120 -8.86 -6.22 12.36
N ILE B 121 -8.38 -5.62 13.44
CA ILE B 121 -9.21 -5.29 14.60
C ILE B 121 -10.20 -4.17 14.27
N LEU B 122 -9.69 -3.07 13.71
CA LEU B 122 -10.48 -1.87 13.42
C LEU B 122 -11.59 -2.10 12.38
N SER B 123 -11.32 -2.96 11.41
CA SER B 123 -12.30 -3.30 10.38
C SER B 123 -13.44 -4.14 10.94
N LEU B 124 -13.10 -5.03 11.86
CA LEU B 124 -14.10 -5.86 12.53
C LEU B 124 -14.89 -5.10 13.59
N LEU B 125 -14.23 -4.15 14.25
CA LEU B 125 -14.90 -3.26 15.21
C LEU B 125 -15.86 -2.30 14.52
N SER B 126 -15.60 -2.04 13.23
CA SER B 126 -16.51 -1.26 12.40
C SER B 126 -17.59 -2.16 11.80
N TYR B 127 -17.28 -3.44 11.65
CA TYR B 127 -18.24 -4.43 11.19
C TYR B 127 -19.26 -4.78 12.27
N TYR B 128 -18.76 -5.07 13.48
CA TYR B 128 -19.63 -5.37 14.62
C TYR B 128 -20.29 -4.11 15.19
N LYS B 129 -19.76 -2.94 14.80
CA LYS B 129 -20.25 -1.63 15.24
C LYS B 129 -20.19 -1.42 16.77
N TRP B 130 -19.13 -1.93 17.39
CA TRP B 130 -18.89 -1.77 18.81
C TRP B 130 -18.64 -0.31 19.16
N GLU B 131 -19.31 0.17 20.21
CA GLU B 131 -19.15 1.54 20.68
C GLU B 131 -18.83 1.63 22.17
N LYS B 132 -19.28 0.62 22.93
CA LYS B 132 -19.03 0.56 24.36
C LYS B 132 -18.39 -0.77 24.74
N PHE B 133 -17.06 -0.77 24.85
CA PHE B 133 -16.30 -1.99 25.12
C PHE B 133 -15.04 -1.75 25.95
N VAL B 134 -14.47 -2.84 26.46
CA VAL B 134 -13.26 -2.77 27.28
C VAL B 134 -12.05 -3.27 26.51
N TYR B 135 -10.91 -2.62 26.73
CA TYR B 135 -9.65 -3.03 26.11
C TYR B 135 -8.62 -3.37 27.16
N LEU B 136 -8.35 -4.67 27.32
CA LEU B 136 -7.35 -5.13 28.27
C LEU B 136 -6.06 -5.49 27.52
N TYR B 137 -4.93 -4.98 28.01
CA TYR B 137 -3.66 -5.13 27.31
C TYR B 137 -2.46 -5.32 28.24
N ASP B 138 -1.44 -6.02 27.75
CA ASP B 138 -0.13 -6.07 28.41
C ASP B 138 0.91 -5.32 27.57
N THR B 139 2.05 -5.00 28.19
CA THR B 139 3.11 -4.24 27.54
C THR B 139 3.95 -5.07 26.57
N GLU B 140 3.71 -6.38 26.59
CA GLU B 140 4.43 -7.34 25.77
C GLU B 140 4.17 -7.19 24.28
N ARG B 141 2.89 -7.05 23.93
CA ARG B 141 2.48 -6.93 22.54
C ARG B 141 3.09 -5.67 21.95
N GLY B 142 3.18 -4.63 22.77
CA GLY B 142 3.68 -3.34 22.34
C GLY B 142 2.60 -2.28 22.35
N PHE B 143 3.03 -1.02 22.42
CA PHE B 143 2.14 0.14 22.51
C PHE B 143 1.34 0.54 21.28
N SER B 144 1.71 0.03 20.11
CA SER B 144 1.08 0.47 18.87
C SER B 144 -0.43 0.22 18.78
N VAL B 145 -0.88 -0.94 19.22
CA VAL B 145 -2.29 -1.28 19.18
C VAL B 145 -3.03 -0.36 20.15
N LEU B 146 -2.42 -0.16 21.31
CA LEU B 146 -2.93 0.70 22.38
C LEU B 146 -3.16 2.13 21.88
N GLN B 147 -2.32 2.57 20.96
CA GLN B 147 -2.45 3.89 20.36
C GLN B 147 -3.36 3.85 19.13
N ALA B 148 -3.36 2.71 18.43
CA ALA B 148 -4.13 2.53 17.20
C ALA B 148 -5.61 2.67 17.51
N ILE B 149 -6.04 2.11 18.65
CA ILE B 149 -7.45 2.20 19.06
C ILE B 149 -7.93 3.66 19.33
N MET B 150 -7.11 4.37 20.10
CA MET B 150 -7.32 5.79 20.36
C MET B 150 -7.23 6.79 19.20
N GLU B 151 -6.50 6.42 18.15
CA GLU B 151 -6.35 7.23 16.94
C GLU B 151 -7.66 7.35 16.17
N ALA B 152 -8.38 6.23 16.02
CA ALA B 152 -9.56 6.16 15.18
C ALA B 152 -10.88 6.12 15.95
N ALA B 153 -10.82 5.68 17.21
CA ALA B 153 -12.03 5.56 18.06
C ALA B 153 -12.64 6.91 18.41
N VAL B 154 -11.80 7.93 18.51
CA VAL B 154 -12.27 9.27 18.82
C VAL B 154 -13.19 9.74 17.70
N GLN B 155 -12.82 9.42 16.47
CA GLN B 155 -13.62 9.82 15.32
C GLN B 155 -14.99 9.18 15.47
N ASN B 156 -14.99 7.93 15.90
CA ASN B 156 -16.24 7.21 16.13
C ASN B 156 -16.77 7.46 17.55
N ASN B 157 -15.95 8.12 18.36
CA ASN B 157 -16.34 8.48 19.73
C ASN B 157 -16.74 7.31 20.62
N TRP B 158 -16.05 6.18 20.47
CA TRP B 158 -16.35 5.00 21.27
C TRP B 158 -15.94 5.10 22.73
N GLN B 159 -16.74 4.47 23.60
CA GLN B 159 -16.43 4.36 25.02
C GLN B 159 -15.49 3.19 25.30
N VAL B 160 -14.19 3.49 25.25
CA VAL B 160 -13.14 2.49 25.46
C VAL B 160 -12.45 2.71 26.80
N THR B 161 -12.20 1.63 27.52
CA THR B 161 -11.50 1.68 28.80
C THR B 161 -10.26 0.78 28.77
N ALA B 162 -9.12 1.35 29.13
CA ALA B 162 -7.83 0.64 29.05
C ALA B 162 -7.36 0.11 30.41
N ARG B 163 -6.73 -1.07 30.38
CA ARG B 163 -6.17 -1.69 31.58
C ARG B 163 -4.84 -2.39 31.29
N SER B 164 -3.78 -1.92 31.94
CA SER B 164 -2.47 -2.55 31.87
C SER B 164 -2.41 -3.72 32.85
N VAL B 165 -2.10 -4.91 32.33
CA VAL B 165 -2.07 -6.13 33.14
C VAL B 165 -0.70 -6.82 33.16
N GLY B 166 0.27 -6.25 32.46
CA GLY B 166 1.63 -6.80 32.37
C GLY B 166 2.40 -6.74 33.68
N ASN B 167 1.95 -5.87 34.58
CA ASN B 167 2.58 -5.70 35.89
C ASN B 167 1.91 -6.55 36.97
N ILE B 168 0.64 -6.86 36.75
CA ILE B 168 -0.19 -7.59 37.71
C ILE B 168 0.22 -9.07 37.80
N LYS B 169 0.62 -9.47 39.00
CA LYS B 169 1.05 -10.83 39.27
C LYS B 169 0.01 -11.62 40.07
N ASP B 170 -0.76 -10.91 40.90
CA ASP B 170 -1.80 -11.52 41.73
C ASP B 170 -3.06 -11.82 40.93
N VAL B 171 -3.62 -13.01 41.16
CA VAL B 171 -4.78 -13.49 40.41
C VAL B 171 -6.11 -12.95 40.98
N GLN B 172 -6.07 -12.50 42.23
CA GLN B 172 -7.23 -11.88 42.88
C GLN B 172 -7.49 -10.49 42.29
N GLU B 173 -6.43 -9.84 41.85
CA GLU B 173 -6.51 -8.55 41.15
C GLU B 173 -7.24 -8.69 39.81
N PHE B 174 -7.11 -9.87 39.20
CA PHE B 174 -7.81 -10.17 37.95
C PHE B 174 -9.31 -10.36 38.13
N ARG B 175 -9.74 -10.67 39.36
CA ARG B 175 -11.16 -10.83 39.65
C ARG B 175 -11.86 -9.50 39.95
N ARG B 176 -11.09 -8.52 40.42
CA ARG B 176 -11.64 -7.24 40.86
C ARG B 176 -11.84 -6.20 39.76
N ILE B 177 -11.01 -6.24 38.71
CA ILE B 177 -11.14 -5.26 37.62
C ILE B 177 -12.31 -5.54 36.67
N ILE B 178 -12.72 -6.81 36.60
CA ILE B 178 -13.91 -7.19 35.83
C ILE B 178 -15.18 -6.67 36.51
N GLU B 179 -15.17 -6.68 37.84
CA GLU B 179 -16.25 -6.14 38.66
C GLU B 179 -16.43 -4.64 38.39
N GLU B 180 -15.31 -3.96 38.12
CA GLU B 180 -15.31 -2.53 37.82
C GLU B 180 -16.08 -2.22 36.54
N MET B 181 -15.96 -3.10 35.55
CA MET B 181 -16.63 -2.91 34.26
C MET B 181 -18.12 -3.25 34.29
N ASP B 182 -18.51 -4.12 35.22
CA ASP B 182 -19.92 -4.45 35.42
C ASP B 182 -20.69 -3.27 36.02
N ARG B 183 -19.96 -2.41 36.75
CA ARG B 183 -20.52 -1.16 37.27
C ARG B 183 -20.71 -0.16 36.12
N ARG B 184 -19.85 -0.28 35.11
CA ARG B 184 -19.97 0.52 33.89
C ARG B 184 -20.76 -0.22 32.82
N GLN B 185 -21.46 -1.28 33.24
CA GLN B 185 -22.38 -2.04 32.41
C GLN B 185 -21.74 -2.52 31.10
N GLU B 186 -20.62 -3.23 31.22
CA GLU B 186 -19.86 -3.69 30.07
C GLU B 186 -20.14 -5.14 29.75
N LYS B 187 -20.49 -5.40 28.49
CA LYS B 187 -20.75 -6.75 28.00
C LYS B 187 -19.72 -7.17 26.95
N ARG B 188 -19.00 -6.19 26.42
CA ARG B 188 -18.02 -6.43 25.35
C ARG B 188 -16.57 -6.22 25.83
N TYR B 189 -15.72 -7.19 25.50
CA TYR B 189 -14.33 -7.19 25.94
C TYR B 189 -13.36 -7.48 24.80
N LEU B 190 -12.28 -6.70 24.75
CA LEU B 190 -11.19 -6.89 23.79
C LEU B 190 -9.89 -7.18 24.54
N ILE B 191 -9.38 -8.40 24.36
CA ILE B 191 -8.19 -8.85 25.07
C ILE B 191 -6.97 -8.78 24.17
N ASP B 192 -5.94 -8.07 24.62
CA ASP B 192 -4.70 -7.91 23.87
C ASP B 192 -3.52 -8.35 24.72
N CYS B 193 -3.47 -9.65 25.02
CA CYS B 193 -2.37 -10.23 25.79
C CYS B 193 -1.75 -11.39 25.01
N GLU B 194 -0.63 -11.90 25.51
CA GLU B 194 -0.04 -13.11 24.94
C GLU B 194 -0.85 -14.35 25.32
N VAL B 195 -0.75 -15.38 24.48
CA VAL B 195 -1.49 -16.64 24.64
C VAL B 195 -1.54 -17.12 26.10
N GLU B 196 -0.36 -17.18 26.73
CA GLU B 196 -0.20 -17.69 28.09
C GLU B 196 -0.97 -16.86 29.12
N ARG B 197 -1.07 -15.56 28.88
CA ARG B 197 -1.75 -14.64 29.78
C ARG B 197 -3.26 -14.67 29.57
N ILE B 198 -3.69 -14.62 28.30
CA ILE B 198 -5.11 -14.67 27.94
C ILE B 198 -5.86 -15.80 28.65
N ASN B 199 -5.24 -16.99 28.65
CA ASN B 199 -5.83 -18.17 29.28
C ASN B 199 -6.10 -17.99 30.77
N THR B 200 -5.22 -17.26 31.46
CA THR B 200 -5.33 -17.06 32.92
C THR B 200 -6.45 -16.04 33.14
N ILE B 201 -6.64 -15.13 32.18
CA ILE B 201 -7.83 -14.24 32.20
C ILE B 201 -9.25 -14.92 32.13
N LEU B 202 -9.33 -15.84 31.16
CA LEU B 202 -10.49 -16.72 31.04
C LEU B 202 -10.84 -17.74 32.13
N GLU B 203 -9.83 -18.19 32.86
CA GLU B 203 -10.02 -19.06 34.02
C GLU B 203 -10.77 -18.34 35.14
N GLN B 204 -10.62 -17.02 35.20
CA GLN B 204 -11.30 -16.19 36.18
C GLN B 204 -12.76 -15.97 35.79
N VAL B 205 -13.05 -16.05 34.49
CA VAL B 205 -14.41 -15.93 33.96
C VAL B 205 -15.26 -17.14 34.41
N VAL B 206 -14.58 -18.25 34.64
CA VAL B 206 -15.25 -19.48 35.08
C VAL B 206 -15.51 -19.48 36.59
N ILE B 207 -14.49 -19.21 37.39
CA ILE B 207 -14.67 -19.22 38.83
C ILE B 207 -15.67 -18.17 39.27
N LEU B 208 -15.56 -16.95 38.73
CA LEU B 208 -16.53 -15.92 39.04
C LEU B 208 -17.88 -16.34 38.49
N GLY B 209 -17.87 -16.85 37.27
CA GLY B 209 -19.07 -17.32 36.61
C GLY B 209 -19.91 -16.18 36.07
N LYS B 210 -21.02 -16.52 35.42
CA LYS B 210 -21.99 -15.54 34.97
C LYS B 210 -21.44 -14.41 34.11
N HIS B 211 -20.56 -14.72 33.16
CA HIS B 211 -20.07 -13.68 32.27
C HIS B 211 -20.12 -14.11 30.81
N SER B 212 -20.75 -15.25 30.56
CA SER B 212 -20.77 -15.84 29.23
C SER B 212 -21.97 -15.36 28.42
N ARG B 213 -23.17 -15.55 28.97
CA ARG B 213 -24.41 -15.19 28.31
C ARG B 213 -24.52 -13.68 28.08
N GLY B 214 -24.66 -13.29 26.82
CA GLY B 214 -24.78 -11.89 26.43
C GLY B 214 -23.45 -11.17 26.25
N TYR B 215 -22.37 -11.83 26.68
CA TYR B 215 -21.02 -11.26 26.59
C TYR B 215 -20.35 -11.53 25.25
N HIS B 216 -19.34 -10.74 24.93
CA HIS B 216 -18.55 -10.94 23.71
C HIS B 216 -17.07 -10.71 24.00
N TYR B 217 -16.24 -11.70 23.67
CA TYR B 217 -14.80 -11.62 23.91
C TYR B 217 -14.02 -11.69 22.60
N MET B 218 -13.31 -10.60 22.29
CA MET B 218 -12.43 -10.58 21.13
C MET B 218 -10.98 -10.72 21.56
N LEU B 219 -10.36 -11.83 21.19
CA LEU B 219 -8.99 -12.12 21.57
C LEU B 219 -8.01 -11.72 20.48
N ALA B 220 -7.38 -10.56 20.67
CA ALA B 220 -6.41 -10.03 19.71
C ALA B 220 -5.07 -10.76 19.83
N ASN B 221 -5.07 -12.03 19.44
CA ASN B 221 -3.88 -12.86 19.44
C ASN B 221 -3.99 -13.95 18.37
N LEU B 222 -2.89 -14.19 17.67
CA LEU B 222 -2.88 -15.10 16.53
C LEU B 222 -2.84 -16.58 16.90
N GLY B 223 -2.45 -16.87 18.13
CA GLY B 223 -2.46 -18.24 18.65
C GLY B 223 -3.83 -18.60 19.21
N PHE B 224 -4.84 -18.58 18.34
CA PHE B 224 -6.22 -18.83 18.74
C PHE B 224 -6.48 -20.28 19.12
N THR B 225 -5.74 -21.20 18.49
CA THR B 225 -5.85 -22.63 18.79
C THR B 225 -5.27 -22.95 20.17
N ASP B 226 -4.21 -22.24 20.54
CA ASP B 226 -3.52 -22.43 21.81
C ASP B 226 -4.28 -21.81 22.99
N ILE B 227 -5.49 -21.34 22.73
CA ILE B 227 -6.35 -20.77 23.78
C ILE B 227 -7.28 -21.84 24.35
N LEU B 228 -7.46 -21.81 25.67
CA LEU B 228 -8.45 -22.65 26.35
C LEU B 228 -9.80 -21.96 26.21
N LEU B 229 -10.57 -22.36 25.20
CA LEU B 229 -11.89 -21.85 24.92
C LEU B 229 -13.20 -22.60 25.48
N GLU B 230 -12.89 -23.82 25.88
CA GLU B 230 -13.89 -24.80 26.32
C GLU B 230 -15.01 -24.44 27.28
N ARG B 231 -14.65 -23.98 28.47
CA ARG B 231 -15.62 -23.64 29.53
C ARG B 231 -16.39 -22.36 29.23
N VAL B 232 -15.79 -21.47 28.44
CA VAL B 232 -16.42 -20.21 28.04
C VAL B 232 -17.50 -20.46 26.97
N MET B 233 -17.22 -21.40 26.08
CA MET B 233 -18.12 -21.75 24.97
C MET B 233 -19.52 -22.21 25.41
N HIS B 234 -19.57 -22.97 26.49
CA HIS B 234 -20.79 -23.64 26.93
C HIS B 234 -21.71 -22.79 27.81
N GLY B 235 -21.40 -21.50 27.91
CA GLY B 235 -22.21 -20.56 28.69
C GLY B 235 -23.06 -19.64 27.83
N GLY B 236 -22.67 -19.49 26.56
CA GLY B 236 -23.41 -18.67 25.60
C GLY B 236 -22.65 -17.44 25.12
N ALA B 237 -21.32 -17.51 25.16
CA ALA B 237 -20.47 -16.40 24.77
C ALA B 237 -20.21 -16.36 23.27
N ASN B 238 -20.14 -15.14 22.73
CA ASN B 238 -19.72 -14.92 21.35
C ASN B 238 -18.23 -14.59 21.35
N ILE B 239 -17.43 -15.46 20.75
CA ILE B 239 -15.97 -15.29 20.74
C ILE B 239 -15.42 -15.12 19.33
N THR B 240 -14.80 -13.97 19.09
CA THR B 240 -14.15 -13.69 17.80
C THR B 240 -12.64 -13.78 17.97
N GLY B 241 -12.01 -14.62 17.16
CA GLY B 241 -10.57 -14.84 17.21
C GLY B 241 -9.88 -14.65 15.88
N PHE B 242 -8.54 -14.67 15.92
CA PHE B 242 -7.74 -14.41 14.73
C PHE B 242 -6.68 -15.48 14.51
N GLN B 243 -6.49 -15.85 13.24
CA GLN B 243 -5.45 -16.80 12.84
C GLN B 243 -4.79 -16.48 11.51
N ILE B 244 -3.49 -16.78 11.42
CA ILE B 244 -2.74 -16.76 10.17
C ILE B 244 -2.77 -18.08 9.31
N VAL B 245 -2.70 -19.17 10.07
CA VAL B 245 -2.77 -20.52 9.52
C VAL B 245 -4.12 -21.09 9.09
N ASN B 246 -4.18 -21.58 7.86
CA ASN B 246 -5.38 -22.23 7.34
C ASN B 246 -5.18 -23.73 7.20
N ASN B 247 -6.01 -24.51 7.89
CA ASN B 247 -5.89 -25.97 7.90
C ASN B 247 -6.36 -26.65 6.62
N GLU B 248 -7.13 -25.92 5.80
CA GLU B 248 -7.63 -26.42 4.53
C GLU B 248 -6.54 -26.46 3.46
N ASN B 249 -5.50 -25.66 3.66
CA ASN B 249 -4.36 -25.58 2.74
C ASN B 249 -3.64 -26.92 2.60
N PRO B 250 -3.57 -27.46 1.36
CA PRO B 250 -2.97 -28.76 1.08
C PRO B 250 -1.47 -28.84 1.40
N MET B 251 -0.80 -27.69 1.41
CA MET B 251 0.61 -27.61 1.74
C MET B 251 0.84 -27.78 3.25
N VAL B 252 -0.07 -27.22 4.05
CA VAL B 252 -0.02 -27.36 5.51
C VAL B 252 -0.31 -28.81 5.89
N GLN B 253 -1.33 -29.40 5.28
CA GLN B 253 -1.67 -30.81 5.46
C GLN B 253 -0.56 -31.73 4.97
N GLN B 254 0.12 -31.29 3.90
CA GLN B 254 1.31 -31.98 3.38
C GLN B 254 2.45 -31.92 4.39
N PHE B 255 2.54 -30.80 5.11
CA PHE B 255 3.57 -30.57 6.12
C PHE B 255 3.29 -31.34 7.42
N ILE B 256 2.03 -31.32 7.84
CA ILE B 256 1.61 -31.95 9.09
C ILE B 256 1.79 -33.48 9.09
N GLN B 257 1.53 -34.11 7.95
CA GLN B 257 1.71 -35.56 7.78
C GLN B 257 3.12 -36.02 8.13
N ARG B 258 4.09 -35.14 7.93
CA ARG B 258 5.48 -35.39 8.30
C ARG B 258 5.76 -34.91 9.72
N TRP B 259 5.05 -33.86 10.15
CA TRP B 259 5.32 -33.18 11.42
C TRP B 259 5.06 -34.03 12.67
N VAL B 260 4.03 -34.88 12.62
CA VAL B 260 3.67 -35.72 13.76
C VAL B 260 4.61 -36.90 13.96
N ARG B 261 5.38 -37.22 12.92
CA ARG B 261 6.25 -38.40 12.92
C ARG B 261 7.53 -38.23 13.74
N LEU B 262 7.96 -36.98 13.92
CA LEU B 262 9.28 -36.67 14.51
C LEU B 262 9.51 -37.23 15.91
N ASP B 263 10.71 -37.76 16.12
CA ASP B 263 11.14 -38.35 17.40
C ASP B 263 11.37 -37.27 18.47
N GLU B 264 10.98 -37.59 19.71
CA GLU B 264 11.03 -36.66 20.84
C GLU B 264 12.46 -36.28 21.26
N ARG B 265 13.37 -37.25 21.21
CA ARG B 265 14.77 -37.03 21.61
C ARG B 265 15.50 -36.04 20.70
N GLU B 266 15.04 -35.94 19.45
CA GLU B 266 15.62 -35.01 18.49
C GLU B 266 14.72 -33.81 18.22
N PHE B 267 13.41 -33.99 18.40
CA PHE B 267 12.42 -32.93 18.18
C PHE B 267 11.42 -32.86 19.33
N PRO B 268 11.69 -32.02 20.34
CA PRO B 268 10.77 -31.84 21.47
C PRO B 268 9.47 -31.14 21.07
N GLU B 269 8.41 -31.36 21.86
CA GLU B 269 7.11 -30.72 21.69
C GLU B 269 6.45 -30.92 20.32
N ALA B 270 7.01 -31.81 19.52
CA ALA B 270 6.49 -32.13 18.18
C ALA B 270 5.27 -33.05 18.26
N LYS B 271 5.29 -33.96 19.23
CA LYS B 271 4.22 -34.93 19.42
C LYS B 271 3.17 -34.43 20.43
N ASN B 272 3.63 -34.11 21.64
CA ASN B 272 2.74 -33.78 22.76
C ASN B 272 1.96 -32.47 22.61
N ALA B 273 2.64 -31.43 22.17
CA ALA B 273 2.02 -30.11 22.01
C ALA B 273 1.57 -29.86 20.57
N PRO B 274 0.39 -29.24 20.39
CA PRO B 274 -0.10 -28.85 19.07
C PRO B 274 0.70 -27.70 18.47
N LEU B 275 0.54 -27.48 17.16
CA LEU B 275 1.28 -26.44 16.45
C LEU B 275 0.99 -25.03 16.97
N LYS B 276 2.02 -24.40 17.52
CA LYS B 276 1.94 -22.99 17.90
C LYS B 276 2.18 -22.14 16.65
N TYR B 277 1.45 -21.03 16.53
CA TYR B 277 1.54 -20.16 15.34
C TYR B 277 2.95 -19.62 15.09
N THR B 278 3.69 -19.39 16.17
CA THR B 278 5.08 -18.92 16.08
C THR B 278 5.99 -19.98 15.47
N SER B 279 5.68 -21.25 15.75
CA SER B 279 6.43 -22.38 15.18
C SER B 279 6.18 -22.51 13.68
N ALA B 280 4.97 -22.18 13.24
CA ALA B 280 4.62 -22.18 11.81
C ALA B 280 5.36 -21.06 11.08
N LEU B 281 5.49 -19.91 11.76
CA LEU B 281 6.22 -18.76 11.23
C LEU B 281 7.72 -19.02 11.18
N THR B 282 8.21 -19.82 12.12
CA THR B 282 9.62 -20.25 12.16
C THR B 282 9.98 -20.98 10.86
N HIS B 283 9.13 -21.93 10.47
CA HIS B 283 9.29 -22.68 9.23
C HIS B 283 9.23 -21.76 8.01
N ASP B 284 8.21 -20.88 7.98
CA ASP B 284 8.01 -19.94 6.88
C ASP B 284 9.11 -18.88 6.79
N ALA B 285 9.81 -18.65 7.90
CA ALA B 285 10.96 -17.76 7.94
C ALA B 285 12.13 -18.35 7.16
N ILE B 286 12.31 -19.67 7.28
CA ILE B 286 13.31 -20.40 6.49
C ILE B 286 12.99 -20.33 5.00
N LEU B 287 11.70 -20.44 4.66
CA LEU B 287 11.24 -20.37 3.28
C LEU B 287 11.62 -19.06 2.58
N VAL B 288 11.63 -17.97 3.35
CA VAL B 288 12.04 -16.67 2.86
C VAL B 288 13.55 -16.63 2.64
N ILE B 289 14.31 -17.07 3.65
CA ILE B 289 15.78 -17.10 3.59
C ILE B 289 16.27 -17.97 2.42
N ALA B 290 15.63 -19.14 2.25
CA ALA B 290 15.97 -20.06 1.16
C ALA B 290 15.72 -19.45 -0.22
N GLU B 291 14.56 -18.80 -0.38
CA GLU B 291 14.17 -18.19 -1.65
C GLU B 291 15.03 -16.97 -2.01
N ALA B 292 15.46 -16.24 -0.98
CA ALA B 292 16.30 -15.07 -1.17
C ALA B 292 17.71 -15.43 -1.64
N PHE B 293 18.27 -16.49 -1.06
CA PHE B 293 19.62 -16.94 -1.41
C PHE B 293 19.78 -17.70 -2.73
N ARG B 294 18.70 -18.33 -3.19
CA ARG B 294 18.66 -18.91 -4.53
C ARG B 294 18.56 -17.82 -5.60
N TYR B 295 17.94 -16.72 -5.21
CA TYR B 295 17.85 -15.51 -6.03
C TYR B 295 19.23 -14.88 -6.08
N LEU B 296 19.99 -15.04 -4.99
CA LEU B 296 21.35 -14.51 -4.88
C LEU B 296 22.34 -15.23 -5.81
N ARG B 297 22.19 -16.55 -5.94
CA ARG B 297 23.00 -17.32 -6.86
C ARG B 297 22.47 -17.16 -8.29
N ARG B 298 21.21 -16.75 -8.41
CA ARG B 298 20.58 -16.45 -9.70
C ARG B 298 21.15 -15.15 -10.28
N GLN B 299 21.49 -14.22 -9.37
CA GLN B 299 22.14 -12.96 -9.75
C GLN B 299 23.66 -13.14 -9.81
N ARG B 300 24.13 -14.26 -9.28
CA ARG B 300 25.56 -14.60 -9.21
C ARG B 300 26.35 -13.51 -8.48
N VAL B 301 25.92 -13.22 -7.26
CA VAL B 301 26.54 -12.17 -6.44
C VAL B 301 27.39 -12.79 -5.32
N ASP B 302 28.68 -12.43 -5.34
CA ASP B 302 29.60 -12.81 -4.27
C ASP B 302 29.18 -12.10 -2.99
N VAL B 303 28.61 -12.88 -2.06
CA VAL B 303 28.03 -12.34 -0.83
C VAL B 303 29.07 -11.80 0.14
N SER B 304 28.79 -10.60 0.66
CA SER B 304 29.69 -9.89 1.57
C SER B 304 29.25 -10.03 3.03
N GLY B 310 34.43 -10.57 11.40
CA GLY B 310 34.16 -9.22 11.89
C GLY B 310 34.08 -9.13 13.41
N ASP B 311 34.01 -7.90 13.91
CA ASP B 311 33.94 -7.64 15.35
C ASP B 311 32.91 -6.55 15.68
N CYS B 312 32.34 -6.58 16.89
CA CYS B 312 31.34 -5.58 17.26
C CYS B 312 31.96 -4.27 17.80
N LEU B 313 32.59 -3.48 16.93
CA LEU B 313 33.12 -2.20 17.36
C LEU B 313 32.64 -0.97 16.59
N ALA B 314 31.91 -0.10 17.28
CA ALA B 314 31.37 1.14 16.69
C ALA B 314 32.43 2.15 16.26
N ASN B 315 33.44 2.36 17.10
CA ASN B 315 34.46 3.37 16.89
C ASN B 315 35.31 3.13 15.64
N PRO B 316 35.61 1.88 15.38
CA PRO B 316 36.41 1.50 14.22
C PRO B 316 35.65 1.90 12.97
N ALA B 317 34.34 1.78 13.04
CA ALA B 317 33.48 2.08 11.90
C ALA B 317 33.07 0.74 11.29
N VAL B 318 32.02 0.75 10.50
CA VAL B 318 31.51 -0.49 9.94
C VAL B 318 31.54 -0.51 8.41
N PRO B 319 31.94 -1.64 7.87
CA PRO B 319 32.00 -1.80 6.42
C PRO B 319 30.60 -1.60 5.87
N TRP B 320 30.47 -0.91 4.75
CA TRP B 320 29.15 -0.61 4.20
C TRP B 320 28.86 -1.44 2.94
N SER B 321 29.90 -1.86 2.23
CA SER B 321 29.76 -2.73 1.05
C SER B 321 29.11 -4.07 1.40
N GLN B 322 29.23 -4.46 2.67
CA GLN B 322 28.59 -5.65 3.20
C GLN B 322 27.12 -5.38 3.55
N GLY B 323 26.34 -6.45 3.70
CA GLY B 323 25.02 -6.38 4.33
C GLY B 323 23.87 -5.81 3.53
N ILE B 324 24.09 -4.64 2.93
CA ILE B 324 23.04 -3.93 2.18
C ILE B 324 22.47 -4.78 1.04
N ASP B 325 23.33 -5.61 0.45
CA ASP B 325 22.98 -6.45 -0.70
C ASP B 325 21.88 -7.49 -0.43
N ILE B 326 21.87 -8.10 0.76
CA ILE B 326 20.89 -9.15 1.06
C ILE B 326 19.48 -8.66 1.39
N GLU B 327 19.38 -7.49 2.04
CA GLU B 327 18.09 -6.88 2.38
C GLU B 327 17.18 -6.64 1.18
N ARG B 328 17.78 -6.22 0.07
CA ARG B 328 17.04 -5.92 -1.16
C ARG B 328 16.44 -7.17 -1.80
N ALA B 329 17.08 -8.32 -1.54
CA ALA B 329 16.65 -9.59 -2.12
C ALA B 329 15.81 -10.44 -1.16
N LEU B 330 15.99 -10.21 0.14
CA LEU B 330 15.20 -10.88 1.16
C LEU B 330 13.76 -10.35 1.19
N LYS B 331 13.62 -9.04 0.95
CA LYS B 331 12.33 -8.36 1.08
C LYS B 331 11.61 -8.27 -0.26
N MET B 332 12.18 -8.87 -1.30
CA MET B 332 11.54 -8.92 -2.63
C MET B 332 10.83 -10.22 -3.00
N VAL B 333 10.98 -11.22 -2.13
CA VAL B 333 10.39 -12.54 -2.35
C VAL B 333 8.88 -12.62 -2.21
N GLN B 334 8.26 -13.49 -3.00
CA GLN B 334 6.82 -13.71 -2.96
C GLN B 334 6.54 -15.21 -2.89
N VAL B 335 6.66 -15.79 -1.69
CA VAL B 335 6.48 -17.22 -1.54
C VAL B 335 5.20 -17.64 -0.84
N GLN B 336 4.50 -18.57 -1.49
CA GLN B 336 3.24 -19.12 -1.02
C GLN B 336 3.52 -20.24 -0.01
N GLY B 337 3.56 -19.88 1.27
CA GLY B 337 3.84 -20.83 2.33
C GLY B 337 2.60 -21.19 3.14
N MET B 338 2.83 -21.70 4.35
CA MET B 338 1.76 -22.09 5.27
C MET B 338 1.07 -20.81 5.71
N THR B 339 1.87 -19.77 5.91
CA THR B 339 1.35 -18.47 6.29
C THR B 339 0.77 -17.57 5.18
N GLY B 340 -0.23 -18.10 4.49
CA GLY B 340 -0.90 -17.36 3.43
C GLY B 340 0.16 -16.96 2.44
N ASN B 341 0.18 -15.66 2.10
CA ASN B 341 1.16 -15.12 1.18
C ASN B 341 2.16 -14.27 1.93
N ILE B 342 3.45 -14.54 1.69
CA ILE B 342 4.52 -13.88 2.43
C ILE B 342 5.18 -12.78 1.59
N GLN B 343 4.87 -11.53 1.93
CA GLN B 343 5.48 -10.35 1.31
C GLN B 343 5.82 -9.29 2.35
N PHE B 344 6.83 -8.47 2.06
CA PHE B 344 7.29 -7.43 2.98
C PHE B 344 7.32 -6.03 2.33
N ASP B 345 7.21 -5.00 3.16
CA ASP B 345 7.40 -3.62 2.71
C ASP B 345 8.86 -3.21 2.83
N THR B 346 9.13 -1.90 2.79
CA THR B 346 10.50 -1.39 2.88
C THR B 346 11.12 -1.53 4.28
N TYR B 347 10.28 -1.60 5.31
CA TYR B 347 10.75 -1.66 6.69
C TYR B 347 10.76 -3.08 7.27
N GLY B 348 10.28 -4.05 6.49
CA GLY B 348 10.29 -5.45 6.91
C GLY B 348 8.95 -5.98 7.39
N ARG B 349 7.98 -5.09 7.54
CA ARG B 349 6.62 -5.46 7.95
C ARG B 349 5.94 -6.31 6.89
N ARG B 350 5.06 -7.21 7.32
CA ARG B 350 4.31 -8.07 6.41
C ARG B 350 3.27 -7.29 5.60
N THR B 351 3.03 -7.76 4.37
CA THR B 351 1.96 -7.23 3.52
C THR B 351 1.42 -8.36 2.62
N ASN B 352 0.27 -8.11 2.00
CA ASN B 352 -0.41 -9.10 1.16
C ASN B 352 -0.66 -10.42 1.90
N TYR B 353 -1.21 -10.30 3.11
CA TYR B 353 -1.51 -11.47 3.94
C TYR B 353 -3.01 -11.62 4.19
N THR B 354 -3.46 -12.87 4.21
CA THR B 354 -4.86 -13.17 4.50
C THR B 354 -4.97 -13.63 5.96
N ILE B 355 -5.81 -12.92 6.72
CA ILE B 355 -6.08 -13.29 8.10
C ILE B 355 -7.44 -13.97 8.20
N ASP B 356 -7.42 -15.23 8.62
CA ASP B 356 -8.65 -16.01 8.77
C ASP B 356 -9.37 -15.62 10.05
N VAL B 357 -10.60 -15.13 9.90
CA VAL B 357 -11.42 -14.69 11.04
C VAL B 357 -12.34 -15.84 11.48
N TYR B 358 -12.29 -16.17 12.76
CA TYR B 358 -13.10 -17.25 13.32
C TYR B 358 -14.13 -16.72 14.32
N GLU B 359 -15.38 -17.11 14.13
CA GLU B 359 -16.46 -16.80 15.06
C GLU B 359 -16.89 -18.06 15.81
N MET B 360 -16.64 -18.08 17.12
CA MET B 360 -17.08 -19.19 17.97
C MET B 360 -18.22 -18.72 18.88
N LYS B 361 -19.42 -19.20 18.58
CA LYS B 361 -20.63 -18.79 19.29
C LYS B 361 -21.41 -19.98 19.84
N VAL B 362 -22.46 -19.69 20.62
CA VAL B 362 -23.37 -20.70 21.14
C VAL B 362 -24.22 -21.32 20.02
N SER B 363 -24.64 -20.47 19.07
CA SER B 363 -25.43 -20.95 17.94
C SER B 363 -24.61 -21.87 17.06
N GLY B 364 -23.37 -21.47 16.80
CA GLY B 364 -22.49 -22.26 15.96
C GLY B 364 -21.02 -21.92 16.11
N SER B 365 -20.16 -22.82 15.65
CA SER B 365 -18.73 -22.58 15.61
C SER B 365 -18.31 -22.66 14.16
N ARG B 366 -17.61 -21.66 13.66
CA ARG B 366 -17.23 -21.64 12.25
C ARG B 366 -16.18 -20.58 11.92
N LYS B 367 -15.72 -20.59 10.67
CA LYS B 367 -14.88 -19.54 10.13
C LYS B 367 -15.78 -18.43 9.58
N ALA B 368 -15.64 -17.23 10.15
CA ALA B 368 -16.50 -16.09 9.79
C ALA B 368 -16.16 -15.49 8.43
N GLY B 369 -14.87 -15.29 8.17
CA GLY B 369 -14.42 -14.70 6.91
C GLY B 369 -12.92 -14.50 6.84
N TYR B 370 -12.48 -13.77 5.82
CA TYR B 370 -11.06 -13.49 5.62
C TYR B 370 -10.75 -12.00 5.65
N TRP B 371 -9.51 -11.66 5.97
CA TRP B 371 -9.07 -10.28 6.03
C TRP B 371 -7.81 -10.03 5.22
N ASN B 372 -7.90 -9.10 4.26
CA ASN B 372 -6.74 -8.57 3.56
C ASN B 372 -6.84 -7.05 3.44
N GLU B 373 -5.67 -6.38 3.42
CA GLU B 373 -5.58 -4.92 3.52
C GLU B 373 -6.50 -4.13 2.59
N TYR B 374 -6.78 -4.67 1.41
CA TYR B 374 -7.59 -3.98 0.40
C TYR B 374 -9.09 -4.09 0.67
N GLU B 375 -9.57 -5.33 0.78
CA GLU B 375 -11.01 -5.59 0.94
C GLU B 375 -11.49 -5.55 2.39
N ARG B 376 -10.57 -5.19 3.30
CA ARG B 376 -10.84 -5.17 4.75
C ARG B 376 -11.37 -6.52 5.23
N PHE B 377 -12.57 -6.53 5.83
CA PHE B 377 -13.18 -7.77 6.29
C PHE B 377 -14.31 -8.23 5.37
N VAL B 378 -14.22 -9.49 4.94
CA VAL B 378 -15.26 -10.10 4.10
C VAL B 378 -15.94 -11.23 4.89
N PRO B 379 -17.25 -11.09 5.16
CA PRO B 379 -18.00 -12.04 6.00
C PRO B 379 -18.71 -13.16 5.23
N PHE B 380 -18.36 -13.33 3.95
CA PHE B 380 -19.02 -14.27 3.04
C PHE B 380 -20.51 -13.95 2.83
N PRO C 3 26.48 6.54 -7.10
CA PRO C 3 27.02 7.28 -8.25
C PRO C 3 26.68 8.77 -8.22
N ASN C 4 27.53 9.59 -8.86
CA ASN C 4 27.36 11.04 -8.89
C ASN C 4 26.36 11.58 -9.92
N THR C 5 25.88 10.70 -10.80
CA THR C 5 24.93 11.11 -11.85
C THR C 5 23.90 10.01 -12.12
N ILE C 6 22.63 10.42 -12.23
CA ILE C 6 21.54 9.52 -12.57
C ILE C 6 20.77 10.09 -13.77
N SER C 7 20.59 9.26 -14.80
CA SER C 7 19.84 9.66 -15.98
C SER C 7 18.43 9.06 -15.98
N ILE C 8 17.44 9.87 -16.35
CA ILE C 8 16.08 9.38 -16.39
C ILE C 8 15.55 9.46 -17.82
N GLY C 9 14.96 8.37 -18.29
CA GLY C 9 14.42 8.33 -19.64
C GLY C 9 13.23 9.23 -19.83
N GLY C 10 13.12 9.83 -21.01
CA GLY C 10 12.02 10.72 -21.32
C GLY C 10 11.23 10.29 -22.54
N LEU C 11 9.91 10.25 -22.40
CA LEU C 11 9.03 9.92 -23.51
C LEU C 11 7.96 10.98 -23.62
N PHE C 12 7.68 11.45 -24.84
CA PHE C 12 6.65 12.45 -25.05
C PHE C 12 5.80 12.13 -26.29
N MET C 13 4.50 12.37 -26.17
CA MET C 13 3.55 12.12 -27.26
C MET C 13 3.38 13.36 -28.13
N ARG C 14 2.27 13.43 -28.86
CA ARG C 14 1.90 14.60 -29.63
C ARG C 14 1.17 15.62 -28.74
N ASN C 15 1.29 16.90 -29.11
CA ASN C 15 0.63 18.01 -28.40
C ASN C 15 1.08 18.21 -26.95
N THR C 16 2.36 17.96 -26.69
CA THR C 16 2.92 18.10 -25.34
C THR C 16 4.16 18.98 -25.36
N VAL C 17 4.00 20.21 -25.83
CA VAL C 17 5.12 21.16 -25.92
C VAL C 17 5.31 21.92 -24.61
N GLN C 18 4.20 22.37 -24.01
CA GLN C 18 4.22 23.03 -22.71
C GLN C 18 4.87 22.17 -21.63
N GLU C 19 4.63 20.87 -21.71
CA GLU C 19 5.19 19.91 -20.78
C GLU C 19 6.67 19.68 -21.05
N HIS C 20 7.04 19.70 -22.32
CA HIS C 20 8.42 19.45 -22.75
C HIS C 20 9.40 20.44 -22.13
N SER C 21 9.04 21.72 -22.17
CA SER C 21 9.89 22.78 -21.62
C SER C 21 9.81 22.83 -20.10
N ALA C 22 8.67 22.43 -19.55
CA ALA C 22 8.47 22.36 -18.10
C ALA C 22 9.25 21.20 -17.49
N PHE C 23 9.39 20.13 -18.27
CA PHE C 23 10.24 18.98 -17.91
C PHE C 23 11.70 19.40 -18.00
N ARG C 24 12.03 20.22 -18.99
CA ARG C 24 13.38 20.73 -19.18
C ARG C 24 13.80 21.71 -18.09
N PHE C 25 12.94 22.68 -17.80
CA PHE C 25 13.25 23.75 -16.85
C PHE C 25 13.42 23.25 -15.42
N ALA C 26 12.63 22.22 -15.06
CA ALA C 26 12.71 21.61 -13.73
C ALA C 26 14.07 20.97 -13.45
N VAL C 27 14.72 20.51 -14.52
CA VAL C 27 16.07 19.96 -14.43
C VAL C 27 17.10 21.08 -14.28
N GLN C 28 16.91 22.18 -15.01
CA GLN C 28 17.81 23.33 -14.95
C GLN C 28 17.82 23.99 -13.57
N LEU C 29 16.68 23.98 -12.89
CA LEU C 29 16.59 24.42 -11.49
C LEU C 29 17.41 23.50 -10.59
N TYR C 30 17.29 22.20 -10.82
CA TYR C 30 17.96 21.19 -10.01
C TYR C 30 19.46 21.14 -10.25
N ASN C 31 19.88 21.36 -11.49
CA ASN C 31 21.30 21.34 -11.87
C ASN C 31 22.10 22.53 -11.34
N THR C 32 21.40 23.60 -10.99
CA THR C 32 22.00 24.74 -10.30
C THR C 32 21.83 24.49 -8.81
N ASN C 33 22.93 24.10 -8.16
CA ASN C 33 22.99 24.01 -6.68
C ASN C 33 24.53 24.03 -6.49
N GLN C 34 24.99 24.70 -5.42
CA GLN C 34 24.13 25.16 -4.34
C GLN C 34 23.89 24.15 -3.21
N ASN C 35 24.62 23.03 -3.24
CA ASN C 35 24.51 22.03 -2.19
C ASN C 35 25.16 20.71 -2.56
N PRO C 40 23.24 17.49 -4.75
CA PRO C 40 24.12 16.42 -4.27
C PRO C 40 24.66 15.57 -5.42
N PHE C 41 23.83 15.35 -6.44
CA PHE C 41 24.22 14.60 -7.63
C PHE C 41 23.62 15.20 -8.90
N HIS C 42 24.34 15.09 -10.00
CA HIS C 42 23.89 15.65 -11.28
C HIS C 42 22.79 14.80 -11.91
N LEU C 43 21.89 15.46 -12.64
CA LEU C 43 20.79 14.76 -13.30
C LEU C 43 20.87 14.87 -14.83
N ASN C 44 20.52 13.78 -15.51
CA ASN C 44 20.45 13.75 -16.97
C ASN C 44 19.14 13.18 -17.47
N TYR C 45 18.81 13.47 -18.74
CA TYR C 45 17.58 12.98 -19.35
C TYR C 45 17.70 12.81 -20.87
N HIS C 46 17.02 11.79 -21.39
CA HIS C 46 16.97 11.53 -22.83
C HIS C 46 15.53 11.58 -23.32
N VAL C 47 15.31 12.33 -24.41
CA VAL C 47 13.96 12.60 -24.93
C VAL C 47 13.68 11.82 -26.22
N ASP C 48 12.55 11.10 -26.22
CA ASP C 48 12.08 10.42 -27.42
C ASP C 48 10.69 10.90 -27.82
N HIS C 49 10.56 11.33 -29.08
CA HIS C 49 9.29 11.83 -29.61
C HIS C 49 8.56 10.71 -30.36
N LEU C 50 7.50 10.19 -29.74
CA LEU C 50 6.81 9.01 -30.25
C LEU C 50 5.42 9.30 -30.81
N ASP C 51 4.82 8.28 -31.43
CA ASP C 51 3.45 8.36 -31.93
C ASP C 51 2.51 7.64 -30.94
N SER C 52 1.43 8.32 -30.57
CA SER C 52 0.51 7.84 -29.54
C SER C 52 -0.28 6.62 -29.97
N SER C 53 -1.04 6.75 -31.05
CA SER C 53 -1.93 5.69 -31.54
C SER C 53 -1.18 4.41 -31.92
N ASN C 54 -0.08 4.59 -32.66
CA ASN C 54 0.75 3.46 -33.08
C ASN C 54 1.48 2.84 -31.90
N SER C 55 1.16 1.57 -31.61
CA SER C 55 1.75 0.85 -30.50
C SER C 55 3.10 0.23 -30.88
N PHE C 56 3.57 0.53 -32.10
CA PHE C 56 4.86 0.05 -32.58
C PHE C 56 6.00 0.98 -32.17
N SER C 57 5.79 2.28 -32.34
CA SER C 57 6.79 3.30 -32.01
C SER C 57 7.02 3.39 -30.50
N VAL C 58 5.98 3.07 -29.73
CA VAL C 58 6.05 3.08 -28.27
C VAL C 58 7.07 2.06 -27.78
N THR C 59 6.96 0.81 -28.26
CA THR C 59 7.91 -0.24 -27.92
C THR C 59 9.33 0.11 -28.38
N ASN C 60 9.43 0.68 -29.58
CA ASN C 60 10.71 1.12 -30.13
C ASN C 60 11.37 2.19 -29.27
N ALA C 61 10.60 3.20 -28.89
CA ALA C 61 11.10 4.29 -28.04
C ALA C 61 11.37 3.82 -26.61
N PHE C 62 10.63 2.80 -26.16
CA PHE C 62 10.82 2.25 -24.83
C PHE C 62 12.10 1.41 -24.74
N CYS C 63 12.32 0.54 -25.73
CA CYS C 63 13.51 -0.32 -25.75
C CYS C 63 14.78 0.46 -26.07
N SER C 64 14.62 1.63 -26.71
CA SER C 64 15.73 2.55 -26.94
C SER C 64 16.11 3.22 -25.62
N GLN C 65 15.11 3.53 -24.80
CA GLN C 65 15.33 4.11 -23.47
C GLN C 65 15.96 3.11 -22.52
N PHE C 66 15.55 1.84 -22.63
CA PHE C 66 16.00 0.80 -21.72
C PHE C 66 17.42 0.32 -22.02
N SER C 67 17.77 0.27 -23.29
CA SER C 67 19.11 -0.18 -23.67
C SER C 67 20.10 0.77 -23.04
N ARG C 68 19.74 2.05 -23.06
CA ARG C 68 20.52 3.07 -22.38
C ARG C 68 20.44 2.74 -20.90
N GLY C 69 19.42 1.97 -20.54
CA GLY C 69 19.19 1.58 -19.17
C GLY C 69 18.95 2.70 -18.17
N VAL C 70 18.18 3.68 -18.58
CA VAL C 70 17.87 4.81 -17.71
C VAL C 70 17.16 4.34 -16.44
N TYR C 71 17.50 4.96 -15.32
CA TYR C 71 16.98 4.61 -14.01
C TYR C 71 15.45 4.69 -13.85
N ALA C 72 14.88 5.78 -14.34
CA ALA C 72 13.42 5.99 -14.24
C ALA C 72 12.90 6.65 -15.50
N ILE C 73 11.85 6.08 -16.08
CA ILE C 73 11.27 6.60 -17.33
C ILE C 73 10.07 7.49 -17.04
N PHE C 74 10.13 8.72 -17.55
CA PHE C 74 9.02 9.66 -17.48
C PHE C 74 8.35 9.75 -18.86
N GLY C 75 7.03 9.93 -18.86
CA GLY C 75 6.29 10.08 -20.10
C GLY C 75 4.78 10.14 -19.97
N PHE C 76 4.10 10.07 -21.11
CA PHE C 76 2.65 10.13 -21.20
C PHE C 76 2.16 8.90 -21.96
N TYR C 77 0.87 8.59 -21.82
CA TYR C 77 0.26 7.50 -22.60
C TYR C 77 -1.16 7.79 -23.09
N ASP C 78 -1.36 7.52 -24.38
CA ASP C 78 -2.68 7.44 -24.97
C ASP C 78 -3.28 6.09 -24.60
N GLN C 79 -4.59 5.96 -24.72
CA GLN C 79 -5.30 4.72 -24.37
C GLN C 79 -4.85 3.51 -25.19
N MET C 80 -4.37 3.75 -26.40
CA MET C 80 -3.83 2.70 -27.26
C MET C 80 -2.39 2.35 -26.90
N SER C 81 -1.76 3.21 -26.10
CA SER C 81 -0.36 3.03 -25.69
C SER C 81 -0.20 2.69 -24.21
N MET C 82 -1.24 2.94 -23.42
CA MET C 82 -1.21 2.67 -21.97
C MET C 82 -1.06 1.17 -21.69
N ASN C 83 -1.65 0.34 -22.54
CA ASN C 83 -1.56 -1.11 -22.42
C ASN C 83 -0.15 -1.63 -22.71
N THR C 84 0.61 -0.84 -23.46
CA THR C 84 1.99 -1.19 -23.83
C THR C 84 2.96 -0.99 -22.66
N LEU C 85 2.92 0.19 -22.05
CA LEU C 85 3.87 0.53 -20.98
C LEU C 85 3.56 -0.15 -19.64
N THR C 86 2.28 -0.39 -19.36
CA THR C 86 1.87 -1.06 -18.12
C THR C 86 2.43 -2.47 -17.99
N SER C 87 2.45 -3.20 -19.10
CA SER C 87 3.03 -4.54 -19.16
C SER C 87 4.56 -4.49 -19.16
N PHE C 88 5.12 -3.57 -19.95
CA PHE C 88 6.56 -3.46 -20.14
C PHE C 88 7.31 -2.97 -18.91
N CYS C 89 6.75 -1.98 -18.22
CA CYS C 89 7.35 -1.46 -16.98
C CYS C 89 7.31 -2.49 -15.86
N GLY C 90 6.26 -3.30 -15.83
CA GLY C 90 6.10 -4.34 -14.83
C GLY C 90 7.04 -5.52 -15.03
N ALA C 91 7.22 -5.92 -16.29
CA ALA C 91 8.02 -7.10 -16.62
C ALA C 91 9.53 -6.81 -16.66
N LEU C 92 9.92 -5.71 -17.29
CA LEU C 92 11.34 -5.33 -17.35
C LEU C 92 11.81 -4.55 -16.12
N HIS C 93 10.89 -4.35 -15.17
CA HIS C 93 11.16 -3.68 -13.89
C HIS C 93 11.80 -2.30 -14.05
N THR C 94 11.03 -1.35 -14.56
CA THR C 94 11.51 0.01 -14.73
C THR C 94 10.38 0.97 -14.37
N SER C 95 10.61 1.80 -13.35
CA SER C 95 9.60 2.70 -12.81
C SER C 95 9.18 3.78 -13.82
N PHE C 96 7.86 4.00 -13.90
CA PHE C 96 7.29 4.97 -14.83
C PHE C 96 6.59 6.13 -14.12
N VAL C 97 6.83 7.35 -14.60
CA VAL C 97 6.22 8.55 -14.05
C VAL C 97 5.35 9.23 -15.11
N THR C 98 4.12 9.56 -14.74
CA THR C 98 3.14 10.09 -15.69
C THR C 98 2.13 11.09 -15.11
N PRO C 99 1.96 12.25 -15.77
CA PRO C 99 0.90 13.20 -15.47
C PRO C 99 -0.38 12.85 -16.24
N SER C 100 -0.32 11.81 -17.07
CA SER C 100 -1.48 11.37 -17.85
C SER C 100 -2.46 10.59 -16.97
N PHE C 101 -3.58 10.18 -17.57
CA PHE C 101 -4.71 9.58 -16.83
C PHE C 101 -4.31 8.40 -15.94
N PRO C 102 -4.97 8.29 -14.76
CA PRO C 102 -4.76 7.16 -13.86
C PRO C 102 -5.30 5.83 -14.40
N THR C 103 -4.57 4.75 -14.15
CA THR C 103 -4.91 3.41 -14.64
C THR C 103 -6.17 2.86 -13.98
N ASP C 104 -6.95 2.12 -14.75
CA ASP C 104 -8.16 1.47 -14.25
C ASP C 104 -7.82 0.23 -13.42
N ALA C 105 -6.95 -0.61 -13.97
CA ALA C 105 -6.55 -1.88 -13.33
C ALA C 105 -5.45 -1.68 -12.29
N ASP C 106 -5.32 -2.65 -11.39
CA ASP C 106 -4.31 -2.62 -10.34
C ASP C 106 -2.97 -3.13 -10.88
N VAL C 107 -2.09 -2.19 -11.22
CA VAL C 107 -0.80 -2.53 -11.81
C VAL C 107 0.39 -2.03 -10.98
N GLN C 108 1.57 -2.59 -11.24
CA GLN C 108 2.79 -2.22 -10.54
C GLN C 108 3.79 -1.50 -11.46
N PHE C 109 4.77 -0.85 -10.84
CA PHE C 109 5.84 -0.11 -11.54
C PHE C 109 5.49 1.11 -12.40
N VAL C 110 4.56 1.92 -11.89
CA VAL C 110 4.23 3.23 -12.44
C VAL C 110 3.78 4.13 -11.31
N ILE C 111 4.24 5.38 -11.31
CA ILE C 111 3.88 6.34 -10.28
C ILE C 111 3.06 7.44 -10.94
N GLN C 112 1.75 7.37 -10.74
CA GLN C 112 0.80 8.26 -11.41
C GLN C 112 0.67 9.60 -10.69
N MET C 113 1.22 10.64 -11.33
CA MET C 113 1.25 11.99 -10.76
C MET C 113 -0.15 12.60 -10.65
N ARG C 114 -0.95 12.41 -11.70
CA ARG C 114 -2.31 12.94 -11.75
C ARG C 114 -3.17 12.29 -10.67
N PRO C 115 -3.73 13.11 -9.76
CA PRO C 115 -4.60 12.63 -8.68
C PRO C 115 -5.91 12.00 -9.18
N ALA C 116 -6.66 11.39 -8.25
CA ALA C 116 -7.88 10.67 -8.59
C ALA C 116 -9.08 11.59 -8.89
N LEU C 117 -9.49 11.59 -10.17
CA LEU C 117 -10.67 12.35 -10.62
C LEU C 117 -11.97 11.73 -10.11
N LYS C 118 -11.98 10.40 -10.06
CA LYS C 118 -13.13 9.60 -9.63
C LYS C 118 -13.68 10.00 -8.24
N GLY C 119 -12.77 10.27 -7.31
CA GLY C 119 -13.12 10.54 -5.92
C GLY C 119 -14.01 11.74 -5.67
N ALA C 120 -13.57 12.90 -6.18
CA ALA C 120 -14.25 14.16 -5.91
C ALA C 120 -15.72 14.21 -6.35
N ILE C 121 -16.02 13.49 -7.44
CA ILE C 121 -17.37 13.50 -8.04
C ILE C 121 -18.41 12.85 -7.13
N LEU C 122 -18.00 11.79 -6.43
CA LEU C 122 -18.91 10.98 -5.61
C LEU C 122 -19.48 11.68 -4.38
N SER C 123 -18.84 12.79 -3.99
CA SER C 123 -19.30 13.57 -2.84
C SER C 123 -19.92 14.89 -3.25
N LEU C 124 -19.47 15.42 -4.39
CA LEU C 124 -19.91 16.72 -4.88
C LEU C 124 -21.30 16.69 -5.53
N LEU C 125 -21.71 15.52 -6.00
CA LEU C 125 -23.04 15.35 -6.58
C LEU C 125 -24.13 15.28 -5.50
N SER C 126 -23.73 14.93 -4.28
CA SER C 126 -24.65 14.85 -3.15
C SER C 126 -24.81 16.20 -2.44
N TYR C 127 -23.83 17.08 -2.63
CA TYR C 127 -23.88 18.44 -2.10
C TYR C 127 -24.86 19.31 -2.90
N TYR C 128 -25.09 18.92 -4.15
CA TYR C 128 -26.04 19.63 -5.04
C TYR C 128 -27.41 18.95 -5.10
N LYS C 129 -27.51 17.75 -4.52
CA LYS C 129 -28.74 16.93 -4.54
C LYS C 129 -29.18 16.54 -5.96
N TRP C 130 -28.20 16.23 -6.81
CA TRP C 130 -28.46 15.82 -8.18
C TRP C 130 -28.93 14.37 -8.25
N GLU C 131 -29.90 14.12 -9.14
CA GLU C 131 -30.52 12.80 -9.26
C GLU C 131 -30.78 12.39 -10.71
N LYS C 132 -30.89 13.38 -11.60
CA LYS C 132 -31.08 13.13 -13.03
C LYS C 132 -30.20 14.08 -13.84
N PHE C 133 -29.25 13.50 -14.57
CA PHE C 133 -28.33 14.27 -15.41
C PHE C 133 -27.84 13.51 -16.64
N VAL C 134 -27.16 14.23 -17.53
CA VAL C 134 -26.56 13.64 -18.73
C VAL C 134 -25.07 13.48 -18.51
N TYR C 135 -24.51 12.36 -18.97
CA TYR C 135 -23.11 12.04 -18.79
C TYR C 135 -22.42 11.83 -20.13
N LEU C 136 -21.54 12.76 -20.48
CA LEU C 136 -20.79 12.68 -21.74
C LEU C 136 -19.36 12.24 -21.48
N TYR C 137 -19.04 11.01 -21.86
CA TYR C 137 -17.73 10.41 -21.54
C TYR C 137 -16.83 10.21 -22.76
N ASP C 138 -15.55 9.99 -22.47
CA ASP C 138 -14.53 9.74 -23.49
C ASP C 138 -14.06 8.29 -23.51
N THR C 139 -13.48 7.88 -24.64
CA THR C 139 -12.74 6.63 -24.73
C THR C 139 -11.25 6.93 -24.66
N GLU C 140 -10.85 7.66 -23.61
CA GLU C 140 -9.47 8.09 -23.41
C GLU C 140 -8.99 7.83 -21.98
N ARG C 141 -9.68 8.43 -21.01
CA ARG C 141 -9.30 8.34 -19.60
C ARG C 141 -9.66 7.00 -18.97
N GLY C 142 -10.54 6.25 -19.63
CA GLY C 142 -10.90 4.92 -19.18
C GLY C 142 -12.33 4.79 -18.68
N PHE C 143 -12.66 3.56 -18.27
CA PHE C 143 -14.02 3.22 -17.83
C PHE C 143 -14.18 3.39 -16.33
N SER C 144 -13.08 3.72 -15.64
CA SER C 144 -13.06 3.88 -14.19
C SER C 144 -14.07 4.90 -13.69
N VAL C 145 -14.16 6.04 -14.38
CA VAL C 145 -15.09 7.12 -14.01
C VAL C 145 -16.53 6.73 -14.32
N LEU C 146 -16.75 6.13 -15.50
CA LEU C 146 -18.07 5.66 -15.92
C LEU C 146 -18.61 4.58 -14.98
N GLN C 147 -17.73 3.68 -14.55
CA GLN C 147 -18.10 2.62 -13.60
C GLN C 147 -18.38 3.19 -12.21
N ALA C 148 -17.65 4.23 -11.83
CA ALA C 148 -17.88 4.92 -10.56
C ALA C 148 -19.25 5.60 -10.52
N ILE C 149 -19.75 5.98 -11.70
CA ILE C 149 -21.09 6.51 -11.85
C ILE C 149 -22.11 5.36 -11.79
N MET C 150 -21.88 4.33 -12.61
CA MET C 150 -22.79 3.19 -12.73
C MET C 150 -22.99 2.40 -11.43
N GLU C 151 -21.91 2.19 -10.69
CA GLU C 151 -21.95 1.45 -9.43
C GLU C 151 -22.59 2.26 -8.30
N ALA C 152 -22.58 3.58 -8.44
CA ALA C 152 -23.16 4.49 -7.45
C ALA C 152 -24.58 4.92 -7.81
N ALA C 153 -24.95 4.74 -9.07
CA ALA C 153 -26.30 5.08 -9.55
C ALA C 153 -27.36 4.15 -8.97
N VAL C 154 -26.96 2.90 -8.69
CA VAL C 154 -27.86 1.91 -8.11
C VAL C 154 -27.93 2.00 -6.58
N GLN C 155 -26.91 2.61 -5.98
CA GLN C 155 -26.83 2.76 -4.53
C GLN C 155 -27.61 3.97 -4.02
N ASN C 156 -27.67 5.02 -4.84
CA ASN C 156 -28.39 6.25 -4.49
C ASN C 156 -29.58 6.56 -5.40
N ASN C 157 -29.92 5.60 -6.26
CA ASN C 157 -31.07 5.68 -7.16
C ASN C 157 -31.10 6.92 -8.06
N TRP C 158 -30.24 6.92 -9.07
CA TRP C 158 -30.17 8.02 -10.04
C TRP C 158 -30.41 7.53 -11.46
N GLN C 159 -31.30 8.22 -12.19
CA GLN C 159 -31.56 7.91 -13.59
C GLN C 159 -30.76 8.87 -14.47
N VAL C 160 -29.82 8.31 -15.23
CA VAL C 160 -28.90 9.11 -16.03
C VAL C 160 -28.73 8.60 -17.45
N THR C 161 -28.31 9.49 -18.35
CA THR C 161 -28.03 9.13 -19.73
C THR C 161 -26.54 9.33 -20.04
N ALA C 162 -25.80 8.22 -20.09
CA ALA C 162 -24.39 8.23 -20.44
C ALA C 162 -24.22 8.07 -21.95
N ARG C 163 -23.53 9.03 -22.57
CA ARG C 163 -23.39 9.08 -24.02
C ARG C 163 -21.97 8.83 -24.49
N SER C 164 -21.82 7.91 -25.44
CA SER C 164 -20.54 7.62 -26.06
C SER C 164 -20.24 8.66 -27.16
N VAL C 165 -19.53 9.71 -26.77
CA VAL C 165 -19.20 10.81 -27.68
C VAL C 165 -17.73 10.79 -28.12
N GLY C 166 -17.03 9.71 -27.79
CA GLY C 166 -15.61 9.56 -28.08
C GLY C 166 -15.31 9.42 -29.57
N ASN C 167 -16.21 8.75 -30.30
CA ASN C 167 -16.05 8.55 -31.73
C ASN C 167 -16.53 9.73 -32.58
N ILE C 168 -17.23 10.67 -31.93
CA ILE C 168 -17.75 11.86 -32.61
C ILE C 168 -16.60 12.76 -33.10
N LYS C 169 -16.26 12.60 -34.38
CA LYS C 169 -15.22 13.40 -35.01
C LYS C 169 -15.82 14.60 -35.74
N ASP C 170 -16.86 14.35 -36.53
CA ASP C 170 -17.58 15.40 -37.24
C ASP C 170 -18.42 16.21 -36.26
N VAL C 171 -18.32 17.53 -36.35
CA VAL C 171 -18.97 18.43 -35.40
C VAL C 171 -20.39 18.82 -35.84
N GLN C 172 -21.27 17.83 -35.86
CA GLN C 172 -22.68 18.02 -36.18
C GLN C 172 -23.58 17.11 -35.35
N GLU C 173 -23.04 15.96 -34.94
CA GLU C 173 -23.78 14.98 -34.14
C GLU C 173 -24.12 15.50 -32.74
N PHE C 174 -23.28 16.39 -32.22
CA PHE C 174 -23.49 17.02 -30.92
C PHE C 174 -24.90 17.59 -30.78
N ARG C 175 -25.26 18.47 -31.70
CA ARG C 175 -26.55 19.17 -31.68
C ARG C 175 -27.75 18.23 -31.74
N ARG C 176 -27.59 17.11 -32.45
CA ARG C 176 -28.64 16.10 -32.57
C ARG C 176 -28.84 15.30 -31.28
N ILE C 177 -27.81 15.25 -30.44
CA ILE C 177 -27.89 14.62 -29.12
C ILE C 177 -28.56 15.56 -28.10
N ILE C 178 -28.23 16.84 -28.18
CA ILE C 178 -28.75 17.86 -27.25
C ILE C 178 -30.26 18.10 -27.45
N GLU C 179 -30.71 18.09 -28.70
CA GLU C 179 -32.12 18.31 -29.03
C GLU C 179 -33.03 17.15 -28.61
N GLU C 180 -32.43 16.03 -28.25
CA GLU C 180 -33.14 14.88 -27.70
C GLU C 180 -33.23 15.05 -26.18
N MET C 181 -32.25 15.76 -25.62
CA MET C 181 -32.15 15.98 -24.18
C MET C 181 -33.23 16.89 -23.60
N ASP C 182 -33.77 17.77 -24.44
CA ASP C 182 -34.87 18.65 -24.02
C ASP C 182 -36.27 18.05 -24.12
N ARG C 183 -36.38 16.91 -24.80
CA ARG C 183 -37.60 16.09 -24.76
C ARG C 183 -37.62 15.28 -23.47
N ARG C 184 -36.44 14.87 -23.02
CA ARG C 184 -36.26 14.30 -21.68
C ARG C 184 -36.03 15.42 -20.65
N GLN C 185 -36.22 16.66 -21.10
CA GLN C 185 -36.28 17.87 -20.25
C GLN C 185 -35.30 17.95 -19.07
N GLU C 186 -34.08 17.47 -19.28
CA GLU C 186 -33.02 17.60 -18.26
C GLU C 186 -31.99 18.65 -18.66
N LYS C 187 -31.58 19.45 -17.68
CA LYS C 187 -30.74 20.62 -17.91
C LYS C 187 -29.31 20.45 -17.37
N ARG C 188 -29.14 19.53 -16.43
CA ARG C 188 -27.84 19.25 -15.83
C ARG C 188 -26.97 18.41 -16.76
N TYR C 189 -25.68 18.73 -16.81
CA TYR C 189 -24.73 18.02 -17.66
C TYR C 189 -23.44 17.68 -16.92
N LEU C 190 -22.87 16.52 -17.23
CA LEU C 190 -21.59 16.10 -16.67
C LEU C 190 -20.64 15.63 -17.77
N ILE C 191 -19.66 16.47 -18.09
CA ILE C 191 -18.72 16.21 -19.17
C ILE C 191 -17.41 15.61 -18.65
N ASP C 192 -17.01 14.51 -19.25
CA ASP C 192 -15.80 13.78 -18.86
C ASP C 192 -14.91 13.53 -20.10
N CYS C 193 -14.61 14.61 -20.81
CA CYS C 193 -13.84 14.54 -22.05
C CYS C 193 -12.53 15.33 -21.93
N GLU C 194 -11.72 15.29 -22.98
CA GLU C 194 -10.48 16.06 -23.02
C GLU C 194 -10.74 17.49 -23.53
N VAL C 195 -9.86 18.41 -23.15
CA VAL C 195 -10.03 19.85 -23.47
C VAL C 195 -10.37 20.18 -24.92
N GLU C 196 -9.67 19.55 -25.86
CA GLU C 196 -9.90 19.77 -27.30
C GLU C 196 -11.29 19.32 -27.76
N ARG C 197 -11.98 18.55 -26.92
CA ARG C 197 -13.34 18.14 -27.19
C ARG C 197 -14.35 18.72 -26.20
N ILE C 198 -13.87 19.13 -25.03
CA ILE C 198 -14.70 19.84 -24.04
C ILE C 198 -15.09 21.20 -24.60
N ASN C 199 -14.10 21.95 -25.08
CA ASN C 199 -14.31 23.30 -25.62
C ASN C 199 -15.34 23.32 -26.76
N THR C 200 -15.31 22.30 -27.61
CA THR C 200 -16.21 22.19 -28.76
C THR C 200 -17.68 22.02 -28.36
N ILE C 201 -17.92 21.42 -27.20
CA ILE C 201 -19.27 21.32 -26.63
C ILE C 201 -19.78 22.72 -26.32
N LEU C 202 -18.96 23.50 -25.62
CA LEU C 202 -19.30 24.88 -25.26
C LEU C 202 -19.34 25.80 -26.49
N GLU C 203 -18.60 25.43 -27.53
CA GLU C 203 -18.68 26.12 -28.83
C GLU C 203 -20.04 25.86 -29.47
N GLN C 204 -20.54 24.63 -29.32
CA GLN C 204 -21.84 24.23 -29.85
C GLN C 204 -22.97 24.47 -28.85
N VAL C 205 -22.84 25.53 -28.08
CA VAL C 205 -23.89 26.02 -27.18
C VAL C 205 -24.15 27.49 -27.53
N LYS C 210 -29.89 29.31 -27.52
CA LYS C 210 -31.07 28.83 -26.77
C LYS C 210 -30.76 28.14 -25.44
N HIS C 211 -29.76 27.27 -25.44
CA HIS C 211 -29.43 26.46 -24.27
C HIS C 211 -28.34 27.08 -23.40
N SER C 212 -28.67 28.19 -22.74
CA SER C 212 -27.75 28.86 -21.84
C SER C 212 -28.37 29.17 -20.47
N ARG C 213 -29.58 29.74 -20.48
CA ARG C 213 -30.27 30.15 -19.25
C ARG C 213 -31.01 29.01 -18.57
N GLY C 214 -30.58 28.69 -17.35
CA GLY C 214 -31.20 27.61 -16.56
C GLY C 214 -30.53 26.26 -16.76
N TYR C 215 -29.23 26.29 -17.03
CA TYR C 215 -28.45 25.07 -17.29
C TYR C 215 -27.20 25.02 -16.43
N HIS C 216 -26.81 23.81 -16.02
CA HIS C 216 -25.63 23.61 -15.19
C HIS C 216 -24.73 22.52 -15.78
N TYR C 217 -23.51 22.90 -16.14
CA TYR C 217 -22.54 21.96 -16.70
C TYR C 217 -21.47 21.62 -15.66
N MET C 218 -21.06 20.36 -15.64
CA MET C 218 -20.03 19.90 -14.71
C MET C 218 -18.85 19.30 -15.46
N LEU C 219 -17.72 19.99 -15.44
CA LEU C 219 -16.53 19.58 -16.18
C LEU C 219 -15.57 18.78 -15.30
N ALA C 220 -15.50 17.48 -15.56
CA ALA C 220 -14.64 16.57 -14.81
C ALA C 220 -13.24 16.49 -15.40
N ASN C 221 -12.57 17.65 -15.46
CA ASN C 221 -11.21 17.74 -15.97
C ASN C 221 -10.41 18.78 -15.18
N LEU C 222 -9.18 18.41 -14.81
CA LEU C 222 -8.33 19.25 -13.96
C LEU C 222 -7.78 20.50 -14.65
N GLY C 223 -7.81 20.51 -15.98
CA GLY C 223 -7.37 21.67 -16.76
C GLY C 223 -8.50 22.66 -16.95
N PHE C 224 -8.94 23.26 -15.85
CA PHE C 224 -10.06 24.21 -15.86
C PHE C 224 -9.75 25.49 -16.61
N THR C 225 -8.49 25.93 -16.52
CA THR C 225 -8.05 27.20 -17.11
C THR C 225 -8.08 27.20 -18.64
N ASP C 226 -7.62 26.11 -19.24
CA ASP C 226 -7.52 26.01 -20.71
C ASP C 226 -8.87 25.77 -21.40
N ILE C 227 -9.91 25.48 -20.61
CA ILE C 227 -11.25 25.29 -21.13
C ILE C 227 -11.88 26.64 -21.50
N LEU C 228 -12.36 26.76 -22.74
CA LEU C 228 -13.08 27.94 -23.19
C LEU C 228 -14.52 27.89 -22.70
N LEU C 229 -14.82 28.69 -21.67
CA LEU C 229 -16.13 28.66 -21.01
C LEU C 229 -16.78 30.03 -20.84
N GLU C 230 -15.98 31.09 -20.93
CA GLU C 230 -16.48 32.47 -20.83
C GLU C 230 -17.48 32.78 -21.95
N ARG C 231 -17.38 32.04 -23.05
CA ARG C 231 -18.33 32.13 -24.16
C ARG C 231 -19.74 31.74 -23.73
N VAL C 232 -19.81 30.77 -22.81
CA VAL C 232 -21.08 30.26 -22.29
C VAL C 232 -21.46 30.94 -20.98
N MET C 233 -20.47 31.52 -20.30
CA MET C 233 -20.69 32.23 -19.05
C MET C 233 -21.60 33.47 -19.03
N HIS C 234 -21.62 34.18 -20.15
CA HIS C 234 -22.55 35.30 -20.33
C HIS C 234 -24.00 34.81 -20.52
N GLY C 235 -24.09 33.56 -20.99
CA GLY C 235 -25.37 32.91 -21.17
C GLY C 235 -25.89 32.79 -19.76
N GLY C 236 -24.97 32.77 -18.80
CA GLY C 236 -25.33 32.65 -17.39
C GLY C 236 -25.37 31.23 -16.89
N ALA C 237 -24.96 30.30 -17.73
CA ALA C 237 -24.90 28.90 -17.33
C ALA C 237 -23.87 28.70 -16.22
N ASN C 238 -24.23 27.86 -15.26
CA ASN C 238 -23.38 27.48 -14.13
C ASN C 238 -22.37 26.39 -14.50
N ILE C 239 -21.11 26.60 -14.14
CA ILE C 239 -20.05 25.64 -14.45
C ILE C 239 -19.20 25.32 -13.22
N THR C 240 -19.07 24.03 -12.92
CA THR C 240 -18.24 23.56 -11.81
C THR C 240 -16.95 22.95 -12.38
N GLY C 241 -15.82 23.38 -11.85
CA GLY C 241 -14.51 22.90 -12.28
C GLY C 241 -13.65 22.39 -11.15
N PHE C 242 -12.54 21.75 -11.52
CA PHE C 242 -11.63 21.15 -10.55
C PHE C 242 -10.17 21.49 -10.88
N GLN C 243 -9.41 21.88 -9.85
CA GLN C 243 -8.01 22.26 -10.02
C GLN C 243 -7.13 21.72 -8.91
N ILE C 244 -5.97 21.18 -9.28
CA ILE C 244 -4.95 20.77 -8.32
C ILE C 244 -3.84 21.82 -8.21
N VAL C 245 -3.74 22.67 -9.22
CA VAL C 245 -2.83 23.82 -9.20
C VAL C 245 -3.40 24.90 -8.29
N ASN C 246 -2.61 25.30 -7.31
CA ASN C 246 -3.04 26.29 -6.32
C ASN C 246 -2.34 27.63 -6.54
N ASN C 247 -3.09 28.61 -7.03
CA ASN C 247 -2.55 29.95 -7.26
C ASN C 247 -2.24 30.69 -5.96
N GLU C 248 -2.93 30.29 -4.88
CA GLU C 248 -2.68 30.83 -3.54
C GLU C 248 -1.38 30.29 -2.95
N ASN C 249 -0.89 29.18 -3.53
CA ASN C 249 0.37 28.56 -3.12
C ASN C 249 1.56 29.44 -3.49
N PRO C 250 2.40 29.80 -2.50
CA PRO C 250 3.59 30.62 -2.71
C PRO C 250 4.65 29.93 -3.59
N MET C 251 4.63 28.59 -3.57
CA MET C 251 5.58 27.79 -4.35
C MET C 251 5.24 27.77 -5.85
N VAL C 252 3.95 27.98 -6.16
CA VAL C 252 3.48 28.01 -7.54
C VAL C 252 3.92 29.29 -8.26
N GLN C 253 3.76 30.43 -7.59
CA GLN C 253 4.15 31.72 -8.15
C GLN C 253 5.66 31.81 -8.36
N GLN C 254 6.42 31.20 -7.44
CA GLN C 254 7.89 31.16 -7.53
C GLN C 254 8.38 30.52 -8.83
N PHE C 255 7.67 29.48 -9.27
CA PHE C 255 7.96 28.81 -10.54
C PHE C 255 7.57 29.70 -11.72
N ILE C 256 6.37 30.26 -11.65
CA ILE C 256 5.80 31.10 -12.71
C ILE C 256 6.63 32.36 -13.01
N GLN C 257 7.20 32.97 -11.97
CA GLN C 257 7.99 34.20 -12.12
C GLN C 257 9.26 33.99 -12.95
N ARG C 258 9.76 32.76 -12.98
CA ARG C 258 10.93 32.40 -13.79
C ARG C 258 10.53 31.66 -15.06
N TRP C 259 9.43 30.92 -14.99
CA TRP C 259 8.91 30.15 -16.12
C TRP C 259 8.45 31.06 -17.26
N VAL C 260 7.77 32.15 -16.92
CA VAL C 260 7.27 33.09 -17.91
C VAL C 260 8.40 33.89 -18.55
N ARG C 261 9.21 34.55 -17.72
CA ARG C 261 10.37 35.29 -18.20
C ARG C 261 11.51 34.33 -18.53
N LEU C 262 11.29 33.49 -19.54
CA LEU C 262 12.23 32.44 -19.92
C LEU C 262 12.46 32.41 -21.43
N ASP C 263 13.66 32.00 -21.83
CA ASP C 263 14.08 31.95 -23.23
C ASP C 263 13.10 31.17 -24.12
N GLU C 264 12.57 31.85 -25.14
CA GLU C 264 11.56 31.28 -26.03
C GLU C 264 12.15 30.27 -27.02
N ARG C 265 13.41 30.49 -27.42
CA ARG C 265 14.10 29.61 -28.36
C ARG C 265 14.33 28.21 -27.78
N GLU C 266 14.79 28.17 -26.52
CA GLU C 266 15.06 26.91 -25.84
C GLU C 266 13.81 26.33 -25.18
N PHE C 267 12.93 27.22 -24.72
CA PHE C 267 11.69 26.81 -24.05
C PHE C 267 10.45 27.38 -24.75
N PRO C 268 9.95 26.66 -25.78
CA PRO C 268 8.71 27.09 -26.46
C PRO C 268 7.47 26.87 -25.59
N GLU C 269 6.39 27.57 -25.91
CA GLU C 269 5.13 27.53 -25.15
C GLU C 269 5.28 27.98 -23.69
N ALA C 270 6.32 28.77 -23.42
CA ALA C 270 6.55 29.37 -22.12
C ALA C 270 5.77 30.67 -21.98
N LYS C 271 5.78 31.48 -23.04
CA LYS C 271 5.03 32.73 -23.11
C LYS C 271 3.87 32.64 -24.10
N ASN C 272 3.77 31.51 -24.80
CA ASN C 272 2.73 31.28 -25.81
C ASN C 272 1.40 30.86 -25.20
N ALA C 273 1.44 30.27 -24.01
CA ALA C 273 0.26 29.69 -23.37
C ALA C 273 0.36 29.68 -21.84
N PRO C 274 -0.80 29.67 -21.15
CA PRO C 274 -0.82 29.56 -19.69
C PRO C 274 -0.34 28.20 -19.21
N LEU C 275 0.20 28.17 -18.00
CA LEU C 275 0.72 26.96 -17.38
C LEU C 275 -0.39 25.92 -17.12
N LYS C 276 -0.45 24.90 -17.96
CA LYS C 276 -1.41 23.81 -17.83
C LYS C 276 -1.08 22.92 -16.64
N TYR C 277 -2.06 22.14 -16.18
CA TYR C 277 -1.86 21.23 -15.06
C TYR C 277 -0.91 20.08 -15.41
N THR C 278 -0.92 19.67 -16.68
CA THR C 278 0.00 18.65 -17.18
C THR C 278 1.43 19.16 -17.11
N SER C 279 1.62 20.43 -17.48
CA SER C 279 2.93 21.07 -17.39
C SER C 279 3.30 21.44 -15.94
N ALA C 280 2.30 21.51 -15.08
CA ALA C 280 2.51 21.72 -13.65
C ALA C 280 2.95 20.43 -12.97
N LEU C 281 2.29 19.32 -13.34
CA LEU C 281 2.60 18.01 -12.79
C LEU C 281 3.97 17.50 -13.22
N THR C 282 4.48 18.01 -14.34
CA THR C 282 5.82 17.64 -14.84
C THR C 282 6.93 18.19 -13.95
N HIS C 283 6.72 19.39 -13.40
CA HIS C 283 7.68 19.96 -12.46
C HIS C 283 7.67 19.19 -11.13
N ASP C 284 6.48 18.76 -10.72
CA ASP C 284 6.33 17.96 -9.50
C ASP C 284 6.89 16.55 -9.68
N ALA C 285 6.94 16.09 -10.94
CA ALA C 285 7.47 14.77 -11.27
C ALA C 285 8.99 14.70 -11.03
N ILE C 286 9.68 15.82 -11.22
CA ILE C 286 11.10 15.92 -10.89
C ILE C 286 11.31 15.97 -9.37
N LEU C 287 10.36 16.60 -8.67
CA LEU C 287 10.40 16.70 -7.21
C LEU C 287 10.19 15.36 -6.51
N VAL C 288 9.50 14.44 -7.19
CA VAL C 288 9.33 13.07 -6.70
C VAL C 288 10.62 12.27 -6.91
N ILE C 289 11.21 12.41 -8.10
CA ILE C 289 12.46 11.73 -8.46
C ILE C 289 13.64 12.20 -7.59
N ALA C 290 13.72 13.51 -7.37
CA ALA C 290 14.82 14.11 -6.61
C ALA C 290 14.93 13.61 -5.17
N GLU C 291 13.79 13.54 -4.47
CA GLU C 291 13.76 13.12 -3.06
C GLU C 291 13.83 11.60 -2.90
N ALA C 292 13.36 10.86 -3.91
CA ALA C 292 13.43 9.40 -3.90
C ALA C 292 14.86 8.91 -4.06
N PHE C 293 15.61 9.57 -4.94
CA PHE C 293 17.02 9.24 -5.17
C PHE C 293 17.94 9.78 -4.09
N ARG C 294 17.48 10.80 -3.36
CA ARG C 294 18.20 11.30 -2.19
C ARG C 294 17.92 10.46 -0.94
N TYR C 295 16.78 9.77 -0.95
CA TYR C 295 16.48 8.77 0.08
C TYR C 295 17.32 7.52 -0.17
N LEU C 296 17.53 7.20 -1.44
CA LEU C 296 18.43 6.12 -1.84
C LEU C 296 19.87 6.46 -1.46
N ARG C 297 20.19 7.76 -1.42
CA ARG C 297 21.49 8.24 -0.97
C ARG C 297 21.66 8.14 0.54
N ARG C 298 20.55 8.22 1.28
CA ARG C 298 20.58 8.08 2.73
C ARG C 298 21.02 6.67 3.12
N GLN C 299 20.55 5.69 2.36
CA GLN C 299 20.94 4.29 2.54
C GLN C 299 22.10 3.78 1.67
N ARG C 300 22.61 4.68 0.83
CA ARG C 300 23.66 4.36 -0.18
C ARG C 300 23.34 3.30 -1.32
N VAL C 301 22.07 2.87 -1.28
CA VAL C 301 21.56 1.80 -2.16
C VAL C 301 22.18 1.81 -3.55
N ASP C 302 23.06 0.84 -3.80
CA ASP C 302 23.75 0.70 -5.09
C ASP C 302 22.75 0.48 -6.21
N VAL C 303 22.90 1.22 -7.30
CA VAL C 303 21.96 1.19 -8.40
C VAL C 303 22.54 0.57 -9.68
N SER C 304 21.83 -0.43 -10.20
CA SER C 304 22.18 -1.11 -11.43
C SER C 304 20.94 -1.70 -12.11
N GLY C 310 19.71 -3.60 -20.71
CA GLY C 310 20.31 -4.29 -21.84
C GLY C 310 19.34 -4.54 -22.98
N ASP C 311 19.13 -5.82 -23.29
CA ASP C 311 18.22 -6.23 -24.36
C ASP C 311 16.75 -6.07 -23.94
N CYS C 312 15.85 -6.12 -24.92
CA CYS C 312 14.43 -5.89 -24.68
C CYS C 312 13.59 -7.13 -24.98
N LEU C 313 14.20 -8.30 -24.82
CA LEU C 313 13.54 -9.58 -25.06
C LEU C 313 13.32 -10.36 -23.77
N ALA C 314 12.25 -11.15 -23.74
CA ALA C 314 11.83 -11.86 -22.52
C ALA C 314 12.28 -13.33 -22.44
N ASN C 315 12.88 -13.83 -23.50
CA ASN C 315 13.36 -15.21 -23.54
C ASN C 315 14.22 -15.53 -22.32
N PRO C 316 15.35 -14.83 -22.25
CA PRO C 316 16.26 -14.97 -21.10
C PRO C 316 15.67 -14.28 -19.89
N ALA C 317 14.69 -13.41 -20.11
CA ALA C 317 14.05 -12.68 -19.02
C ALA C 317 14.93 -11.51 -18.58
N VAL C 318 14.63 -10.97 -17.41
CA VAL C 318 15.41 -9.86 -16.87
C VAL C 318 14.71 -9.22 -15.68
N GLN C 322 16.33 -6.24 -9.39
CA GLN C 322 16.81 -5.11 -10.16
C GLN C 322 15.57 -4.32 -10.53
N GLY C 323 15.59 -3.02 -10.26
CA GLY C 323 14.49 -2.14 -10.58
C GLY C 323 13.37 -2.11 -9.55
N ILE C 324 13.43 -2.98 -8.55
CA ILE C 324 12.46 -2.96 -7.47
C ILE C 324 12.99 -1.93 -6.48
N ASP C 325 14.27 -1.65 -6.70
CA ASP C 325 15.07 -0.70 -5.94
C ASP C 325 14.43 0.69 -5.87
N ILE C 326 14.03 1.20 -7.04
CA ILE C 326 13.51 2.57 -7.16
C ILE C 326 11.99 2.69 -6.97
N GLU C 327 11.25 1.67 -7.41
CA GLU C 327 9.79 1.64 -7.24
C GLU C 327 9.39 1.66 -5.76
N ARG C 328 10.27 1.10 -4.93
CA ARG C 328 10.10 1.05 -3.49
C ARG C 328 10.21 2.45 -2.85
N ALA C 329 11.13 3.26 -3.37
CA ALA C 329 11.42 4.58 -2.81
C ALA C 329 10.56 5.70 -3.39
N LEU C 330 10.08 5.50 -4.61
CA LEU C 330 9.25 6.50 -5.30
C LEU C 330 7.82 6.57 -4.76
N LYS C 331 7.35 5.47 -4.20
CA LYS C 331 5.95 5.35 -3.73
C LYS C 331 5.76 5.70 -2.25
N MET C 332 6.84 6.16 -1.60
CA MET C 332 6.78 6.50 -0.17
C MET C 332 6.93 8.00 0.10
N VAL C 333 7.42 8.74 -0.89
CA VAL C 333 7.83 10.15 -0.71
C VAL C 333 6.73 11.08 -0.20
N GLN C 334 7.14 12.05 0.60
CA GLN C 334 6.26 13.12 1.08
C GLN C 334 6.91 14.47 0.78
N VAL C 335 6.54 15.05 -0.36
CA VAL C 335 7.09 16.34 -0.80
C VAL C 335 6.00 17.33 -1.21
N GLN C 336 6.27 18.62 -0.98
CA GLN C 336 5.40 19.69 -1.42
C GLN C 336 5.83 20.21 -2.78
N GLY C 337 4.93 20.11 -3.75
CA GLY C 337 5.16 20.64 -5.09
C GLY C 337 4.16 21.71 -5.46
N MET C 338 3.90 21.85 -6.75
CA MET C 338 2.95 22.82 -7.26
C MET C 338 1.50 22.32 -7.19
N THR C 339 1.40 21.03 -6.91
CA THR C 339 0.13 20.33 -6.75
C THR C 339 -0.08 20.16 -5.26
N GLY C 340 0.68 20.92 -4.49
CA GLY C 340 0.68 20.81 -3.04
C GLY C 340 1.19 19.46 -2.58
N ASN C 341 0.43 18.80 -1.70
CA ASN C 341 0.89 17.52 -1.17
C ASN C 341 1.03 16.45 -2.24
N ILE C 342 2.11 15.68 -2.15
CA ILE C 342 2.36 14.57 -3.06
C ILE C 342 2.80 13.32 -2.30
N GLN C 343 1.86 12.38 -2.15
CA GLN C 343 2.14 11.09 -1.53
C GLN C 343 1.54 9.97 -2.38
N PHE C 344 2.05 8.76 -2.24
CA PHE C 344 1.59 7.67 -3.10
C PHE C 344 1.11 6.39 -2.43
N ASP C 345 0.02 5.85 -2.96
CA ASP C 345 -0.49 4.56 -2.60
C ASP C 345 0.34 3.42 -3.16
N THR C 346 0.10 2.19 -2.72
CA THR C 346 0.90 1.07 -3.21
C THR C 346 1.04 1.03 -4.76
N TYR C 347 -0.13 1.02 -5.41
CA TYR C 347 -0.18 1.11 -6.86
C TYR C 347 0.42 2.30 -7.62
N GLY C 348 0.54 3.44 -6.93
CA GLY C 348 1.11 4.64 -7.52
C GLY C 348 0.12 5.80 -7.63
N ARG C 349 -1.04 5.64 -6.97
CA ARG C 349 -2.07 6.68 -6.95
C ARG C 349 -1.86 7.62 -5.77
N ARG C 350 -2.34 8.84 -5.90
CA ARG C 350 -2.14 9.89 -4.90
C ARG C 350 -2.94 9.67 -3.62
N THR C 351 -2.35 10.09 -2.50
CA THR C 351 -3.01 10.03 -1.19
C THR C 351 -2.64 11.26 -0.33
N ASN C 352 -3.48 11.55 0.66
CA ASN C 352 -3.32 12.73 1.53
C ASN C 352 -3.23 14.05 0.74
N TYR C 353 -3.77 14.03 -0.47
CA TYR C 353 -3.73 15.17 -1.39
C TYR C 353 -4.98 16.05 -1.24
N THR C 354 -4.98 17.20 -1.91
CA THR C 354 -6.10 18.15 -1.82
C THR C 354 -6.50 18.71 -3.18
N ILE C 355 -7.78 18.56 -3.51
CA ILE C 355 -8.36 19.08 -4.76
C ILE C 355 -9.16 20.35 -4.50
N ASP C 356 -8.84 21.40 -5.25
CA ASP C 356 -9.60 22.65 -5.20
C ASP C 356 -10.75 22.62 -6.20
N VAL C 357 -11.92 23.06 -5.77
CA VAL C 357 -13.11 23.10 -6.62
C VAL C 357 -13.50 24.54 -6.90
N TYR C 358 -13.70 24.85 -8.18
CA TYR C 358 -14.10 26.19 -8.58
C TYR C 358 -15.53 26.24 -9.10
N GLU C 359 -16.25 27.29 -8.70
CA GLU C 359 -17.60 27.54 -9.16
C GLU C 359 -17.63 28.81 -10.01
N MET C 360 -18.08 28.69 -11.25
CA MET C 360 -18.23 29.86 -12.10
C MET C 360 -19.72 30.10 -12.19
N LYS C 361 -20.13 31.31 -11.82
CA LYS C 361 -21.54 31.66 -11.80
C LYS C 361 -21.77 33.04 -12.39
N VAL C 362 -22.98 33.28 -12.88
CA VAL C 362 -23.31 34.57 -13.46
C VAL C 362 -23.25 35.43 -12.21
N SER C 363 -23.74 34.88 -11.10
CA SER C 363 -23.58 35.57 -9.82
C SER C 363 -22.15 36.19 -9.53
N GLY C 364 -21.23 35.23 -9.44
CA GLY C 364 -19.82 35.54 -9.35
C GLY C 364 -18.93 34.39 -9.78
N SER C 365 -17.62 34.63 -9.76
CA SER C 365 -16.63 33.60 -9.98
C SER C 365 -15.87 33.49 -8.67
N ARG C 366 -15.71 32.29 -8.13
CA ARG C 366 -15.10 32.16 -6.80
C ARG C 366 -14.48 30.79 -6.51
N LYS C 367 -13.83 30.66 -5.36
CA LYS C 367 -13.30 29.36 -4.96
C LYS C 367 -14.23 28.74 -3.92
N ALA C 368 -14.96 27.72 -4.34
CA ALA C 368 -15.94 27.07 -3.47
C ALA C 368 -15.34 26.40 -2.24
N GLY C 369 -14.26 25.66 -2.43
CA GLY C 369 -13.65 24.95 -1.32
C GLY C 369 -12.65 23.89 -1.76
N TYR C 370 -12.24 23.07 -0.80
CA TYR C 370 -11.29 21.99 -1.06
C TYR C 370 -11.90 20.61 -0.82
N TRP C 371 -11.24 19.58 -1.34
CA TRP C 371 -11.63 18.20 -1.13
C TRP C 371 -10.41 17.31 -0.92
N ASN C 372 -10.47 16.46 0.10
CA ASN C 372 -9.48 15.40 0.30
C ASN C 372 -10.17 14.07 0.63
N GLU C 373 -9.43 12.97 0.57
CA GLU C 373 -10.08 11.68 0.75
C GLU C 373 -10.69 11.54 2.14
N TYR C 374 -9.91 11.93 3.14
CA TYR C 374 -10.36 11.89 4.53
C TYR C 374 -11.49 12.87 4.87
N GLU C 375 -11.39 14.09 4.35
CA GLU C 375 -12.30 15.17 4.70
C GLU C 375 -13.54 15.33 3.82
N ARG C 376 -13.69 14.48 2.81
CA ARG C 376 -14.83 14.62 1.91
C ARG C 376 -14.80 16.02 1.29
N PHE C 377 -15.91 16.73 1.37
CA PHE C 377 -15.99 18.09 0.82
C PHE C 377 -16.18 19.21 1.85
N VAL C 378 -15.36 20.25 1.73
CA VAL C 378 -15.41 21.38 2.67
C VAL C 378 -15.62 22.68 1.88
N PRO C 379 -16.71 23.42 2.19
CA PRO C 379 -17.04 24.62 1.43
C PRO C 379 -16.68 25.96 2.10
N PHE C 380 -16.00 25.90 3.25
CA PHE C 380 -15.68 27.09 4.06
C PHE C 380 -16.93 27.87 4.47
N PHE D 2 42.71 4.34 50.70
CA PHE D 2 41.83 5.41 50.13
C PHE D 2 42.38 5.94 48.81
N PRO D 3 41.51 6.09 47.79
CA PRO D 3 41.91 6.61 46.48
C PRO D 3 42.06 8.13 46.48
N ASN D 4 42.91 8.64 45.58
CA ASN D 4 43.17 10.08 45.48
C ASN D 4 42.36 10.78 44.39
N THR D 5 42.09 10.06 43.31
CA THR D 5 41.33 10.61 42.18
C THR D 5 40.29 9.61 41.66
N ILE D 6 39.06 10.08 41.50
CA ILE D 6 37.96 9.27 40.98
C ILE D 6 37.40 9.91 39.71
N SER D 7 37.28 9.13 38.65
CA SER D 7 36.72 9.61 37.38
C SER D 7 35.30 9.15 37.06
N ILE D 8 34.48 10.07 36.56
CA ILE D 8 33.15 9.70 36.10
C ILE D 8 32.82 9.72 34.62
N GLY D 9 32.41 8.59 34.07
CA GLY D 9 32.11 8.50 32.66
C GLY D 9 30.87 9.34 32.41
N GLY D 10 30.89 10.12 31.34
CA GLY D 10 29.75 10.95 31.01
C GLY D 10 29.20 10.67 29.63
N LEU D 11 27.89 10.46 29.54
CA LEU D 11 27.24 10.25 28.26
C LEU D 11 26.28 11.39 28.02
N PHE D 12 26.44 12.07 26.88
CA PHE D 12 25.59 13.18 26.52
C PHE D 12 25.00 13.04 25.12
N MET D 13 23.70 13.26 25.04
CA MET D 13 22.93 13.24 23.80
C MET D 13 23.14 14.56 23.06
N ARG D 14 22.81 14.57 21.78
CA ARG D 14 22.92 15.80 21.00
C ARG D 14 21.96 16.80 21.65
N ASN D 15 22.35 18.07 21.64
CA ASN D 15 21.56 19.08 22.31
C ASN D 15 21.46 18.69 23.77
N THR D 16 20.24 18.65 24.29
CA THR D 16 20.04 18.34 25.70
C THR D 16 20.21 19.58 26.58
N VAL D 17 20.32 20.73 25.94
CA VAL D 17 20.43 22.00 26.66
C VAL D 17 21.84 22.37 27.14
N GLN D 18 21.89 23.31 28.08
CA GLN D 18 23.13 23.84 28.62
C GLN D 18 23.58 23.08 29.86
N GLU D 19 22.89 21.97 30.14
CA GLU D 19 23.16 21.15 31.31
C GLU D 19 24.57 20.62 31.05
N HIS D 20 24.92 20.43 29.78
CA HIS D 20 26.26 19.95 29.45
C HIS D 20 27.42 20.69 30.20
N SER D 21 27.45 22.00 29.96
CA SER D 21 28.29 22.89 30.75
C SER D 21 28.12 22.90 32.25
N ALA D 22 26.86 22.80 32.68
CA ALA D 22 26.49 22.67 34.08
C ALA D 22 27.19 21.49 34.73
N PHE D 23 27.41 20.43 33.94
CA PHE D 23 28.14 19.26 34.38
C PHE D 23 29.60 19.64 34.68
N ARG D 24 30.21 20.38 33.76
CA ARG D 24 31.56 20.88 33.91
C ARG D 24 31.68 21.83 35.10
N PHE D 25 30.75 22.77 35.21
CA PHE D 25 30.79 23.81 36.23
C PHE D 25 30.57 23.26 37.64
N ALA D 26 29.85 22.15 37.74
CA ALA D 26 29.67 21.45 39.00
C ALA D 26 31.01 20.88 39.47
N VAL D 27 31.77 20.35 38.51
CA VAL D 27 33.10 19.78 38.78
C VAL D 27 34.11 20.86 39.19
N GLN D 28 34.10 21.97 38.47
CA GLN D 28 34.98 23.10 38.75
C GLN D 28 34.65 23.77 40.08
N LEU D 29 33.40 23.64 40.51
CA LEU D 29 32.95 24.14 41.80
C LEU D 29 33.41 23.22 42.93
N TYR D 30 33.49 21.93 42.65
CA TYR D 30 33.96 20.94 43.61
C TYR D 30 35.49 20.91 43.72
N ASN D 31 36.17 21.05 42.57
CA ASN D 31 37.64 21.01 42.52
C ASN D 31 38.32 22.17 43.23
N THR D 32 37.65 23.32 43.26
CA THR D 32 38.15 24.50 43.96
C THR D 32 37.09 24.95 44.95
N ASN D 33 37.28 24.60 46.23
CA ASN D 33 36.40 25.04 47.29
C ASN D 33 36.85 26.44 47.82
N GLN D 34 38.05 26.56 48.40
CA GLN D 34 38.98 25.46 48.67
C GLN D 34 38.90 24.96 50.11
N ASN D 35 38.66 23.67 50.26
CA ASN D 35 38.49 23.06 51.57
C ASN D 35 39.10 21.66 51.61
N THR D 36 39.94 21.43 52.61
CA THR D 36 40.65 20.15 52.76
C THR D 36 39.75 19.03 53.31
N THR D 37 38.55 19.39 53.76
CA THR D 37 37.58 18.41 54.28
C THR D 37 36.40 18.21 53.33
N GLU D 38 35.92 19.30 52.73
CA GLU D 38 34.83 19.24 51.75
C GLU D 38 35.31 18.63 50.42
N LYS D 39 36.60 18.78 50.14
CA LYS D 39 37.22 18.18 48.96
C LYS D 39 38.50 17.42 49.36
N PRO D 40 38.34 16.16 49.81
CA PRO D 40 39.50 15.35 50.16
C PRO D 40 40.16 14.68 48.95
N PHE D 41 39.39 14.53 47.87
CA PHE D 41 39.86 13.88 46.66
C PHE D 41 39.51 14.70 45.41
N HIS D 42 40.16 14.39 44.30
CA HIS D 42 39.89 15.07 43.03
C HIS D 42 38.89 14.29 42.18
N LEU D 43 38.18 15.01 41.31
CA LEU D 43 37.17 14.42 40.44
C LEU D 43 37.43 14.75 38.96
N ASN D 44 37.18 13.77 38.09
CA ASN D 44 37.33 13.95 36.65
C ASN D 44 36.13 13.42 35.88
N TYR D 45 35.99 13.85 34.63
CA TYR D 45 34.87 13.42 33.79
C TYR D 45 35.34 13.09 32.37
N HIS D 46 34.55 12.31 31.64
CA HIS D 46 34.84 11.98 30.25
C HIS D 46 33.67 12.43 29.39
N VAL D 47 33.96 13.09 28.28
CA VAL D 47 32.89 13.63 27.44
C VAL D 47 32.63 12.76 26.22
N ASP D 48 31.40 12.29 26.09
CA ASP D 48 31.00 11.50 24.94
C ASP D 48 29.75 12.06 24.27
N HIS D 49 29.81 12.21 22.95
CA HIS D 49 28.69 12.72 22.17
C HIS D 49 28.16 11.56 21.36
N LEU D 50 26.85 11.34 21.39
CA LEU D 50 26.30 10.15 20.72
C LEU D 50 25.00 10.42 19.96
N ASP D 51 24.65 9.45 19.10
CA ASP D 51 23.35 9.39 18.46
C ASP D 51 22.55 8.31 19.18
N SER D 52 21.58 8.71 19.99
CA SER D 52 20.83 7.79 20.84
C SER D 52 19.92 6.85 20.06
N SER D 53 19.36 7.36 18.95
CA SER D 53 18.48 6.58 18.07
C SER D 53 19.19 5.32 17.55
N ASN D 54 20.44 5.49 17.11
CA ASN D 54 21.31 4.38 16.81
C ASN D 54 21.92 3.87 18.11
N SER D 55 21.21 2.96 18.77
CA SER D 55 21.60 2.45 20.09
C SER D 55 22.89 1.63 20.10
N PHE D 56 23.47 1.40 18.92
CA PHE D 56 24.77 0.75 18.79
C PHE D 56 25.90 1.68 19.19
N SER D 57 25.75 2.97 18.87
CA SER D 57 26.70 4.00 19.28
C SER D 57 26.59 4.25 20.78
N VAL D 58 25.43 3.90 21.34
CA VAL D 58 25.18 3.99 22.78
C VAL D 58 26.01 2.95 23.52
N THR D 59 25.96 1.70 23.03
CA THR D 59 26.75 0.61 23.59
C THR D 59 28.25 0.82 23.38
N ASN D 60 28.61 1.29 22.18
CA ASN D 60 30.00 1.58 21.85
C ASN D 60 30.63 2.62 22.76
N ALA D 61 29.88 3.67 23.07
CA ALA D 61 30.32 4.70 23.99
C ALA D 61 30.31 4.19 25.43
N PHE D 62 29.37 3.28 25.73
CA PHE D 62 29.26 2.70 27.07
C PHE D 62 30.46 1.83 27.42
N CYS D 63 30.90 1.00 26.48
CA CYS D 63 32.09 0.17 26.68
C CYS D 63 33.37 0.98 26.56
N SER D 64 33.27 2.19 26.00
CA SER D 64 34.38 3.13 25.96
C SER D 64 34.52 3.87 27.29
N GLN D 65 33.42 3.93 28.06
CA GLN D 65 33.46 4.42 29.42
C GLN D 65 34.09 3.37 30.33
N PHE D 66 33.72 2.11 30.09
CA PHE D 66 34.18 0.98 30.88
C PHE D 66 35.66 0.70 30.64
N SER D 67 36.14 1.01 29.44
CA SER D 67 37.55 0.86 29.08
C SER D 67 38.43 1.91 29.76
N ARG D 68 37.83 3.08 30.04
CA ARG D 68 38.52 4.15 30.76
C ARG D 68 38.65 3.83 32.25
N GLY D 69 37.68 3.06 32.77
CA GLY D 69 37.70 2.62 34.17
C GLY D 69 37.03 3.60 35.12
N VAL D 70 35.78 3.96 34.80
CA VAL D 70 35.02 4.91 35.61
C VAL D 70 34.21 4.21 36.72
N TYR D 71 34.08 4.89 37.86
CA TYR D 71 33.42 4.32 39.03
C TYR D 71 31.90 4.47 39.03
N ALA D 72 31.41 5.41 38.23
CA ALA D 72 29.98 5.66 38.04
C ALA D 72 29.79 6.42 36.74
N ILE D 73 28.68 6.17 36.04
CA ILE D 73 28.45 6.82 34.75
C ILE D 73 27.24 7.75 34.74
N PHE D 74 27.41 8.93 34.16
CA PHE D 74 26.30 9.87 34.06
C PHE D 74 25.81 9.97 32.63
N GLY D 75 24.52 9.71 32.42
CA GLY D 75 23.96 9.69 31.07
C GLY D 75 22.48 9.96 30.91
N PHE D 76 22.08 10.28 29.69
CA PHE D 76 20.69 10.54 29.36
C PHE D 76 20.16 9.55 28.33
N TYR D 77 18.95 9.06 28.55
CA TYR D 77 18.33 8.09 27.64
C TYR D 77 16.90 8.49 27.30
N ASP D 78 16.48 8.14 26.08
CA ASP D 78 15.09 8.33 25.66
C ASP D 78 14.36 6.99 25.69
N GLN D 79 13.09 6.99 25.29
CA GLN D 79 12.26 5.78 25.24
C GLN D 79 12.94 4.61 24.53
N MET D 80 13.83 4.93 23.58
CA MET D 80 14.54 3.93 22.80
C MET D 80 15.75 3.37 23.56
N SER D 81 16.63 4.26 24.00
CA SER D 81 17.87 3.85 24.66
C SER D 81 17.71 3.65 26.18
N MET D 82 16.47 3.62 26.65
CA MET D 82 16.17 3.43 28.07
C MET D 82 16.57 2.04 28.56
N ASN D 83 16.04 1.01 27.89
CA ASN D 83 16.26 -0.38 28.29
C ASN D 83 17.72 -0.81 28.21
N THR D 84 18.43 -0.33 27.20
CA THR D 84 19.82 -0.70 26.95
C THR D 84 20.70 -0.46 28.18
N LEU D 85 20.68 0.77 28.69
CA LEU D 85 21.56 1.17 29.79
C LEU D 85 21.18 0.58 31.14
N THR D 86 19.89 0.37 31.37
CA THR D 86 19.40 -0.14 32.65
C THR D 86 19.85 -1.57 32.92
N SER D 87 19.66 -2.45 31.94
CA SER D 87 20.00 -3.86 32.08
C SER D 87 21.48 -4.15 31.88
N PHE D 88 22.18 -3.25 31.19
CA PHE D 88 23.64 -3.32 31.06
C PHE D 88 24.34 -3.00 32.38
N CYS D 89 23.79 -2.01 33.09
CA CYS D 89 24.32 -1.61 34.39
C CYS D 89 24.05 -2.67 35.46
N GLY D 90 22.88 -3.32 35.37
CA GLY D 90 22.49 -4.37 36.33
C GLY D 90 23.39 -5.60 36.25
N ALA D 91 23.82 -5.93 35.04
CA ALA D 91 24.68 -7.09 34.81
C ALA D 91 26.15 -6.80 35.05
N LEU D 92 26.57 -5.57 34.79
CA LEU D 92 27.96 -5.16 35.00
C LEU D 92 28.20 -4.54 36.39
N HIS D 93 27.12 -4.41 37.17
CA HIS D 93 27.16 -3.83 38.51
C HIS D 93 27.76 -2.41 38.53
N THR D 94 27.33 -1.58 37.59
CA THR D 94 27.78 -0.19 37.47
C THR D 94 26.61 0.77 37.71
N SER D 95 26.82 1.73 38.59
CA SER D 95 25.77 2.70 38.93
C SER D 95 25.61 3.75 37.83
N PHE D 96 24.36 4.01 37.45
CA PHE D 96 24.04 5.00 36.44
C PHE D 96 23.19 6.13 37.00
N VAL D 97 23.66 7.37 36.84
CA VAL D 97 22.96 8.55 37.36
C VAL D 97 22.45 9.41 36.20
N THR D 98 21.15 9.74 36.25
CA THR D 98 20.50 10.43 35.13
C THR D 98 19.34 11.35 35.56
N PRO D 99 19.21 12.53 34.93
CA PRO D 99 18.08 13.42 35.14
C PRO D 99 16.91 13.14 34.17
N SER D 100 17.03 12.07 33.39
CA SER D 100 15.97 11.68 32.46
C SER D 100 14.82 10.96 33.16
N PHE D 101 13.77 10.65 32.40
CA PHE D 101 12.53 10.07 32.94
C PHE D 101 12.72 8.79 33.76
N PRO D 102 11.94 8.62 34.84
CA PRO D 102 12.04 7.46 35.72
C PRO D 102 11.54 6.18 35.07
N THR D 103 12.22 5.07 35.37
CA THR D 103 11.91 3.77 34.78
C THR D 103 10.55 3.23 35.24
N ASP D 104 9.94 2.41 34.40
CA ASP D 104 8.66 1.79 34.72
C ASP D 104 8.85 0.54 35.57
N ALA D 105 9.86 -0.25 35.24
CA ALA D 105 10.17 -1.47 35.98
C ALA D 105 11.12 -1.20 37.15
N ASP D 106 11.07 -2.07 38.16
CA ASP D 106 11.93 -1.95 39.34
C ASP D 106 13.33 -2.45 39.04
N VAL D 107 14.16 -1.56 38.50
CA VAL D 107 15.53 -1.91 38.09
C VAL D 107 16.57 -1.55 39.15
N GLN D 108 17.63 -2.33 39.21
CA GLN D 108 18.75 -2.07 40.12
C GLN D 108 19.88 -1.32 39.41
N PHE D 109 20.80 -0.79 40.22
CA PHE D 109 22.00 -0.06 39.74
C PHE D 109 21.71 1.19 38.90
N VAL D 110 20.47 1.66 38.96
CA VAL D 110 20.09 2.91 38.32
C VAL D 110 19.66 3.91 39.41
N ILE D 111 20.24 5.10 39.38
CA ILE D 111 19.86 6.17 40.30
C ILE D 111 19.21 7.30 39.49
N GLN D 112 17.89 7.37 39.58
CA GLN D 112 17.09 8.30 38.78
C GLN D 112 16.91 9.62 39.51
N MET D 113 17.57 10.67 39.02
CA MET D 113 17.53 11.99 39.65
C MET D 113 16.22 12.76 39.56
N ARG D 114 15.45 12.51 38.51
CA ARG D 114 14.17 13.18 38.30
C ARG D 114 13.12 12.56 39.23
N PRO D 115 12.45 13.41 40.05
CA PRO D 115 11.44 12.94 41.01
C PRO D 115 10.16 12.37 40.40
N ALA D 116 9.38 11.68 41.22
CA ALA D 116 8.14 11.06 40.78
C ALA D 116 7.03 12.09 40.55
N LEU D 117 6.56 12.15 39.31
CA LEU D 117 5.45 13.02 38.92
C LEU D 117 4.11 12.29 38.98
N LYS D 118 4.18 10.97 39.09
CA LYS D 118 3.00 10.09 39.10
C LYS D 118 1.95 10.53 40.12
N GLY D 119 2.40 10.90 41.32
CA GLY D 119 1.50 11.35 42.38
C GLY D 119 1.14 12.82 42.29
N ALA D 120 2.04 13.62 41.71
CA ALA D 120 1.89 15.07 41.62
C ALA D 120 0.63 15.51 40.87
N ILE D 121 0.35 14.84 39.76
CA ILE D 121 -0.85 15.12 38.96
C ILE D 121 -2.10 14.63 39.70
N LEU D 122 -2.06 13.38 40.17
CA LEU D 122 -3.20 12.72 40.80
C LEU D 122 -3.74 13.41 42.06
N SER D 123 -2.87 14.12 42.76
CA SER D 123 -3.27 14.89 43.95
C SER D 123 -4.08 16.13 43.54
N LEU D 124 -3.58 16.85 42.55
CA LEU D 124 -4.21 18.09 42.08
C LEU D 124 -5.55 17.87 41.39
N LEU D 125 -5.73 16.71 40.78
CA LEU D 125 -6.98 16.36 40.12
C LEU D 125 -8.16 16.36 41.09
N SER D 126 -7.90 15.92 42.32
CA SER D 126 -8.94 15.87 43.36
C SER D 126 -9.11 17.21 44.07
N TYR D 127 -8.07 18.05 44.02
CA TYR D 127 -8.12 19.39 44.59
C TYR D 127 -8.94 20.35 43.71
N TYR D 128 -8.73 20.24 42.39
CA TYR D 128 -9.44 21.07 41.42
C TYR D 128 -10.85 20.55 41.11
N LYS D 129 -11.15 19.35 41.60
CA LYS D 129 -12.44 18.67 41.39
C LYS D 129 -12.72 18.44 39.89
N TRP D 130 -11.75 17.85 39.21
CA TRP D 130 -11.84 17.58 37.77
C TRP D 130 -12.55 16.27 37.49
N GLU D 131 -13.36 16.26 36.42
CA GLU D 131 -14.13 15.08 36.04
C GLU D 131 -14.03 14.79 34.53
N LYS D 132 -14.35 15.80 33.72
CA LYS D 132 -14.30 15.66 32.28
C LYS D 132 -13.20 16.56 31.71
N PHE D 133 -12.12 15.94 31.24
CA PHE D 133 -10.97 16.66 30.72
C PHE D 133 -10.26 15.92 29.58
N VAL D 134 -9.34 16.62 28.91
CA VAL D 134 -8.57 16.07 27.79
C VAL D 134 -7.18 15.66 28.25
N TYR D 135 -6.71 14.51 27.77
CA TYR D 135 -5.38 14.02 28.06
C TYR D 135 -4.58 13.83 26.77
N LEU D 136 -3.35 14.33 26.77
CA LEU D 136 -2.47 14.26 25.61
C LEU D 136 -1.10 13.71 25.98
N TYR D 137 -0.85 12.44 25.64
CA TYR D 137 0.39 11.76 25.99
C TYR D 137 1.34 11.58 24.81
N ASP D 138 2.63 11.60 25.10
CA ASP D 138 3.66 11.32 24.11
C ASP D 138 4.37 9.99 24.41
N THR D 139 5.06 9.47 23.41
CA THR D 139 5.78 8.21 23.54
C THR D 139 7.16 8.38 24.21
N GLU D 140 7.64 9.62 24.24
CA GLU D 140 8.98 9.96 24.72
C GLU D 140 9.34 9.45 26.11
N ARG D 141 8.52 9.85 27.08
CA ARG D 141 8.76 9.62 28.51
C ARG D 141 8.16 8.34 29.10
N GLY D 142 7.42 7.58 28.28
CA GLY D 142 6.80 6.36 28.76
C GLY D 142 5.40 6.37 29.36
N PHE D 143 4.89 5.17 29.65
CA PHE D 143 3.55 5.02 30.22
C PHE D 143 3.15 5.32 31.73
N SER D 144 4.16 5.22 32.59
CA SER D 144 3.90 5.44 34.01
C SER D 144 2.78 6.39 34.44
N VAL D 145 2.74 7.58 33.85
CA VAL D 145 1.72 8.58 34.18
C VAL D 145 0.37 8.26 33.53
N LEU D 146 0.41 7.66 32.33
CA LEU D 146 -0.80 7.24 31.63
C LEU D 146 -1.42 6.01 32.32
N GLN D 147 -0.57 5.08 32.73
CA GLN D 147 -1.01 3.88 33.46
C GLN D 147 -1.72 4.23 34.77
N ALA D 148 -1.23 5.28 35.44
CA ALA D 148 -1.81 5.75 36.69
C ALA D 148 -3.13 6.49 36.45
N ILE D 149 -3.19 7.24 35.34
CA ILE D 149 -4.39 7.99 34.98
C ILE D 149 -5.56 7.07 34.64
N MET D 150 -5.30 6.07 33.79
CA MET D 150 -6.32 5.10 33.36
C MET D 150 -6.94 4.36 34.54
N GLU D 151 -6.09 3.92 35.47
CA GLU D 151 -6.53 3.17 36.64
C GLU D 151 -7.09 4.06 37.75
N ALA D 152 -6.95 5.37 37.58
CA ALA D 152 -7.53 6.34 38.51
C ALA D 152 -8.79 7.00 37.93
N ALA D 153 -8.94 6.92 36.62
CA ALA D 153 -10.12 7.45 35.94
C ALA D 153 -11.36 6.61 36.22
N VAL D 154 -11.13 5.40 36.74
CA VAL D 154 -12.20 4.46 37.07
C VAL D 154 -12.52 4.43 38.56
N GLN D 155 -11.52 4.78 39.37
CA GLN D 155 -11.66 4.84 40.83
C GLN D 155 -12.52 6.03 41.27
N ASN D 156 -12.54 7.05 40.41
CA ASN D 156 -13.42 8.20 40.52
C ASN D 156 -14.32 8.38 39.27
N ASN D 157 -14.22 7.47 38.32
CA ASN D 157 -15.04 7.48 37.10
C ASN D 157 -15.00 8.71 36.17
N TRP D 158 -13.82 9.28 35.96
CA TRP D 158 -13.64 10.44 35.08
C TRP D 158 -13.70 10.18 33.55
N GLN D 159 -14.10 11.19 32.78
CA GLN D 159 -14.06 11.13 31.32
C GLN D 159 -12.69 11.58 30.80
N VAL D 160 -11.89 10.60 30.41
CA VAL D 160 -10.54 10.86 29.91
C VAL D 160 -10.45 10.51 28.42
N THR D 161 -10.07 11.50 27.62
CA THR D 161 -9.84 11.29 26.19
C THR D 161 -8.34 11.39 25.87
N ALA D 162 -7.65 10.26 25.98
CA ALA D 162 -6.21 10.18 25.77
C ALA D 162 -5.86 10.12 24.29
N ARG D 163 -5.09 11.10 23.83
CA ARG D 163 -4.64 11.15 22.44
C ARG D 163 -3.12 11.01 22.30
N SER D 164 -2.71 10.20 21.34
CA SER D 164 -1.30 10.03 21.00
C SER D 164 -0.82 11.25 20.21
N VAL D 165 -0.06 12.12 20.87
CA VAL D 165 0.45 13.33 20.24
C VAL D 165 1.95 13.26 19.92
N GLY D 166 2.58 12.14 20.28
CA GLY D 166 4.00 11.92 20.01
C GLY D 166 4.28 11.64 18.54
N ASN D 167 3.40 10.89 17.90
CA ASN D 167 3.53 10.54 16.49
C ASN D 167 3.24 11.70 15.54
N ILE D 168 2.45 12.67 16.02
CA ILE D 168 2.10 13.86 15.25
C ILE D 168 3.31 14.77 15.05
N LYS D 169 3.72 14.92 13.80
CA LYS D 169 4.84 15.77 13.43
C LYS D 169 4.39 16.97 12.60
N ASP D 170 3.46 16.74 11.68
CA ASP D 170 2.89 17.80 10.84
C ASP D 170 1.98 18.69 11.68
N VAL D 171 2.07 19.99 11.45
CA VAL D 171 1.41 20.99 12.30
C VAL D 171 -0.11 21.08 12.15
N GLN D 172 -0.62 20.67 11.00
CA GLN D 172 -2.06 20.76 10.70
C GLN D 172 -2.89 19.74 11.48
N GLU D 173 -2.29 18.59 11.79
CA GLU D 173 -2.96 17.53 12.55
C GLU D 173 -3.38 17.98 13.94
N PHE D 174 -2.59 18.88 14.53
CA PHE D 174 -2.92 19.47 15.83
C PHE D 174 -4.28 20.15 15.83
N ARG D 175 -4.53 20.95 14.79
CA ARG D 175 -5.79 21.69 14.65
C ARG D 175 -6.98 20.77 14.43
N ARG D 176 -6.74 19.67 13.71
CA ARG D 176 -7.78 18.67 13.43
C ARG D 176 -8.13 17.81 14.64
N ILE D 177 -7.55 18.13 15.80
CA ILE D 177 -7.82 17.42 17.05
C ILE D 177 -8.51 18.31 18.09
N ILE D 178 -8.07 19.56 18.19
CA ILE D 178 -8.67 20.53 19.14
C ILE D 178 -10.00 21.11 18.63
N GLU D 179 -10.25 20.98 17.34
CA GLU D 179 -11.54 21.37 16.75
C GLU D 179 -12.60 20.30 16.99
N GLU D 180 -12.15 19.08 17.25
CA GLU D 180 -13.03 17.94 17.50
C GLU D 180 -13.50 17.89 18.96
N MET D 181 -12.79 18.60 19.83
CA MET D 181 -13.09 18.65 21.27
C MET D 181 -14.17 19.67 21.62
N ASP D 182 -14.55 20.48 20.63
CA ASP D 182 -15.54 21.54 20.83
C ASP D 182 -16.97 21.01 20.96
N ARG D 183 -17.32 20.07 20.09
CA ARG D 183 -18.65 19.45 20.09
C ARG D 183 -18.87 18.55 21.31
N ARG D 184 -17.77 18.12 21.92
CA ARG D 184 -17.80 17.25 23.10
C ARG D 184 -17.64 18.07 24.39
N GLN D 185 -17.59 19.40 24.23
CA GLN D 185 -17.58 20.37 25.33
C GLN D 185 -16.48 20.20 26.38
N GLU D 186 -15.31 19.73 25.93
CA GLU D 186 -14.17 19.52 26.82
C GLU D 186 -13.30 20.76 26.87
N LYS D 187 -13.45 21.53 27.94
CA LYS D 187 -12.75 22.80 28.11
C LYS D 187 -11.46 22.67 28.92
N ARG D 188 -11.32 21.57 29.64
CA ARG D 188 -10.21 21.36 30.56
C ARG D 188 -9.15 20.44 29.95
N TYR D 189 -7.89 20.87 29.99
CA TYR D 189 -6.81 20.17 29.29
C TYR D 189 -5.67 19.73 30.21
N LEU D 190 -5.18 18.51 30.01
CA LEU D 190 -3.99 18.00 30.68
C LEU D 190 -3.00 17.48 29.64
N ILE D 191 -1.86 18.14 29.52
CA ILE D 191 -0.86 17.80 28.52
C ILE D 191 0.45 17.39 29.18
N ASP D 192 0.97 16.23 28.79
CA ASP D 192 2.30 15.80 29.22
C ASP D 192 3.18 15.44 28.01
N CYS D 193 4.01 16.39 27.59
CA CYS D 193 4.98 16.17 26.53
C CYS D 193 6.31 16.77 26.94
N GLU D 194 7.19 17.02 25.97
CA GLU D 194 8.43 17.73 26.24
C GLU D 194 8.37 19.17 25.72
N VAL D 195 9.19 20.02 26.31
CA VAL D 195 9.19 21.47 26.05
C VAL D 195 9.01 21.81 24.55
N GLU D 196 9.82 21.18 23.70
CA GLU D 196 9.74 21.39 22.25
C GLU D 196 8.35 21.09 21.68
N ARG D 197 7.73 20.03 22.18
CA ARG D 197 6.42 19.58 21.71
C ARG D 197 5.27 20.34 22.38
N ILE D 198 5.45 20.71 23.65
CA ILE D 198 4.43 21.47 24.39
C ILE D 198 4.25 22.87 23.81
N ASN D 199 5.36 23.52 23.46
CA ASN D 199 5.33 24.87 22.87
C ASN D 199 4.57 24.94 21.56
N THR D 200 4.40 23.79 20.90
CA THR D 200 3.66 23.70 19.64
C THR D 200 2.15 23.81 19.86
N ILE D 201 1.67 23.31 21.01
CA ILE D 201 0.25 23.35 21.36
C ILE D 201 -0.25 24.79 21.52
N LEU D 202 0.51 25.59 22.29
CA LEU D 202 0.12 26.96 22.60
C LEU D 202 0.31 27.92 21.43
N GLU D 203 0.85 27.40 20.33
CA GLU D 203 0.89 28.12 19.05
C GLU D 203 -0.50 28.10 18.41
N GLN D 204 -1.13 26.92 18.43
CA GLN D 204 -2.45 26.72 17.83
C GLN D 204 -3.61 27.30 18.65
N VAL D 205 -3.31 27.66 19.90
CA VAL D 205 -4.29 28.30 20.79
C VAL D 205 -4.49 29.77 20.39
N VAL D 206 -3.45 30.38 19.81
CA VAL D 206 -3.48 31.80 19.45
C VAL D 206 -3.71 32.05 17.94
N ILE D 207 -3.07 31.25 17.09
CA ILE D 207 -3.19 31.40 15.63
C ILE D 207 -4.58 30.99 15.15
N LEU D 208 -5.14 29.96 15.77
CA LEU D 208 -6.55 29.62 15.57
C LEU D 208 -7.41 30.53 16.45
N GLY D 209 -7.06 30.63 17.72
CA GLY D 209 -7.76 31.53 18.62
C GLY D 209 -9.11 30.98 19.03
N LYS D 210 -9.81 31.73 19.86
CA LYS D 210 -11.16 31.38 20.26
C LYS D 210 -11.08 30.25 21.26
N HIS D 211 -9.86 29.85 21.62
CA HIS D 211 -9.71 28.83 22.63
C HIS D 211 -8.70 29.08 23.76
N SER D 212 -8.96 30.12 24.54
CA SER D 212 -8.19 30.43 25.73
C SER D 212 -9.02 30.78 26.97
N ARG D 213 -10.01 31.62 26.74
CA ARG D 213 -10.93 32.06 27.78
C ARG D 213 -11.80 30.89 28.17
N GLY D 214 -12.13 30.79 29.45
CA GLY D 214 -13.03 29.76 29.95
C GLY D 214 -12.38 28.38 29.95
N TYR D 215 -11.16 28.30 29.44
CA TYR D 215 -10.41 27.06 29.35
C TYR D 215 -9.40 26.96 30.48
N HIS D 216 -9.09 25.73 30.89
CA HIS D 216 -8.08 25.48 31.91
C HIS D 216 -7.04 24.49 31.39
N TYR D 217 -5.78 24.88 31.46
CA TYR D 217 -4.68 24.03 31.02
C TYR D 217 -3.83 23.58 32.20
N MET D 218 -3.38 22.34 32.14
CA MET D 218 -2.43 21.81 33.11
C MET D 218 -1.28 21.16 32.37
N LEU D 219 -0.06 21.61 32.65
CA LEU D 219 1.12 21.08 32.01
C LEU D 219 1.88 20.17 32.98
N ALA D 220 2.02 18.91 32.59
CA ALA D 220 2.66 17.90 33.43
C ALA D 220 4.12 17.68 33.04
N ASN D 221 4.91 18.76 33.09
CA ASN D 221 6.36 18.68 32.92
C ASN D 221 7.08 19.67 33.82
N LEU D 222 8.24 19.24 34.32
CA LEU D 222 8.98 20.01 35.32
C LEU D 222 9.68 21.25 34.76
N GLY D 223 9.86 21.29 33.44
CA GLY D 223 10.47 22.45 32.76
C GLY D 223 9.47 23.56 32.50
N PHE D 224 8.83 24.03 33.57
CA PHE D 224 7.77 25.03 33.51
C PHE D 224 8.25 26.38 32.97
N THR D 225 9.49 26.73 33.31
CA THR D 225 10.10 27.99 32.91
C THR D 225 10.34 28.09 31.40
N ASP D 226 10.78 26.97 30.80
CA ASP D 226 11.14 26.93 29.38
C ASP D 226 9.94 26.92 28.43
N ILE D 227 8.78 26.51 28.96
CA ILE D 227 7.55 26.53 28.18
C ILE D 227 7.04 27.96 28.06
N LEU D 228 6.67 28.36 26.84
CA LEU D 228 6.18 29.70 26.55
C LEU D 228 4.75 29.84 27.08
N LEU D 229 4.61 30.43 28.25
CA LEU D 229 3.38 30.70 28.94
C LEU D 229 2.37 31.92 28.55
N GLU D 230 3.06 33.07 28.59
CA GLU D 230 2.46 34.38 28.26
C GLU D 230 1.69 34.77 26.98
N ARG D 231 1.77 33.94 25.94
CA ARG D 231 0.98 34.13 24.72
C ARG D 231 -0.51 33.83 24.97
N VAL D 232 -0.76 32.88 25.87
CA VAL D 232 -2.12 32.48 26.25
C VAL D 232 -2.55 33.18 27.55
N MET D 233 -1.59 33.71 28.28
CA MET D 233 -1.82 34.44 29.53
C MET D 233 -2.58 35.76 29.31
N HIS D 234 -2.16 36.50 28.28
CA HIS D 234 -2.82 37.75 27.90
C HIS D 234 -4.11 37.51 27.13
N GLY D 235 -4.26 36.26 26.68
CA GLY D 235 -5.48 35.72 26.11
C GLY D 235 -6.56 35.62 27.16
N GLY D 236 -6.13 35.23 28.36
CA GLY D 236 -7.03 34.96 29.47
C GLY D 236 -7.32 33.48 29.58
N ALA D 237 -6.39 32.76 30.23
CA ALA D 237 -6.50 31.32 30.42
C ALA D 237 -5.81 30.88 31.71
N ASN D 238 -6.17 29.70 32.20
CA ASN D 238 -5.58 29.17 33.44
C ASN D 238 -4.52 28.10 33.17
N ILE D 239 -3.36 28.24 33.78
CA ILE D 239 -2.26 27.30 33.56
C ILE D 239 -1.73 26.79 34.91
N THR D 240 -1.62 25.46 35.03
CA THR D 240 -1.05 24.82 36.21
C THR D 240 0.20 24.03 35.82
N GLY D 241 1.31 24.34 36.48
CA GLY D 241 2.59 23.70 36.18
C GLY D 241 3.41 23.30 37.40
N PHE D 242 4.56 22.69 37.15
CA PHE D 242 5.39 22.13 38.21
C PHE D 242 6.87 22.53 38.07
N GLN D 243 7.49 22.84 39.20
CA GLN D 243 8.92 23.13 39.26
C GLN D 243 9.54 22.54 40.53
N ILE D 244 10.70 21.91 40.37
CA ILE D 244 11.44 21.39 41.53
C ILE D 244 12.32 22.48 42.11
N VAL D 245 12.87 23.32 41.23
CA VAL D 245 13.75 24.41 41.60
C VAL D 245 12.96 25.58 42.21
N ASN D 246 13.54 26.19 43.24
CA ASN D 246 12.92 27.33 43.92
C ASN D 246 13.90 28.49 44.09
N ASN D 247 13.52 29.66 43.57
CA ASN D 247 14.35 30.86 43.67
C ASN D 247 14.42 31.42 45.09
N GLU D 248 13.45 31.05 45.92
CA GLU D 248 13.41 31.45 47.32
C GLU D 248 14.42 30.66 48.16
N ASN D 249 15.00 29.61 47.58
CA ASN D 249 16.04 28.82 48.22
C ASN D 249 17.42 29.47 48.04
N PRO D 250 18.14 29.69 49.17
CA PRO D 250 19.44 30.37 49.16
C PRO D 250 20.52 29.63 48.36
N MET D 251 20.40 28.32 48.27
CA MET D 251 21.37 27.49 47.55
C MET D 251 21.25 27.66 46.03
N VAL D 252 20.04 27.96 45.56
CA VAL D 252 19.79 28.19 44.13
C VAL D 252 20.35 29.54 43.69
N GLN D 253 20.09 30.58 44.49
CA GLN D 253 20.60 31.93 44.21
C GLN D 253 22.13 32.00 44.20
N GLN D 254 22.76 31.14 45.01
CA GLN D 254 24.21 31.08 45.10
C GLN D 254 24.85 30.50 43.83
N PHE D 255 24.21 29.50 43.25
CA PHE D 255 24.71 28.85 42.04
C PHE D 255 24.50 29.68 40.78
N ILE D 256 23.32 30.29 40.66
CA ILE D 256 22.93 31.03 39.45
C ILE D 256 23.73 32.33 39.26
N GLN D 257 24.15 32.94 40.36
CA GLN D 257 24.95 34.16 40.31
C GLN D 257 26.36 33.90 39.79
N ARG D 258 26.91 32.73 40.12
CA ARG D 258 28.18 32.29 39.56
C ARG D 258 28.00 31.80 38.12
N TRP D 259 26.87 31.15 37.86
CA TRP D 259 26.56 30.53 36.56
C TRP D 259 26.70 31.47 35.35
N VAL D 260 26.36 32.73 35.55
CA VAL D 260 26.39 33.71 34.45
C VAL D 260 27.75 34.37 34.21
N ARG D 261 28.57 34.46 35.26
CA ARG D 261 29.83 35.22 35.19
C ARG D 261 31.13 34.67 34.59
N LEU D 262 31.10 33.45 34.08
CA LEU D 262 32.25 32.93 33.29
C LEU D 262 31.91 32.80 31.82
N ASP D 263 32.91 32.67 30.95
CA ASP D 263 32.71 32.78 29.50
C ASP D 263 31.86 31.81 28.68
N GLU D 264 31.60 32.19 27.43
CA GLU D 264 30.76 31.42 26.52
C GLU D 264 31.56 30.46 25.66
N ARG D 265 32.83 30.79 25.42
CA ARG D 265 33.72 29.98 24.57
C ARG D 265 33.88 28.55 25.07
N GLU D 266 33.95 28.39 26.39
CA GLU D 266 34.10 27.07 27.02
C GLU D 266 32.78 26.54 27.55
N PHE D 267 31.95 27.43 28.11
CA PHE D 267 30.68 27.04 28.73
C PHE D 267 29.49 27.64 27.96
N PRO D 268 28.90 26.86 27.04
CA PRO D 268 27.81 27.34 26.20
C PRO D 268 26.47 27.38 26.92
N GLU D 269 25.53 28.17 26.38
CA GLU D 269 24.16 28.30 26.90
C GLU D 269 24.08 28.68 28.38
N ALA D 270 24.99 29.56 28.80
CA ALA D 270 25.06 30.02 30.19
C ALA D 270 24.41 31.39 30.39
N LYS D 271 24.49 32.23 29.35
CA LYS D 271 23.94 33.59 29.42
C LYS D 271 22.90 33.91 28.35
N ASN D 272 22.76 33.02 27.36
CA ASN D 272 21.77 33.22 26.30
C ASN D 272 20.51 32.35 26.44
N ALA D 273 20.60 31.33 27.28
CA ALA D 273 19.45 30.48 27.59
C ALA D 273 19.29 30.35 29.10
N PRO D 274 18.05 30.55 29.61
CA PRO D 274 17.77 30.51 31.05
C PRO D 274 18.09 29.14 31.66
N LEU D 275 18.22 29.10 32.98
CA LEU D 275 18.58 27.87 33.69
C LEU D 275 17.45 26.84 33.59
N LYS D 276 17.71 25.78 32.83
CA LYS D 276 16.78 24.65 32.69
C LYS D 276 16.80 23.82 33.96
N TYR D 277 15.74 23.04 34.17
CA TYR D 277 15.67 22.13 35.32
C TYR D 277 16.60 20.93 35.21
N THR D 278 16.89 20.51 33.98
CA THR D 278 17.83 19.41 33.72
C THR D 278 19.26 19.81 34.09
N SER D 279 19.53 21.12 34.07
CA SER D 279 20.83 21.65 34.45
C SER D 279 20.99 21.68 35.98
N ALA D 280 19.92 22.01 36.68
CA ALA D 280 19.91 22.04 38.14
C ALA D 280 20.01 20.63 38.74
N LEU D 281 19.38 19.66 38.07
CA LEU D 281 19.49 18.26 38.47
C LEU D 281 20.91 17.74 38.24
N THR D 282 21.50 18.14 37.12
CA THR D 282 22.86 17.73 36.73
C THR D 282 23.89 18.13 37.79
N HIS D 283 23.77 19.36 38.29
CA HIS D 283 24.63 19.84 39.37
C HIS D 283 24.39 19.06 40.66
N ASP D 284 23.12 18.77 40.94
CA ASP D 284 22.75 17.99 42.12
C ASP D 284 23.17 16.52 41.98
N ALA D 285 23.25 16.07 40.73
CA ALA D 285 23.71 14.71 40.42
C ALA D 285 25.19 14.52 40.74
N ILE D 286 25.87 15.62 41.03
CA ILE D 286 27.26 15.59 41.48
C ILE D 286 27.30 15.65 43.00
N LEU D 287 26.35 16.36 43.60
CA LEU D 287 26.24 16.46 45.06
C LEU D 287 26.02 15.10 45.72
N VAL D 288 25.27 14.24 45.04
CA VAL D 288 25.08 12.86 45.49
C VAL D 288 26.37 12.04 45.28
N ILE D 289 27.06 12.30 44.17
CA ILE D 289 28.36 11.67 43.89
C ILE D 289 29.43 12.10 44.91
N ALA D 290 29.34 13.35 45.36
CA ALA D 290 30.28 13.92 46.32
C ALA D 290 30.22 13.22 47.68
N GLU D 291 29.03 13.24 48.30
CA GLU D 291 28.83 12.68 49.64
C GLU D 291 29.01 11.16 49.68
N ALA D 292 28.55 10.48 48.63
CA ALA D 292 28.64 9.02 48.56
C ALA D 292 30.08 8.52 48.52
N PHE D 293 30.92 9.23 47.77
CA PHE D 293 32.33 8.88 47.68
C PHE D 293 33.13 9.38 48.89
N ARG D 294 32.63 10.44 49.52
CA ARG D 294 33.17 10.88 50.81
C ARG D 294 32.84 9.86 51.90
N TYR D 295 31.68 9.22 51.75
CA TYR D 295 31.25 8.16 52.66
C TYR D 295 32.13 6.92 52.49
N LEU D 296 32.42 6.55 51.24
CA LEU D 296 33.24 5.38 50.95
C LEU D 296 34.67 5.50 51.49
N ARG D 297 35.22 6.71 51.41
CA ARG D 297 36.55 6.98 51.96
C ARG D 297 36.54 7.00 53.49
N ARG D 298 35.39 7.40 54.05
CA ARG D 298 35.20 7.50 55.50
C ARG D 298 35.05 6.11 56.14
N GLN D 299 34.17 5.29 55.57
CA GLN D 299 33.95 3.92 56.05
C GLN D 299 35.08 2.98 55.64
N ARG D 300 36.10 3.55 54.98
CA ARG D 300 37.34 2.83 54.65
C ARG D 300 37.13 1.68 53.66
N VAL D 301 36.10 1.81 52.81
CA VAL D 301 35.73 0.77 51.85
C VAL D 301 36.66 0.80 50.63
N ASP D 302 36.97 -0.39 50.12
CA ASP D 302 37.76 -0.54 48.89
C ASP D 302 36.94 -0.10 47.69
N VAL D 303 37.53 0.75 46.86
CA VAL D 303 36.89 1.21 45.63
C VAL D 303 37.07 0.21 44.48
N SER D 304 36.04 -0.61 44.28
CA SER D 304 36.04 -1.61 43.20
C SER D 304 34.68 -1.64 42.52
N GLY D 310 37.28 -3.80 32.56
CA GLY D 310 37.71 -4.78 31.55
C GLY D 310 36.97 -4.65 30.24
N ASP D 311 36.54 -5.78 29.69
CA ASP D 311 35.84 -5.83 28.41
C ASP D 311 34.38 -6.24 28.56
N CYS D 312 33.57 -5.88 27.57
CA CYS D 312 32.13 -6.18 27.59
C CYS D 312 31.84 -7.56 26.98
N LEU D 313 32.25 -8.60 27.68
CA LEU D 313 31.93 -9.99 27.31
C LEU D 313 31.29 -10.73 28.47
N ALA D 314 30.41 -11.68 28.15
CA ALA D 314 29.59 -12.37 29.16
C ALA D 314 30.21 -13.67 29.67
N ASN D 315 31.06 -14.27 28.85
CA ASN D 315 31.66 -15.56 29.15
C ASN D 315 32.45 -15.47 30.44
N PRO D 316 33.09 -14.33 30.63
CA PRO D 316 33.80 -14.07 31.89
C PRO D 316 33.30 -12.74 32.40
N ALA D 317 32.02 -12.76 32.81
CA ALA D 317 31.36 -11.58 33.35
C ALA D 317 31.97 -11.26 34.69
N VAL D 318 32.09 -9.98 35.00
CA VAL D 318 32.70 -9.57 36.25
C VAL D 318 31.88 -10.04 37.46
N PRO D 319 32.59 -10.58 38.43
CA PRO D 319 32.01 -10.97 39.73
C PRO D 319 31.14 -9.85 40.27
N TRP D 320 30.17 -10.20 41.11
CA TRP D 320 29.21 -9.22 41.63
C TRP D 320 29.79 -8.33 42.74
N SER D 321 30.96 -8.73 43.27
CA SER D 321 31.61 -8.06 44.40
C SER D 321 31.91 -6.57 44.18
N GLN D 322 32.28 -6.22 42.95
CA GLN D 322 32.59 -4.83 42.63
C GLN D 322 31.33 -4.06 42.24
N GLY D 323 31.35 -2.75 42.49
CA GLY D 323 30.28 -1.86 42.04
C GLY D 323 29.05 -1.78 42.93
N ILE D 324 28.76 -2.88 43.63
CA ILE D 324 27.60 -2.97 44.51
C ILE D 324 27.72 -2.03 45.73
N ASP D 325 28.92 -1.93 46.27
CA ASP D 325 29.20 -1.08 47.43
C ASP D 325 29.13 0.42 47.12
N ILE D 326 29.30 0.78 45.84
CA ILE D 326 29.12 2.16 45.39
C ILE D 326 27.62 2.46 45.23
N GLU D 327 26.88 1.50 44.66
CA GLU D 327 25.44 1.64 44.43
C GLU D 327 24.67 1.98 45.70
N ARG D 328 24.89 1.17 46.75
CA ARG D 328 24.17 1.33 48.01
C ARG D 328 24.58 2.59 48.78
N ALA D 329 25.79 3.08 48.51
CA ALA D 329 26.28 4.31 49.12
C ALA D 329 25.64 5.54 48.50
N LEU D 330 25.35 5.46 47.20
CA LEU D 330 24.74 6.54 46.45
C LEU D 330 23.29 6.76 46.84
N LYS D 331 22.55 5.66 47.00
CA LYS D 331 21.13 5.70 47.34
C LYS D 331 20.91 6.04 48.82
N MET D 332 21.99 6.04 49.59
CA MET D 332 21.96 6.28 51.03
C MET D 332 21.88 7.77 51.37
N VAL D 333 22.56 8.60 50.59
CA VAL D 333 22.81 10.00 50.92
C VAL D 333 21.58 10.84 51.28
N GLN D 334 21.79 11.80 52.17
CA GLN D 334 20.77 12.79 52.52
C GLN D 334 21.41 14.17 52.43
N VAL D 335 21.49 14.70 51.21
CA VAL D 335 22.06 16.03 50.98
C VAL D 335 21.04 17.04 50.47
N GLN D 336 21.06 18.20 51.12
CA GLN D 336 20.18 19.28 50.75
C GLN D 336 20.61 19.62 49.35
N GLY D 337 19.64 19.88 48.49
CA GLY D 337 19.92 20.07 47.08
C GLY D 337 19.25 21.22 46.37
N MET D 338 19.71 21.46 45.15
CA MET D 338 19.14 22.47 44.28
C MET D 338 17.68 22.08 44.12
N THR D 339 17.46 20.77 44.11
CA THR D 339 16.14 20.17 44.06
C THR D 339 15.74 19.94 45.52
N GLY D 340 16.46 20.62 46.39
CA GLY D 340 16.31 20.50 47.83
C GLY D 340 16.67 19.17 48.45
N ASN D 341 15.81 18.62 49.29
CA ASN D 341 16.17 17.37 49.96
C ASN D 341 16.38 16.28 48.93
N ILE D 342 17.41 15.47 49.14
CA ILE D 342 17.71 14.41 48.18
C ILE D 342 18.02 13.08 48.87
N GLN D 343 17.08 12.14 48.72
CA GLN D 343 17.22 10.77 49.21
C GLN D 343 16.72 9.81 48.14
N PHE D 344 17.14 8.55 48.21
CA PHE D 344 16.77 7.58 47.18
C PHE D 344 16.15 6.29 47.71
N ASP D 345 15.18 5.79 46.94
CA ASP D 345 14.50 4.52 47.19
C ASP D 345 15.41 3.37 46.75
N THR D 346 15.17 2.17 47.29
CA THR D 346 15.94 0.96 46.97
C THR D 346 16.10 0.70 45.46
N TYR D 347 15.12 1.17 44.70
CA TYR D 347 15.14 1.09 43.25
C TYR D 347 15.55 2.43 42.65
N GLY D 348 15.93 3.37 43.52
CA GLY D 348 16.38 4.68 43.11
C GLY D 348 15.36 5.79 42.90
N ARG D 349 14.09 5.52 43.16
CA ARG D 349 13.06 6.56 43.05
C ARG D 349 13.23 7.60 44.15
N ARG D 350 12.92 8.87 43.85
CA ARG D 350 13.07 9.92 44.86
C ARG D 350 12.02 9.79 45.96
N THR D 351 12.47 9.91 47.20
CA THR D 351 11.60 9.84 48.38
C THR D 351 11.92 10.98 49.35
N ASN D 352 10.95 11.30 50.21
CA ASN D 352 11.09 12.33 51.25
C ASN D 352 11.52 13.68 50.67
N TYR D 353 10.82 14.11 49.62
CA TYR D 353 11.21 15.29 48.84
C TYR D 353 10.10 16.34 48.74
N THR D 354 10.35 17.40 47.97
CA THR D 354 9.42 18.51 47.84
C THR D 354 9.26 18.93 46.38
N ILE D 355 8.01 19.02 45.92
CA ILE D 355 7.68 19.56 44.60
C ILE D 355 6.84 20.82 44.74
N ASP D 356 7.30 21.92 44.13
CA ASP D 356 6.55 23.17 44.10
C ASP D 356 5.62 23.23 42.90
N VAL D 357 4.43 23.78 43.11
CA VAL D 357 3.44 23.93 42.05
C VAL D 357 3.16 25.42 41.83
N TYR D 358 3.17 25.84 40.57
CA TYR D 358 2.88 27.22 40.22
C TYR D 358 1.50 27.38 39.57
N GLU D 359 0.79 28.41 39.99
CA GLU D 359 -0.50 28.77 39.41
C GLU D 359 -0.39 30.10 38.70
N MET D 360 -0.39 30.06 37.37
CA MET D 360 -0.37 31.27 36.55
C MET D 360 -1.79 31.63 36.13
N LYS D 361 -2.39 32.54 36.89
CA LYS D 361 -3.76 32.97 36.66
C LYS D 361 -3.83 34.43 36.18
N VAL D 362 -4.99 34.81 35.68
CA VAL D 362 -5.23 36.19 35.21
C VAL D 362 -5.33 37.17 36.40
N SER D 363 -5.75 36.66 37.56
CA SER D 363 -5.82 37.50 38.73
C SER D 363 -4.43 37.88 39.17
N GLY D 364 -3.56 36.88 39.18
CA GLY D 364 -2.17 37.04 39.56
C GLY D 364 -1.52 35.74 39.13
N SER D 365 -0.20 35.71 39.10
CA SER D 365 0.52 34.47 38.95
C SER D 365 1.28 34.35 40.25
N ARG D 366 1.22 33.20 40.91
CA ARG D 366 1.77 33.08 42.25
C ARG D 366 2.09 31.60 42.45
N LYS D 367 2.80 31.26 43.53
CA LYS D 367 3.14 29.87 43.79
C LYS D 367 2.06 29.22 44.67
N ALA D 368 1.44 28.16 44.14
CA ALA D 368 0.36 27.48 44.85
C ALA D 368 0.79 26.85 46.16
N GLY D 369 1.94 26.18 46.15
CA GLY D 369 2.47 25.58 47.37
C GLY D 369 3.25 24.29 47.21
N TYR D 370 3.78 23.79 48.31
CA TYR D 370 4.57 22.57 48.33
C TYR D 370 3.75 21.28 48.26
N TRP D 371 4.36 20.25 47.70
CA TRP D 371 3.77 18.92 47.65
C TRP D 371 4.79 17.87 48.06
N ASN D 372 4.44 17.07 49.06
CA ASN D 372 5.29 15.98 49.54
C ASN D 372 4.52 14.67 49.76
N GLU D 373 5.25 13.63 50.16
CA GLU D 373 4.68 12.31 50.41
C GLU D 373 3.72 12.16 51.60
N TYR D 374 4.07 12.76 52.76
CA TYR D 374 3.24 12.58 53.95
C TYR D 374 2.25 13.70 54.23
N GLU D 375 2.73 14.94 54.23
CA GLU D 375 1.89 16.09 54.51
C GLU D 375 0.85 16.18 53.40
N ARG D 376 1.32 15.88 52.20
CA ARG D 376 0.53 15.96 50.98
C ARG D 376 0.56 17.40 50.49
N PHE D 377 -0.37 17.75 49.62
CA PHE D 377 -0.44 19.12 49.13
C PHE D 377 -0.92 20.07 50.22
N VAL D 378 -0.29 21.24 50.29
CA VAL D 378 -0.70 22.29 51.23
C VAL D 378 -0.55 23.65 50.52
N PRO D 379 -1.67 24.36 50.31
CA PRO D 379 -1.66 25.65 49.64
C PRO D 379 -1.62 26.81 50.64
#